data_5U24
#
_entry.id   5U24
#
_cell.length_a   109.057
_cell.length_b   56.795
_cell.length_c   124.306
_cell.angle_alpha   90.00
_cell.angle_beta   90.02
_cell.angle_gamma   90.00
#
_symmetry.space_group_name_H-M   'P 1 21 1'
#
loop_
_entity.id
_entity.type
_entity.pdbx_description
1 polymer 'Putative aminotransferase'
2 non-polymer 'SODIUM ION'
3 non-polymer '(2R,3R,4S,5R,6R)-3,5-dihydroxy-4-[(E)-({3-hydroxy-2-methyl-5-[(phosphonooxy)methyl]pyridin-4-yl}methylidene)amino]-6-methyltetrahydro-2H-pyran-2-yl [(2R,3S,5R)-3-hydroxy-5-(5-methyl-2,4-dioxo-3,4-dihydropyrimidin-1(2H)-yl)tetrahydrofuran-2-yl]methyl dihydrogen diphosphate (non-preferred name)'
4 non-polymer 1,2-ETHANEDIOL
5 non-polymer 'CHLORIDE ION'
6 water water
#
_entity_poly.entity_id   1
_entity_poly.type   'polypeptide(L)'
_entity_poly.pdbx_seq_one_letter_code
;MGSSHHHHHHSSRNLYFQGGGHMFFLNLKQINDRFNTEFITKFKEILESGWYILGKQCEKFENNFAKYCGVKHCIGVANG
LDALRLIIKAYDFKENDEIIVPANTYIASILAITDNKCKPILIEPDINTYNINPDLIEEKITKKTKAIMVVHLYGQVCDM
EKIQLLANKYNLKIIEDCAQAHGAIYKDKRVGNLGDAAGFSFYPGANLGALGDAGCICTNDDNFASKIRALANYGSHKKY
ENLYTGLNSRLDEIQAAFLDIKLKYLDEDNNKRKNIANFYLQNIKNENIILPSNKFDHVWHLFVVKTKLRDELQHYLNNH
DIQTIIHYPIPPHKQKCYKDLNHLKLPITENIHQEVLSLPISPTMKENDFKKVADILNKWKV
;
_entity_poly.pdbx_strand_id   A,B,C,D
#
# COMPACT_ATOMS: atom_id res chain seq x y z
N HIS A 22 38.26 19.70 -19.83
CA HIS A 22 37.86 21.11 -19.59
C HIS A 22 38.44 21.59 -18.26
N MET A 23 38.86 22.85 -18.20
CA MET A 23 39.29 23.43 -16.93
C MET A 23 38.05 23.89 -16.19
N PHE A 24 37.84 23.38 -14.98
CA PHE A 24 36.65 23.76 -14.19
C PHE A 24 36.75 25.16 -13.63
N PHE A 25 35.60 25.79 -13.47
CA PHE A 25 35.55 27.13 -12.86
C PHE A 25 36.02 27.07 -11.41
N LEU A 26 35.59 26.01 -10.75
CA LEU A 26 35.89 25.77 -9.34
C LEU A 26 35.91 24.29 -9.02
N ASN A 27 37.10 23.72 -8.89
CA ASN A 27 37.19 22.26 -8.78
C ASN A 27 37.19 21.86 -7.32
N LEU A 28 36.00 21.69 -6.75
CA LEU A 28 35.91 21.42 -5.29
C LEU A 28 36.53 20.10 -4.89
N LYS A 29 36.51 19.10 -5.76
CA LYS A 29 37.23 17.88 -5.46
C LYS A 29 38.73 18.12 -5.28
N GLN A 30 39.34 18.92 -6.15
CA GLN A 30 40.75 19.28 -5.97
C GLN A 30 41.02 20.04 -4.66
N ILE A 31 40.10 20.93 -4.28
CA ILE A 31 40.22 21.74 -3.09
C ILE A 31 40.10 20.85 -1.85
N ASN A 32 39.10 19.94 -1.84
CA ASN A 32 38.84 19.09 -0.68
C ASN A 32 39.68 17.83 -0.53
N ASP A 33 40.27 17.39 -1.62
CA ASP A 33 41.06 16.17 -1.61
C ASP A 33 42.21 16.23 -0.62
N ARG A 34 42.78 17.42 -0.45
CA ARG A 34 43.77 17.70 0.55
C ARG A 34 43.40 17.21 1.96
N PHE A 35 42.11 17.11 2.25
CA PHE A 35 41.63 16.86 3.63
C PHE A 35 40.92 15.54 3.86
N ASN A 36 40.81 14.73 2.80
CA ASN A 36 39.99 13.53 2.85
C ASN A 36 40.28 12.66 4.04
N THR A 37 41.57 12.42 4.32
CA THR A 37 41.90 11.56 5.47
C THR A 37 41.34 12.07 6.78
N GLU A 38 41.48 13.38 7.04
CA GLU A 38 40.94 13.95 8.26
CA GLU A 38 40.93 14.01 8.24
C GLU A 38 39.41 14.03 8.18
N PHE A 39 38.84 14.25 6.99
CA PHE A 39 37.38 14.25 6.91
C PHE A 39 36.82 12.89 7.37
N ILE A 40 37.46 11.81 6.93
CA ILE A 40 36.97 10.48 7.24
C ILE A 40 37.21 10.15 8.72
N THR A 41 38.35 10.54 9.28
CA THR A 41 38.59 10.39 10.72
C THR A 41 37.57 11.04 11.60
N LYS A 42 37.23 12.27 11.24
CA LYS A 42 36.30 13.10 12.03
C LYS A 42 34.89 12.54 11.90
N PHE A 43 34.53 12.14 10.68
CA PHE A 43 33.25 11.49 10.44
C PHE A 43 33.11 10.26 11.33
N LYS A 44 34.18 9.47 11.42
CA LYS A 44 34.18 8.28 12.28
C LYS A 44 34.12 8.60 13.76
N GLU A 45 34.71 9.72 14.15
CA GLU A 45 34.67 10.24 15.52
C GLU A 45 33.22 10.62 15.88
N ILE A 46 32.56 11.30 14.94
CA ILE A 46 31.16 11.66 15.12
C ILE A 46 30.23 10.45 15.24
N LEU A 47 30.43 9.44 14.38
CA LEU A 47 29.71 8.19 14.51
C LEU A 47 29.92 7.55 15.88
N GLU A 48 31.15 7.51 16.37
CA GLU A 48 31.41 6.99 17.70
C GLU A 48 30.68 7.79 18.78
N SER A 49 30.47 9.09 18.56
CA SER A 49 29.88 9.94 19.59
C SER A 49 28.36 9.79 19.71
N GLY A 50 27.73 9.41 18.60
CA GLY A 50 26.30 9.22 18.51
C GLY A 50 25.55 10.53 18.58
N TRP A 51 26.29 11.62 18.46
CA TRP A 51 25.71 12.96 18.52
C TRP A 51 25.91 13.75 17.24
N TYR A 52 24.83 14.16 16.60
CA TYR A 52 24.93 14.74 15.26
C TYR A 52 24.48 16.18 15.17
N ILE A 53 23.92 16.73 16.25
CA ILE A 53 23.34 18.07 16.25
C ILE A 53 23.73 18.76 17.55
N LEU A 54 24.24 19.99 17.44
CA LEU A 54 24.42 20.87 18.61
C LEU A 54 25.31 20.14 19.61
N GLY A 55 26.49 19.75 19.13
CA GLY A 55 27.41 18.95 19.92
C GLY A 55 28.77 19.60 20.03
N LYS A 56 29.75 18.79 20.37
CA LYS A 56 31.12 19.26 20.57
C LYS A 56 31.79 19.82 19.32
N GLN A 57 31.49 19.25 18.16
CA GLN A 57 32.11 19.78 16.92
C GLN A 57 31.61 21.19 16.58
N CYS A 58 30.31 21.40 16.71
CA CYS A 58 29.74 22.74 16.51
CA CYS A 58 29.74 22.75 16.52
C CYS A 58 30.37 23.76 17.47
N GLU A 59 30.46 23.41 18.75
CA GLU A 59 31.04 24.29 19.77
C GLU A 59 32.49 24.63 19.42
N LYS A 60 33.24 23.62 18.99
CA LYS A 60 34.67 23.76 18.72
C LYS A 60 34.85 24.67 17.54
N PHE A 61 34.12 24.37 16.46
CA PHE A 61 34.20 25.24 15.27
C PHE A 61 33.75 26.68 15.59
N GLU A 62 32.65 26.84 16.30
CA GLU A 62 32.20 28.19 16.66
C GLU A 62 33.30 28.96 17.39
N ASN A 63 33.90 28.27 18.34
CA ASN A 63 34.88 28.96 19.16
C ASN A 63 36.10 29.33 18.33
N ASN A 64 36.48 28.44 17.41
CA ASN A 64 37.61 28.73 16.52
C ASN A 64 37.32 29.79 15.48
N PHE A 65 36.12 29.76 14.90
CA PHE A 65 35.76 30.80 13.94
C PHE A 65 35.58 32.17 14.59
N ALA A 66 34.99 32.20 15.79
CA ALA A 66 34.94 33.45 16.56
C ALA A 66 36.36 34.03 16.82
N LYS A 67 37.30 33.19 17.23
CA LYS A 67 38.71 33.59 17.39
C LYS A 67 39.30 34.15 16.09
N TYR A 68 39.14 33.39 15.02
CA TYR A 68 39.55 33.82 13.69
C TYR A 68 39.03 35.19 13.27
N CYS A 69 37.74 35.45 13.46
CA CYS A 69 37.20 36.76 13.12
C CYS A 69 37.40 37.87 14.17
N GLY A 70 37.92 37.50 15.34
CA GLY A 70 38.11 38.48 16.42
C GLY A 70 36.86 38.88 17.18
N VAL A 71 35.81 38.05 17.11
CA VAL A 71 34.54 38.34 17.75
C VAL A 71 34.35 37.44 18.97
N LYS A 72 33.42 37.82 19.84
CA LYS A 72 33.21 37.04 21.05
C LYS A 72 32.38 35.78 20.81
N HIS A 73 31.41 35.88 19.90
CA HIS A 73 30.36 34.87 19.73
C HIS A 73 30.23 34.48 18.25
N CYS A 74 30.23 33.19 17.95
CA CYS A 74 29.83 32.64 16.66
C CYS A 74 28.73 31.59 16.86
N ILE A 75 27.63 31.79 16.13
CA ILE A 75 26.51 30.87 16.18
C ILE A 75 26.47 30.13 14.83
N GLY A 76 26.71 28.83 14.82
CA GLY A 76 26.58 28.00 13.63
C GLY A 76 25.12 27.95 13.23
N VAL A 77 24.82 28.28 11.98
CA VAL A 77 23.47 28.09 11.42
C VAL A 77 23.44 27.35 10.06
N ALA A 78 22.30 27.27 9.39
CA ALA A 78 22.14 26.27 8.34
C ALA A 78 22.70 26.72 7.01
N ASN A 79 22.74 28.03 6.79
CA ASN A 79 23.27 28.65 5.57
C ASN A 79 23.38 30.17 5.67
N GLY A 80 23.98 30.80 4.67
CA GLY A 80 24.24 32.24 4.66
C GLY A 80 22.98 33.09 4.56
N LEU A 81 21.99 32.61 3.81
CA LEU A 81 20.74 33.37 3.75
C LEU A 81 20.04 33.31 5.11
N ASP A 82 19.99 32.12 5.67
CA ASP A 82 19.46 31.98 7.04
C ASP A 82 20.18 32.87 8.05
N ALA A 83 21.50 32.95 7.94
CA ALA A 83 22.28 33.87 8.78
C ALA A 83 21.80 35.32 8.72
N LEU A 84 21.65 35.85 7.52
CA LEU A 84 21.10 37.18 7.39
C LEU A 84 19.69 37.32 7.89
N ARG A 85 18.86 36.35 7.56
CA ARG A 85 17.42 36.38 7.83
C ARG A 85 17.28 36.44 9.35
N LEU A 86 18.06 35.62 10.06
CA LEU A 86 18.02 35.54 11.52
C LEU A 86 18.44 36.83 12.22
N ILE A 87 19.50 37.44 11.73
CA ILE A 87 20.02 38.69 12.28
C ILE A 87 18.93 39.77 12.21
N ILE A 88 18.33 39.90 11.03
CA ILE A 88 17.24 40.87 10.84
C ILE A 88 16.07 40.52 11.77
N LYS A 89 15.71 39.25 11.83
CA LYS A 89 14.58 38.77 12.61
C LYS A 89 14.73 39.16 14.08
N ALA A 90 15.94 38.93 14.59
CA ALA A 90 16.31 39.21 15.99
C ALA A 90 16.21 40.69 16.35
N TYR A 91 16.27 41.57 15.36
CA TYR A 91 16.13 42.99 15.66
C TYR A 91 14.70 43.50 15.80
N ASP A 92 13.72 42.67 15.46
CA ASP A 92 12.28 42.96 15.60
C ASP A 92 11.87 44.26 14.93
N PHE A 93 12.28 44.48 13.69
CA PHE A 93 11.93 45.71 12.99
C PHE A 93 10.44 45.64 12.63
N LYS A 94 9.84 46.79 12.34
CA LYS A 94 8.41 46.87 12.02
C LYS A 94 8.31 46.55 10.54
N GLU A 95 7.16 46.03 10.12
CA GLU A 95 6.87 45.86 8.71
C GLU A 95 7.11 47.17 7.95
N ASN A 96 7.71 47.07 6.78
CA ASN A 96 8.19 48.20 6.00
C ASN A 96 9.33 49.10 6.52
N ASP A 97 9.96 48.74 7.64
CA ASP A 97 11.21 49.42 8.00
C ASP A 97 12.24 49.27 6.88
N GLU A 98 13.14 50.24 6.77
CA GLU A 98 14.07 50.24 5.63
C GLU A 98 15.48 49.78 5.97
N ILE A 99 16.05 48.96 5.08
CA ILE A 99 17.44 48.50 5.18
C ILE A 99 18.17 48.87 3.91
N ILE A 100 19.14 49.76 4.07
CA ILE A 100 20.00 50.21 3.01
C ILE A 100 20.91 49.03 2.62
N VAL A 101 21.08 48.78 1.32
CA VAL A 101 21.84 47.62 0.87
C VAL A 101 22.38 47.95 -0.52
N PRO A 102 23.54 47.41 -0.90
CA PRO A 102 24.02 47.52 -2.29
C PRO A 102 23.06 46.93 -3.30
N ALA A 103 22.87 47.61 -4.42
CA ALA A 103 21.98 47.15 -5.46
C ALA A 103 22.58 46.03 -6.30
N ASN A 104 23.88 45.80 -6.19
CA ASN A 104 24.55 44.84 -7.07
C ASN A 104 25.01 43.54 -6.42
N THR A 105 24.65 43.41 -5.16
CA THR A 105 24.93 42.17 -4.47
C THR A 105 24.12 40.98 -5.05
N TYR A 106 24.50 39.79 -4.62
CA TYR A 106 23.70 38.60 -4.90
C TYR A 106 22.34 38.73 -4.26
N ILE A 107 21.35 38.17 -4.96
CA ILE A 107 19.96 38.28 -4.60
C ILE A 107 19.68 37.83 -3.16
N ALA A 108 20.36 36.83 -2.64
CA ALA A 108 20.08 36.40 -1.28
C ALA A 108 20.25 37.50 -0.22
N SER A 109 21.12 38.48 -0.43
CA SER A 109 21.22 39.59 0.53
C SER A 109 19.86 40.30 0.68
N ILE A 110 19.22 40.48 -0.46
CA ILE A 110 17.90 41.11 -0.55
C ILE A 110 16.76 40.24 -0.02
N LEU A 111 16.84 38.95 -0.28
CA LEU A 111 15.82 38.03 0.15
C LEU A 111 15.71 37.99 1.66
N ALA A 112 16.83 38.22 2.31
CA ALA A 112 16.86 38.23 3.74
C ALA A 112 16.06 39.41 4.30
N ILE A 113 16.10 40.51 3.59
CA ILE A 113 15.46 41.76 3.98
C ILE A 113 13.95 41.60 3.80
N THR A 114 13.57 41.24 2.58
CA THR A 114 12.15 41.07 2.22
C THR A 114 11.47 39.93 2.99
N ASP A 115 12.21 38.88 3.35
CA ASP A 115 11.65 37.79 4.14
C ASP A 115 11.13 38.29 5.49
N ASN A 116 11.80 39.30 6.02
CA ASN A 116 11.43 39.97 7.28
C ASN A 116 10.43 41.11 7.10
N LYS A 117 9.84 41.19 5.91
CA LYS A 117 8.98 42.31 5.52
C LYS A 117 9.54 43.70 5.79
N CYS A 118 10.84 43.89 5.58
CA CYS A 118 11.49 45.18 5.55
C CYS A 118 11.70 45.50 4.09
N LYS A 119 11.91 46.77 3.83
CA LYS A 119 12.03 47.32 2.51
C LYS A 119 13.52 47.49 2.14
N PRO A 120 14.01 46.87 1.04
CA PRO A 120 15.40 47.10 0.64
C PRO A 120 15.56 48.42 -0.10
N ILE A 121 16.47 49.26 0.37
CA ILE A 121 16.71 50.54 -0.27
C ILE A 121 18.03 50.40 -0.98
N LEU A 122 17.99 50.40 -2.31
CA LEU A 122 19.12 49.88 -3.10
C LEU A 122 20.03 51.01 -3.52
N ILE A 123 21.32 50.85 -3.25
CA ILE A 123 22.31 51.90 -3.44
C ILE A 123 23.36 51.48 -4.46
N GLU A 124 23.78 52.41 -5.33
CA GLU A 124 24.71 52.04 -6.39
C GLU A 124 26.10 51.76 -5.85
N PRO A 125 26.83 50.86 -6.50
CA PRO A 125 28.19 50.61 -6.08
C PRO A 125 29.17 51.61 -6.68
N ASP A 126 30.37 51.65 -6.12
CA ASP A 126 31.48 52.36 -6.73
C ASP A 126 32.03 51.42 -7.78
N ILE A 127 32.14 51.91 -9.02
CA ILE A 127 32.75 51.12 -10.09
C ILE A 127 34.18 50.68 -9.78
N ASN A 128 34.89 51.37 -8.88
CA ASN A 128 36.28 50.98 -8.56
C ASN A 128 36.43 50.05 -7.38
N THR A 129 35.29 49.61 -6.84
CA THR A 129 35.31 48.61 -5.79
C THR A 129 34.30 47.47 -5.99
N TYR A 130 33.25 47.63 -6.79
CA TYR A 130 32.09 46.74 -6.82
C TYR A 130 31.33 46.64 -5.48
N ASN A 131 31.64 47.55 -4.56
CA ASN A 131 30.93 47.60 -3.29
C ASN A 131 30.12 48.91 -3.20
N ILE A 132 29.14 48.91 -2.29
CA ILE A 132 28.26 50.06 -2.02
C ILE A 132 29.07 51.34 -1.99
N ASN A 133 28.63 52.37 -2.71
CA ASN A 133 29.37 53.63 -2.67
C ASN A 133 28.92 54.37 -1.39
N PRO A 134 29.80 54.47 -0.39
CA PRO A 134 29.37 55.06 0.90
C PRO A 134 28.85 56.47 0.78
N ASP A 135 29.28 57.15 -0.27
CA ASP A 135 28.87 58.51 -0.53
C ASP A 135 27.45 58.68 -0.98
N LEU A 136 26.73 57.60 -1.25
CA LEU A 136 25.42 57.65 -1.85
C LEU A 136 24.35 57.18 -0.84
N ILE A 137 24.76 56.87 0.39
CA ILE A 137 23.90 56.27 1.40
C ILE A 137 23.01 57.31 2.09
N GLU A 138 23.64 58.39 2.54
CA GLU A 138 22.98 59.32 3.46
C GLU A 138 21.73 59.92 2.84
N GLU A 139 21.83 60.25 1.55
CA GLU A 139 20.72 60.81 0.80
C GLU A 139 19.46 59.94 0.82
N LYS A 140 19.63 58.65 1.12
CA LYS A 140 18.53 57.70 1.05
C LYS A 140 17.96 57.34 2.41
N ILE A 141 18.51 57.95 3.45
CA ILE A 141 18.11 57.63 4.83
C ILE A 141 16.85 58.43 5.12
N THR A 142 15.90 57.78 5.76
CA THR A 142 14.61 58.35 6.07
C THR A 142 14.32 57.99 7.52
N LYS A 143 13.18 58.44 8.01
CA LYS A 143 12.70 58.05 9.32
C LYS A 143 12.55 56.55 9.52
N LYS A 144 12.35 55.80 8.44
CA LYS A 144 12.12 54.35 8.55
C LYS A 144 13.40 53.53 8.45
N THR A 145 14.52 54.14 8.12
CA THR A 145 15.78 53.39 7.99
C THR A 145 16.16 52.89 9.36
N LYS A 146 16.48 51.59 9.45
CA LYS A 146 16.85 50.98 10.71
C LYS A 146 18.20 50.28 10.66
N ALA A 147 18.70 49.93 9.46
CA ALA A 147 19.97 49.22 9.39
C ALA A 147 20.62 49.54 8.03
N ILE A 148 21.91 49.29 7.96
CA ILE A 148 22.63 49.28 6.68
C ILE A 148 23.17 47.86 6.58
N MET A 149 22.89 47.15 5.49
CA MET A 149 23.56 45.88 5.19
C MET A 149 24.72 46.10 4.23
N VAL A 150 25.95 45.99 4.73
CA VAL A 150 27.12 46.06 3.86
C VAL A 150 27.43 44.66 3.29
N VAL A 151 27.85 44.61 2.03
CA VAL A 151 28.25 43.34 1.45
C VAL A 151 29.69 43.49 0.95
N HIS A 152 30.56 42.57 1.37
CA HIS A 152 31.96 42.62 1.00
C HIS A 152 32.06 41.77 -0.26
N LEU A 153 31.81 42.40 -1.40
CA LEU A 153 31.49 41.63 -2.62
C LEU A 153 32.75 41.15 -3.32
N TYR A 154 32.65 39.91 -3.79
CA TYR A 154 33.70 39.22 -4.56
C TYR A 154 34.93 38.88 -3.71
N GLY A 155 34.93 39.23 -2.43
CA GLY A 155 36.16 39.12 -1.64
C GLY A 155 36.76 40.39 -1.09
N GLN A 156 36.30 41.54 -1.52
CA GLN A 156 36.91 42.79 -1.08
C GLN A 156 36.12 43.40 0.05
N VAL A 157 36.80 43.69 1.15
CA VAL A 157 36.10 44.41 2.23
C VAL A 157 35.63 45.79 1.80
N CYS A 158 34.42 46.16 2.23
CA CYS A 158 33.90 47.49 1.97
CA CYS A 158 33.81 47.49 2.05
C CYS A 158 34.51 48.53 2.93
N ASP A 159 34.68 49.72 2.40
CA ASP A 159 35.26 50.86 3.12
C ASP A 159 34.25 51.28 4.18
N MET A 160 34.53 50.95 5.43
CA MET A 160 33.57 51.08 6.52
C MET A 160 33.55 52.45 7.17
N GLU A 161 34.52 53.30 6.85
CA GLU A 161 34.76 54.50 7.66
C GLU A 161 33.48 55.31 7.73
N LYS A 162 32.99 55.73 6.57
CA LYS A 162 31.79 56.57 6.52
C LYS A 162 30.50 55.82 6.86
N ILE A 163 30.46 54.52 6.63
CA ILE A 163 29.29 53.74 6.99
C ILE A 163 29.11 53.72 8.51
N GLN A 164 30.21 53.54 9.23
CA GLN A 164 30.13 53.53 10.70
C GLN A 164 29.70 54.89 11.27
N LEU A 165 30.21 55.94 10.67
CA LEU A 165 29.76 57.30 11.02
C LEU A 165 28.26 57.52 10.79
N LEU A 166 27.73 57.09 9.64
CA LEU A 166 26.29 57.20 9.40
C LEU A 166 25.43 56.36 10.34
N ALA A 167 25.88 55.14 10.61
CA ALA A 167 25.22 54.29 11.59
C ALA A 167 25.14 54.95 12.96
N ASN A 168 26.23 55.56 13.43
CA ASN A 168 26.19 56.20 14.75
C ASN A 168 25.28 57.44 14.73
N LYS A 169 25.35 58.20 13.65
CA LYS A 169 24.57 59.43 13.50
C LYS A 169 23.06 59.20 13.45
N TYR A 170 22.65 58.16 12.76
CA TYR A 170 21.25 57.86 12.54
C TYR A 170 20.66 56.70 13.36
N ASN A 171 21.45 56.17 14.27
CA ASN A 171 21.07 55.09 15.19
C ASN A 171 20.70 53.82 14.40
N LEU A 172 21.51 53.53 13.39
CA LEU A 172 21.33 52.36 12.54
C LEU A 172 22.18 51.18 12.99
N LYS A 173 21.63 49.99 12.81
CA LYS A 173 22.40 48.73 12.95
C LYS A 173 23.26 48.56 11.70
N ILE A 174 24.47 48.03 11.83
CA ILE A 174 25.25 47.62 10.66
C ILE A 174 25.24 46.09 10.63
N ILE A 175 24.86 45.53 9.48
CA ILE A 175 24.78 44.11 9.26
C ILE A 175 25.71 43.82 8.09
N GLU A 176 26.63 42.89 8.34
CA GLU A 176 27.63 42.51 7.38
C GLU A 176 27.19 41.21 6.68
N ASP A 177 27.19 41.24 5.34
CA ASP A 177 27.10 39.99 4.57
C ASP A 177 28.50 39.57 4.16
N CYS A 178 29.01 38.56 4.86
CA CYS A 178 30.39 38.11 4.67
C CYS A 178 30.58 36.86 3.83
N ALA A 179 29.52 36.43 3.16
CA ALA A 179 29.53 35.20 2.37
C ALA A 179 30.65 35.07 1.36
N GLN A 180 31.10 36.18 0.79
CA GLN A 180 32.16 36.16 -0.21
C GLN A 180 33.55 36.66 0.27
N ALA A 181 33.75 36.91 1.57
CA ALA A 181 34.96 37.65 1.97
C ALA A 181 35.60 37.09 3.26
N HIS A 182 35.42 35.80 3.48
CA HIS A 182 35.96 35.15 4.71
C HIS A 182 37.40 35.58 4.95
N GLY A 183 37.66 36.18 6.11
CA GLY A 183 39.04 36.53 6.47
C GLY A 183 39.58 37.88 6.07
N ALA A 184 38.88 38.60 5.19
CA ALA A 184 39.33 39.89 4.78
C ALA A 184 39.41 40.86 5.98
N ILE A 185 40.39 41.74 5.89
CA ILE A 185 40.75 42.64 6.99
C ILE A 185 40.52 44.10 6.62
N TYR A 186 40.09 44.90 7.61
CA TYR A 186 39.95 46.34 7.47
C TYR A 186 40.54 46.96 8.70
N LYS A 187 41.59 47.76 8.52
CA LYS A 187 42.33 48.37 9.63
C LYS A 187 42.77 47.27 10.59
N ASP A 188 42.32 47.30 11.85
CA ASP A 188 42.69 46.31 12.86
C ASP A 188 41.78 45.09 12.97
N LYS A 189 40.76 44.99 12.12
CA LYS A 189 39.69 44.01 12.30
C LYS A 189 39.43 43.13 11.08
N ARG A 190 38.74 42.03 11.33
CA ARG A 190 38.32 41.11 10.26
C ARG A 190 36.89 41.42 9.86
N VAL A 191 36.56 41.19 8.60
CA VAL A 191 35.14 41.08 8.24
C VAL A 191 34.51 40.09 9.20
N GLY A 192 33.33 40.47 9.68
CA GLY A 192 32.69 39.75 10.74
C GLY A 192 32.67 40.52 12.04
N ASN A 193 33.67 41.38 12.21
CA ASN A 193 33.79 42.28 13.35
C ASN A 193 33.69 43.80 13.06
N LEU A 194 32.99 44.17 12.00
CA LEU A 194 33.01 45.51 11.49
C LEU A 194 31.69 46.23 11.73
N GLY A 195 30.68 45.50 12.19
CA GLY A 195 29.35 46.08 12.40
C GLY A 195 28.80 45.55 13.71
N ASP A 196 27.49 45.47 13.81
CA ASP A 196 26.82 44.92 14.97
C ASP A 196 26.69 43.40 14.97
N ALA A 197 26.42 42.85 13.78
CA ALA A 197 26.36 41.40 13.57
C ALA A 197 26.67 41.11 12.11
N ALA A 198 27.19 39.91 11.89
CA ALA A 198 27.65 39.45 10.56
C ALA A 198 27.13 38.06 10.27
N GLY A 199 26.68 37.88 9.01
CA GLY A 199 26.26 36.59 8.49
C GLY A 199 27.33 36.07 7.54
N PHE A 200 27.67 34.80 7.73
CA PHE A 200 28.50 34.04 6.79
C PHE A 200 27.75 32.87 6.17
N SER A 201 28.01 32.67 4.86
CA SER A 201 27.81 31.41 4.16
C SER A 201 29.10 30.58 4.20
N PHE A 202 28.94 29.28 4.42
CA PHE A 202 29.98 28.28 4.16
C PHE A 202 29.49 27.32 3.06
N TYR A 203 28.73 27.83 2.09
CA TYR A 203 28.30 27.07 0.91
C TYR A 203 29.58 26.47 0.34
N PRO A 204 29.50 25.29 -0.33
CA PRO A 204 30.78 24.65 -0.64
C PRO A 204 31.77 25.42 -1.51
N GLY A 205 31.29 26.35 -2.36
CA GLY A 205 32.22 27.20 -3.09
C GLY A 205 32.75 28.44 -2.39
N ALA A 206 32.42 28.62 -1.11
CA ALA A 206 32.90 29.81 -0.38
C ALA A 206 34.40 29.66 -0.13
N ASN A 207 35.09 30.75 0.18
CA ASN A 207 36.51 30.64 0.53
C ASN A 207 36.78 29.67 1.69
N LEU A 208 35.83 29.54 2.60
CA LEU A 208 35.80 28.44 3.53
C LEU A 208 34.53 27.68 3.25
N GLY A 209 34.65 26.58 2.50
CA GLY A 209 33.47 25.84 2.14
C GLY A 209 33.21 24.54 2.89
N ALA A 210 31.93 24.29 3.19
CA ALA A 210 31.52 23.01 3.77
C ALA A 210 31.32 21.92 2.73
N LEU A 211 30.88 20.73 3.13
CA LEU A 211 30.47 19.66 2.21
C LEU A 211 28.95 19.46 2.23
N GLY A 212 28.26 20.58 2.05
CA GLY A 212 26.80 20.68 2.32
C GLY A 212 26.51 22.14 2.62
N ASP A 213 25.25 22.50 2.87
CA ASP A 213 24.91 23.84 3.28
C ASP A 213 25.32 24.09 4.73
N ALA A 214 25.76 25.33 4.95
CA ALA A 214 26.28 25.72 6.26
C ALA A 214 26.42 27.22 6.34
N GLY A 215 26.28 27.76 7.55
CA GLY A 215 26.53 29.17 7.76
C GLY A 215 26.80 29.53 9.20
N CYS A 216 27.05 30.81 9.46
CA CYS A 216 27.16 31.29 10.83
C CYS A 216 26.86 32.77 11.00
N ILE A 217 26.63 33.15 12.26
CA ILE A 217 26.40 34.52 12.66
C ILE A 217 27.48 34.83 13.68
N CYS A 218 28.09 36.01 13.53
CA CYS A 218 29.09 36.51 14.45
C CYS A 218 28.60 37.83 15.02
N THR A 219 28.85 37.97 16.32
CA THR A 219 28.63 39.24 17.02
C THR A 219 29.43 39.26 18.36
N ASN A 220 29.67 40.45 18.91
CA ASN A 220 30.17 40.61 20.27
C ASN A 220 29.08 40.78 21.33
N ASP A 221 27.82 40.94 20.94
CA ASP A 221 26.79 41.24 21.95
C ASP A 221 26.27 39.97 22.63
N ASP A 222 26.44 39.87 23.94
CA ASP A 222 26.10 38.64 24.64
C ASP A 222 24.61 38.37 24.43
N ASN A 223 23.78 39.41 24.56
CA ASN A 223 22.33 39.17 24.63
C ASN A 223 21.79 38.82 23.23
N PHE A 224 22.31 39.52 22.23
CA PHE A 224 21.98 39.25 20.85
C PHE A 224 22.40 37.84 20.44
N ALA A 225 23.61 37.44 20.82
CA ALA A 225 24.07 36.06 20.61
C ALA A 225 23.13 34.99 21.22
N SER A 226 22.68 35.20 22.45
CA SER A 226 21.82 34.25 23.10
C SER A 226 20.44 34.20 22.44
N LYS A 227 19.94 35.36 22.01
CA LYS A 227 18.64 35.46 21.29
C LYS A 227 18.75 34.62 20.02
N ILE A 228 19.81 34.91 19.24
CA ILE A 228 20.11 34.24 17.97
C ILE A 228 20.15 32.72 18.08
N ARG A 229 20.86 32.22 19.09
CA ARG A 229 20.87 30.80 19.37
C ARG A 229 19.46 30.27 19.56
N ALA A 230 18.65 30.97 20.35
CA ALA A 230 17.32 30.45 20.62
C ALA A 230 16.51 30.51 19.33
N LEU A 231 16.62 31.63 18.65
CA LEU A 231 15.90 31.85 17.40
C LEU A 231 16.20 30.82 16.33
N ALA A 232 17.41 30.27 16.32
CA ALA A 232 17.78 29.30 15.27
C ALA A 232 17.46 27.88 15.71
N ASN A 233 16.94 27.76 16.93
CA ASN A 233 16.53 26.50 17.53
C ASN A 233 15.05 26.54 17.91
N TYR A 234 14.21 26.89 16.95
CA TYR A 234 12.74 26.91 17.06
C TYR A 234 12.26 28.06 17.96
N GLY A 235 13.17 28.92 18.43
CA GLY A 235 12.87 29.90 19.49
C GLY A 235 13.06 29.40 20.92
N SER A 236 13.61 28.20 21.06
CA SER A 236 13.88 27.59 22.35
C SER A 236 15.28 27.84 22.91
N HIS A 237 15.34 28.54 24.03
CA HIS A 237 16.56 28.71 24.80
C HIS A 237 16.77 27.53 25.73
N LYS A 238 15.67 26.98 26.25
CA LYS A 238 15.71 25.89 27.23
C LYS A 238 14.73 24.82 26.72
N LYS A 239 15.13 23.55 26.83
CA LYS A 239 14.30 22.41 26.43
C LYS A 239 12.88 22.55 26.95
N TYR A 240 11.95 22.31 26.04
CA TYR A 240 10.52 22.36 26.25
C TYR A 240 9.87 23.74 26.11
N GLU A 241 10.66 24.80 26.07
CA GLU A 241 10.13 26.15 26.23
C GLU A 241 10.48 26.93 24.98
N ASN A 242 9.54 27.76 24.52
CA ASN A 242 9.79 28.66 23.41
C ASN A 242 9.50 30.11 23.69
N LEU A 243 10.58 30.84 23.92
CA LEU A 243 10.53 32.28 24.19
C LEU A 243 10.18 33.07 22.96
N TYR A 244 10.59 32.57 21.79
CA TYR A 244 10.30 33.24 20.52
C TYR A 244 9.73 32.24 19.52
N THR A 245 9.09 32.79 18.50
CA THR A 245 8.66 32.04 17.33
C THR A 245 9.83 31.98 16.36
N GLY A 246 10.62 30.93 16.50
CA GLY A 246 11.91 30.84 15.81
C GLY A 246 11.88 29.96 14.59
N LEU A 247 13.07 29.68 14.07
CA LEU A 247 13.32 28.77 12.94
C LEU A 247 14.19 27.61 13.39
N ASN A 248 14.37 26.65 12.48
CA ASN A 248 15.25 25.51 12.68
C ASN A 248 16.41 25.77 11.71
N SER A 249 17.50 26.35 12.22
CA SER A 249 18.64 26.66 11.36
C SER A 249 19.95 26.42 12.07
N ARG A 250 20.38 25.15 11.99
CA ARG A 250 21.50 24.62 12.73
C ARG A 250 22.61 24.12 11.82
N LEU A 251 23.84 24.19 12.32
CA LEU A 251 25.04 23.73 11.65
C LEU A 251 25.30 22.29 12.10
N ASP A 252 25.25 21.35 11.17
CA ASP A 252 25.39 19.94 11.48
C ASP A 252 26.79 19.67 12.08
N GLU A 253 26.88 18.80 13.09
CA GLU A 253 28.19 18.35 13.57
C GLU A 253 29.20 17.98 12.50
N ILE A 254 28.79 17.16 11.53
CA ILE A 254 29.66 16.78 10.41
C ILE A 254 30.19 18.01 9.68
N GLN A 255 29.32 18.96 9.32
CA GLN A 255 29.82 20.11 8.61
C GLN A 255 30.73 20.99 9.47
N ALA A 256 30.43 21.15 10.76
CA ALA A 256 31.28 21.92 11.68
C ALA A 256 32.68 21.32 11.73
N ALA A 257 32.76 20.01 11.74
CA ALA A 257 34.03 19.30 11.87
C ALA A 257 34.84 19.51 10.60
N PHE A 258 34.19 19.47 9.43
CA PHE A 258 34.92 19.66 8.16
C PHE A 258 35.40 21.09 8.01
N LEU A 259 34.57 22.04 8.42
CA LEU A 259 34.97 23.43 8.46
C LEU A 259 36.13 23.70 9.41
N ASP A 260 36.09 23.13 10.60
CA ASP A 260 37.19 23.33 11.54
C ASP A 260 38.52 22.81 11.02
N ILE A 261 38.50 21.66 10.35
CA ILE A 261 39.67 21.14 9.62
C ILE A 261 40.18 22.15 8.61
N LYS A 262 39.29 22.65 7.76
CA LYS A 262 39.75 23.58 6.74
C LYS A 262 40.11 25.01 7.21
N LEU A 263 39.49 25.44 8.32
CA LEU A 263 39.77 26.75 8.90
C LEU A 263 41.25 26.92 9.19
N LYS A 264 41.96 25.87 9.56
CA LYS A 264 43.37 26.03 9.86
C LYS A 264 44.19 26.50 8.68
N TYR A 265 43.64 26.36 7.47
CA TYR A 265 44.34 26.65 6.22
C TYR A 265 43.69 27.81 5.51
N LEU A 266 42.72 28.47 6.12
CA LEU A 266 42.00 29.52 5.42
C LEU A 266 42.83 30.72 4.98
N ASP A 267 43.62 31.33 5.89
CA ASP A 267 44.48 32.42 5.47
C ASP A 267 45.45 31.95 4.35
N GLU A 268 46.00 30.76 4.51
CA GLU A 268 46.86 30.18 3.45
C GLU A 268 46.14 30.08 2.09
N ASP A 269 44.96 29.49 2.13
CA ASP A 269 44.13 29.38 0.94
C ASP A 269 43.81 30.75 0.35
N ASN A 270 43.44 31.74 1.15
CA ASN A 270 43.22 33.12 0.63
C ASN A 270 44.49 33.73 0.00
N ASN A 271 45.65 33.44 0.61
CA ASN A 271 46.91 33.90 0.08
C ASN A 271 47.20 33.22 -1.28
N LYS A 272 46.76 31.99 -1.46
CA LYS A 272 46.93 31.29 -2.75
C LYS A 272 46.08 31.91 -3.84
N ARG A 273 44.88 32.34 -3.48
CA ARG A 273 44.04 33.17 -4.34
C ARG A 273 44.73 34.50 -4.68
N LYS A 274 45.27 35.19 -3.67
CA LYS A 274 45.97 36.46 -3.88
C LYS A 274 47.07 36.32 -4.92
N ASN A 275 47.78 35.21 -4.84
CA ASN A 275 48.84 34.89 -5.80
C ASN A 275 48.32 34.76 -7.21
N ILE A 276 47.22 34.02 -7.37
CA ILE A 276 46.59 33.89 -8.69
C ILE A 276 46.06 35.22 -9.24
N ALA A 277 45.37 35.96 -8.38
CA ALA A 277 44.85 37.24 -8.81
C ALA A 277 46.01 38.13 -9.23
N ASN A 278 47.10 38.11 -8.50
CA ASN A 278 48.26 38.92 -8.90
C ASN A 278 48.79 38.49 -10.27
N PHE A 279 48.89 37.19 -10.49
CA PHE A 279 49.32 36.70 -11.82
C PHE A 279 48.42 37.22 -12.93
N TYR A 280 47.11 37.06 -12.76
CA TYR A 280 46.16 37.70 -13.70
C TYR A 280 46.34 39.20 -13.88
N LEU A 281 46.46 39.94 -12.79
CA LEU A 281 46.61 41.38 -12.89
C LEU A 281 47.89 41.76 -13.61
N GLN A 282 48.94 40.96 -13.47
CA GLN A 282 50.27 41.33 -14.00
C GLN A 282 50.47 40.92 -15.47
N ASN A 283 49.58 40.08 -15.96
CA ASN A 283 49.79 39.37 -17.24
C ASN A 283 48.63 39.56 -18.23
N ILE A 284 47.40 39.76 -17.77
CA ILE A 284 46.32 40.03 -18.72
C ILE A 284 46.41 41.48 -19.22
N LYS A 285 46.64 41.62 -20.51
CA LYS A 285 46.76 42.89 -21.16
C LYS A 285 45.93 42.78 -22.43
N ASN A 286 44.69 43.27 -22.34
CA ASN A 286 43.73 43.23 -23.43
C ASN A 286 42.82 44.44 -23.29
N GLU A 287 42.76 45.29 -24.31
CA GLU A 287 42.01 46.55 -24.22
C GLU A 287 40.50 46.35 -24.04
N ASN A 288 40.01 45.18 -24.43
CA ASN A 288 38.59 44.86 -24.28
C ASN A 288 38.25 44.43 -22.86
N ILE A 289 39.23 44.27 -21.99
CA ILE A 289 38.99 43.72 -20.65
C ILE A 289 39.38 44.72 -19.56
N ILE A 290 38.43 45.04 -18.70
CA ILE A 290 38.72 45.83 -17.49
C ILE A 290 38.93 44.90 -16.28
N LEU A 291 40.14 44.93 -15.73
CA LEU A 291 40.51 44.07 -14.63
C LEU A 291 40.02 44.66 -13.32
N PRO A 292 39.81 43.80 -12.31
CA PRO A 292 39.50 44.24 -10.96
C PRO A 292 40.71 44.79 -10.20
N SER A 293 40.49 45.78 -9.35
CA SER A 293 41.51 46.37 -8.50
C SER A 293 41.22 45.92 -7.08
N ASN A 294 42.22 46.02 -6.22
CA ASN A 294 42.01 45.71 -4.80
C ASN A 294 42.51 46.88 -3.94
N LYS A 295 41.62 47.86 -3.85
CA LYS A 295 41.85 49.07 -3.04
C LYS A 295 42.08 48.70 -1.58
N PHE A 296 41.12 48.00 -0.99
CA PHE A 296 41.32 47.34 0.32
C PHE A 296 41.51 45.83 0.22
N ASP A 297 41.75 45.15 1.33
CA ASP A 297 42.03 43.75 1.33
C ASP A 297 40.99 42.97 0.54
N HIS A 298 41.50 42.08 -0.30
CA HIS A 298 40.69 41.31 -1.22
C HIS A 298 41.14 39.85 -1.06
N VAL A 299 40.19 38.99 -0.70
CA VAL A 299 40.45 37.58 -0.61
C VAL A 299 40.04 36.80 -1.86
N TRP A 300 39.54 37.51 -2.88
CA TRP A 300 39.43 36.98 -4.23
C TRP A 300 38.61 35.70 -4.24
N HIS A 301 37.43 35.76 -3.62
CA HIS A 301 36.43 34.70 -3.80
C HIS A 301 36.09 34.55 -5.31
N LEU A 302 35.99 35.69 -5.97
CA LEU A 302 35.70 35.75 -7.40
C LEU A 302 36.66 36.75 -8.01
N PHE A 303 37.16 36.43 -9.21
CA PHE A 303 38.01 37.30 -9.98
C PHE A 303 37.16 37.76 -11.18
N VAL A 304 36.68 38.98 -11.09
CA VAL A 304 35.63 39.51 -11.93
C VAL A 304 36.23 40.51 -12.93
N VAL A 305 36.14 40.16 -14.20
CA VAL A 305 36.53 41.07 -15.28
C VAL A 305 35.28 41.70 -15.86
N LYS A 306 35.46 42.77 -16.63
CA LYS A 306 34.36 43.54 -17.17
C LYS A 306 34.63 43.92 -18.64
N THR A 307 33.65 43.63 -19.48
CA THR A 307 33.80 43.83 -20.93
C THR A 307 32.47 44.10 -21.61
N LYS A 308 32.47 44.92 -22.67
CA LYS A 308 31.26 45.12 -23.47
C LYS A 308 30.83 43.90 -24.25
N LEU A 309 31.76 43.00 -24.56
CA LEU A 309 31.39 41.75 -25.24
C LEU A 309 31.45 40.55 -24.28
N ARG A 310 30.69 40.60 -23.19
CA ARG A 310 30.75 39.57 -22.15
C ARG A 310 30.31 38.17 -22.62
N ASP A 311 29.18 38.09 -23.31
CA ASP A 311 28.69 36.79 -23.77
C ASP A 311 29.67 36.19 -24.79
N GLU A 312 30.14 37.03 -25.71
CA GLU A 312 31.19 36.66 -26.64
C GLU A 312 32.43 36.07 -25.92
N LEU A 313 32.86 36.75 -24.88
CA LEU A 313 34.02 36.28 -24.15
C LEU A 313 33.75 34.93 -23.48
N GLN A 314 32.58 34.74 -22.87
CA GLN A 314 32.29 33.48 -22.17
C GLN A 314 32.26 32.35 -23.20
N HIS A 315 31.70 32.62 -24.36
CA HIS A 315 31.64 31.62 -25.43
C HIS A 315 33.04 31.26 -25.91
N TYR A 316 33.86 32.28 -26.17
CA TYR A 316 35.26 32.13 -26.60
C TYR A 316 36.01 31.26 -25.59
N LEU A 317 35.86 31.57 -24.31
CA LEU A 317 36.60 30.83 -23.27
C LEU A 317 36.15 29.38 -23.18
N ASN A 318 34.85 29.19 -23.31
CA ASN A 318 34.32 27.83 -23.39
C ASN A 318 34.85 27.06 -24.60
N ASN A 319 35.01 27.72 -25.75
CA ASN A 319 35.63 27.05 -26.89
C ASN A 319 37.03 26.56 -26.59
N HIS A 320 37.72 27.26 -25.68
CA HIS A 320 39.07 26.94 -25.28
C HIS A 320 39.12 26.11 -24.00
N ASP A 321 38.01 25.46 -23.71
CA ASP A 321 37.87 24.51 -22.64
C ASP A 321 38.09 25.17 -21.27
N ILE A 322 37.68 26.42 -21.15
CA ILE A 322 37.71 27.13 -19.87
C ILE A 322 36.30 27.43 -19.42
N GLN A 323 35.87 26.80 -18.33
CA GLN A 323 34.60 27.05 -17.69
C GLN A 323 34.60 28.36 -16.89
N THR A 324 33.58 29.18 -17.15
CA THR A 324 33.32 30.39 -16.36
C THR A 324 31.85 30.53 -15.98
N ILE A 325 31.58 31.32 -14.95
CA ILE A 325 30.24 31.62 -14.44
C ILE A 325 30.13 33.14 -14.33
N ILE A 326 28.92 33.68 -14.46
CA ILE A 326 28.71 35.11 -14.29
C ILE A 326 28.21 35.39 -12.87
N HIS A 327 28.82 36.38 -12.27
CA HIS A 327 28.34 36.86 -10.98
C HIS A 327 28.16 38.36 -11.12
N TYR A 328 27.00 38.87 -11.52
CA TYR A 328 25.79 38.14 -11.89
C TYR A 328 25.21 38.84 -13.11
N PRO A 329 24.36 38.14 -13.89
CA PRO A 329 23.88 38.82 -15.10
C PRO A 329 22.51 39.47 -14.98
N ILE A 330 21.73 39.10 -13.96
CA ILE A 330 20.49 39.82 -13.69
C ILE A 330 20.52 40.37 -12.28
N PRO A 331 20.41 41.71 -12.16
CA PRO A 331 20.38 42.27 -10.81
C PRO A 331 19.07 42.11 -10.08
N PRO A 332 19.10 42.05 -8.73
CA PRO A 332 17.93 41.78 -7.93
C PRO A 332 16.71 42.56 -8.39
N HIS A 333 16.87 43.85 -8.64
CA HIS A 333 15.72 44.67 -9.01
C HIS A 333 15.08 44.32 -10.34
N LYS A 334 15.79 43.58 -11.20
CA LYS A 334 15.25 43.14 -12.48
C LYS A 334 14.70 41.71 -12.47
N GLN A 335 14.81 41.03 -11.35
CA GLN A 335 14.22 39.73 -11.23
C GLN A 335 12.69 39.73 -11.25
N LYS A 336 12.13 38.65 -11.79
CA LYS A 336 10.69 38.44 -11.83
C LYS A 336 10.10 38.42 -10.43
N CYS A 337 10.85 37.95 -9.44
CA CYS A 337 10.31 37.89 -8.08
C CYS A 337 10.09 39.24 -7.42
N TYR A 338 10.70 40.26 -8.00
CA TYR A 338 10.73 41.62 -7.45
C TYR A 338 10.20 42.53 -8.54
N LYS A 339 9.05 42.13 -9.09
CA LYS A 339 8.36 42.93 -10.11
C LYS A 339 8.24 44.40 -9.74
N ASP A 340 7.98 44.68 -8.46
CA ASP A 340 7.75 46.05 -8.01
C ASP A 340 9.01 46.92 -8.03
N LEU A 341 10.17 46.29 -8.26
CA LEU A 341 11.43 47.00 -8.32
C LEU A 341 11.91 47.20 -9.76
N ASN A 342 11.31 46.49 -10.70
CA ASN A 342 11.86 46.38 -12.07
C ASN A 342 12.04 47.74 -12.75
N HIS A 343 11.28 48.73 -12.28
CA HIS A 343 11.29 50.11 -12.76
C HIS A 343 12.46 50.96 -12.27
N LEU A 344 13.16 50.53 -11.23
CA LEU A 344 14.20 51.36 -10.66
C LEU A 344 15.38 51.54 -11.60
N LYS A 345 15.85 52.78 -11.67
CA LYS A 345 16.93 53.21 -12.54
C LYS A 345 18.27 53.13 -11.81
N LEU A 346 19.01 52.05 -12.05
CA LEU A 346 20.28 51.78 -11.39
C LEU A 346 21.33 51.43 -12.43
N PRO A 347 21.73 52.44 -13.22
CA PRO A 347 22.48 52.20 -14.43
C PRO A 347 23.87 51.64 -14.18
N ILE A 348 24.44 51.95 -13.03
CA ILE A 348 25.78 51.45 -12.72
C ILE A 348 25.67 49.96 -12.48
N THR A 349 24.80 49.53 -11.56
CA THR A 349 24.46 48.13 -11.33
C THR A 349 24.03 47.41 -12.60
N GLU A 350 23.13 48.03 -13.36
CA GLU A 350 22.70 47.45 -14.63
C GLU A 350 23.85 47.19 -15.59
N ASN A 351 24.71 48.17 -15.79
CA ASN A 351 25.86 48.04 -16.68
C ASN A 351 26.83 46.97 -16.19
N ILE A 352 27.04 46.90 -14.88
CA ILE A 352 27.96 45.88 -14.36
C ILE A 352 27.40 44.49 -14.71
N HIS A 353 26.10 44.27 -14.52
CA HIS A 353 25.45 42.96 -14.72
C HIS A 353 25.48 42.57 -16.20
N GLN A 354 25.54 43.58 -17.07
CA GLN A 354 25.74 43.36 -18.49
C GLN A 354 27.14 43.00 -18.93
N GLU A 355 28.12 43.26 -18.06
CA GLU A 355 29.51 43.29 -18.50
C GLU A 355 30.45 42.35 -17.77
N VAL A 356 30.00 41.77 -16.67
CA VAL A 356 30.95 41.00 -15.85
C VAL A 356 31.00 39.51 -16.19
N LEU A 357 32.15 38.92 -15.93
CA LEU A 357 32.41 37.49 -16.04
C LEU A 357 33.48 37.15 -15.00
N SER A 358 33.34 35.99 -14.36
CA SER A 358 34.31 35.52 -13.40
C SER A 358 35.28 34.48 -13.98
N LEU A 359 36.56 34.65 -13.67
CA LEU A 359 37.64 33.77 -14.14
C LEU A 359 37.95 32.70 -13.09
N PRO A 360 38.32 31.50 -13.52
CA PRO A 360 38.62 30.46 -12.54
C PRO A 360 39.72 30.90 -11.56
N ILE A 361 39.48 30.67 -10.29
CA ILE A 361 40.46 31.01 -9.28
C ILE A 361 40.11 30.07 -8.14
N SER A 362 41.14 29.51 -7.55
CA SER A 362 40.93 28.62 -6.42
C SER A 362 42.27 28.42 -5.72
N PRO A 363 42.23 28.10 -4.43
CA PRO A 363 43.54 27.98 -3.79
C PRO A 363 44.46 26.95 -4.43
N THR A 364 43.87 25.95 -5.09
CA THR A 364 44.62 24.76 -5.44
C THR A 364 44.88 24.78 -6.93
N MET A 365 44.36 25.80 -7.60
CA MET A 365 44.50 25.87 -9.06
C MET A 365 45.95 25.78 -9.50
N LYS A 366 46.21 24.89 -10.45
CA LYS A 366 47.57 24.72 -10.96
C LYS A 366 48.11 25.87 -11.82
N GLU A 367 49.41 26.12 -11.72
CA GLU A 367 50.05 27.17 -12.50
C GLU A 367 49.79 27.07 -13.98
N ASN A 368 49.81 25.87 -14.54
CA ASN A 368 49.60 25.79 -15.99
C ASN A 368 48.19 26.24 -16.40
N ASP A 369 47.24 26.06 -15.50
CA ASP A 369 45.85 26.48 -15.77
C ASP A 369 45.69 27.98 -15.72
N PHE A 370 46.25 28.62 -14.70
CA PHE A 370 46.18 30.06 -14.70
C PHE A 370 47.00 30.80 -15.73
N LYS A 371 48.16 30.24 -16.08
CA LYS A 371 48.90 30.63 -17.29
C LYS A 371 48.05 30.54 -18.56
N LYS A 372 47.36 29.42 -18.77
CA LYS A 372 46.49 29.26 -19.93
C LYS A 372 45.36 30.29 -19.96
N VAL A 373 44.66 30.47 -18.84
CA VAL A 373 43.66 31.53 -18.82
C VAL A 373 44.18 32.89 -19.28
N ALA A 374 45.29 33.36 -18.72
CA ALA A 374 45.89 34.64 -19.11
C ALA A 374 46.24 34.67 -20.60
N ASP A 375 46.83 33.59 -21.08
CA ASP A 375 47.36 33.54 -22.47
C ASP A 375 46.16 33.60 -23.42
N ILE A 376 45.12 32.83 -23.13
CA ILE A 376 43.93 32.80 -23.99
C ILE A 376 43.23 34.16 -23.95
N LEU A 377 43.14 34.79 -22.78
CA LEU A 377 42.57 36.12 -22.78
C LEU A 377 43.39 37.11 -23.58
N ASN A 378 44.71 37.02 -23.51
CA ASN A 378 45.56 37.92 -24.31
C ASN A 378 45.36 37.73 -25.81
N LYS A 379 45.01 36.51 -26.22
CA LYS A 379 44.77 36.14 -27.64
C LYS A 379 43.41 36.55 -28.20
N TRP A 380 42.50 36.96 -27.32
CA TRP A 380 41.15 37.43 -27.66
C TRP A 380 41.16 38.75 -28.43
N LYS A 381 40.78 38.71 -29.70
CA LYS A 381 40.95 39.84 -30.57
C LYS A 381 39.59 40.18 -31.16
N VAL A 382 38.90 41.14 -30.55
CA VAL A 382 37.54 41.47 -30.98
C VAL A 382 37.36 42.98 -31.17
N GLY B 21 25.12 1.62 34.09
CA GLY B 21 23.96 0.97 33.41
C GLY B 21 22.75 1.89 33.34
N HIS B 22 22.93 3.06 32.75
CA HIS B 22 21.82 3.98 32.51
C HIS B 22 21.20 3.71 31.14
N MET B 23 19.89 3.47 31.13
CA MET B 23 19.17 3.20 29.89
C MET B 23 18.81 4.52 29.21
N PHE B 24 19.31 4.67 27.99
CA PHE B 24 19.19 5.94 27.29
C PHE B 24 17.81 5.94 26.66
N PHE B 25 17.21 7.13 26.54
CA PHE B 25 15.90 7.23 25.93
C PHE B 25 15.86 6.72 24.47
N LEU B 26 16.79 7.22 23.68
CA LEU B 26 16.90 6.79 22.29
C LEU B 26 18.39 6.69 22.01
N ASN B 27 18.89 5.46 21.94
CA ASN B 27 20.30 5.22 21.71
C ASN B 27 20.65 5.23 20.23
N LEU B 28 20.86 6.41 19.67
CA LEU B 28 21.05 6.56 18.22
C LEU B 28 22.33 5.88 17.72
N LYS B 29 23.35 5.83 18.57
CA LYS B 29 24.61 5.16 18.23
C LYS B 29 24.33 3.69 17.88
N GLN B 30 23.52 3.04 18.68
CA GLN B 30 23.15 1.64 18.53
C GLN B 30 22.23 1.48 17.32
N ILE B 31 21.31 2.42 17.12
CA ILE B 31 20.45 2.40 15.94
C ILE B 31 21.31 2.47 14.67
N ASN B 32 22.31 3.35 14.66
CA ASN B 32 23.02 3.69 13.44
C ASN B 32 24.23 2.80 13.22
N ASP B 33 24.74 2.20 14.30
CA ASP B 33 25.93 1.34 14.20
C ASP B 33 25.84 0.23 13.16
N ARG B 34 24.64 -0.32 12.97
CA ARG B 34 24.31 -1.28 11.91
C ARG B 34 24.70 -0.85 10.50
N PHE B 35 24.79 0.46 10.28
CA PHE B 35 25.01 1.02 8.95
C PHE B 35 26.36 1.69 8.77
N ASN B 36 27.22 1.65 9.79
CA ASN B 36 28.48 2.40 9.73
C ASN B 36 29.30 2.15 8.46
N THR B 37 29.52 0.88 8.10
CA THR B 37 30.35 0.60 6.92
C THR B 37 29.73 1.19 5.65
N GLU B 38 28.42 1.04 5.54
CA GLU B 38 27.65 1.63 4.43
C GLU B 38 27.74 3.17 4.40
N PHE B 39 27.64 3.79 5.56
CA PHE B 39 27.71 5.24 5.66
C PHE B 39 29.06 5.69 5.13
N ILE B 40 30.12 5.05 5.61
CA ILE B 40 31.46 5.44 5.21
C ILE B 40 31.72 5.26 3.72
N THR B 41 31.26 4.13 3.18
CA THR B 41 31.29 3.85 1.75
C THR B 41 30.62 4.95 0.96
N LYS B 42 29.43 5.36 1.38
CA LYS B 42 28.76 6.41 0.60
C LYS B 42 29.42 7.77 0.73
N PHE B 43 29.88 8.09 1.94
CA PHE B 43 30.62 9.33 2.19
C PHE B 43 31.81 9.43 1.24
N LYS B 44 32.60 8.35 1.13
CA LYS B 44 33.75 8.33 0.21
C LYS B 44 33.33 8.47 -1.26
N GLU B 45 32.22 7.86 -1.63
CA GLU B 45 31.58 8.04 -2.94
C GLU B 45 31.28 9.50 -3.27
N ILE B 46 30.75 10.19 -2.27
CA ILE B 46 30.42 11.60 -2.41
C ILE B 46 31.70 12.44 -2.54
N LEU B 47 32.72 12.13 -1.74
CA LEU B 47 33.99 12.84 -1.88
C LEU B 47 34.51 12.63 -3.30
N GLU B 48 34.48 11.39 -3.78
CA GLU B 48 34.84 11.10 -5.19
C GLU B 48 34.06 11.93 -6.20
N SER B 49 32.79 12.19 -5.92
CA SER B 49 31.97 12.93 -6.88
C SER B 49 32.34 14.41 -6.94
N GLY B 50 32.76 14.97 -5.81
CA GLY B 50 32.98 16.41 -5.63
C GLY B 50 31.72 17.26 -5.72
N TRP B 51 30.56 16.60 -5.60
CA TRP B 51 29.22 17.21 -5.63
C TRP B 51 28.48 16.93 -4.30
N TYR B 52 28.16 18.00 -3.55
CA TYR B 52 27.65 17.85 -2.18
C TYR B 52 26.22 18.39 -1.98
N ILE B 53 25.74 19.11 -2.98
CA ILE B 53 24.40 19.72 -3.00
C ILE B 53 23.68 19.47 -4.33
N LEU B 54 22.42 19.07 -4.24
CA LEU B 54 21.53 18.90 -5.38
C LEU B 54 22.12 18.00 -6.45
N GLY B 55 22.50 16.81 -6.01
CA GLY B 55 23.22 15.87 -6.87
C GLY B 55 22.47 14.58 -7.04
N LYS B 56 23.25 13.54 -7.37
CA LYS B 56 22.70 12.20 -7.61
C LYS B 56 22.12 11.54 -6.36
N GLN B 57 22.74 11.74 -5.22
CA GLN B 57 22.26 11.13 -3.98
C GLN B 57 20.87 11.65 -3.58
N CYS B 58 20.70 12.96 -3.70
CA CYS B 58 19.39 13.58 -3.45
CA CYS B 58 19.40 13.60 -3.50
C CYS B 58 18.34 13.02 -4.41
N GLU B 59 18.65 13.03 -5.72
CA GLU B 59 17.68 12.53 -6.70
C GLU B 59 17.23 11.10 -6.39
N LYS B 60 18.20 10.24 -6.08
CA LYS B 60 18.01 8.83 -5.76
C LYS B 60 17.15 8.63 -4.50
N PHE B 61 17.52 9.32 -3.42
CA PHE B 61 16.73 9.29 -2.20
C PHE B 61 15.29 9.73 -2.39
N GLU B 62 15.14 10.88 -3.05
CA GLU B 62 13.80 11.38 -3.34
C GLU B 62 13.00 10.36 -4.10
N ASN B 63 13.61 9.77 -5.13
CA ASN B 63 12.86 8.84 -5.94
C ASN B 63 12.38 7.65 -5.16
N ASN B 64 13.26 7.14 -4.28
CA ASN B 64 12.92 6.02 -3.44
C ASN B 64 11.89 6.35 -2.36
N PHE B 65 11.97 7.54 -1.77
CA PHE B 65 11.04 7.90 -0.72
C PHE B 65 9.68 8.19 -1.29
N ALA B 66 9.63 8.78 -2.48
CA ALA B 66 8.37 8.95 -3.17
C ALA B 66 7.71 7.59 -3.43
N LYS B 67 8.48 6.61 -3.88
CA LYS B 67 7.92 5.28 -4.14
C LYS B 67 7.46 4.70 -2.80
N TYR B 68 8.22 4.93 -1.75
CA TYR B 68 7.89 4.34 -0.46
C TYR B 68 6.54 4.88 0.03
N CYS B 69 6.28 6.17 -0.17
CA CYS B 69 5.05 6.81 0.30
C CYS B 69 3.88 6.66 -0.68
N GLY B 70 4.21 6.17 -1.88
CA GLY B 70 3.26 6.05 -2.97
C GLY B 70 2.85 7.35 -3.63
N VAL B 71 3.74 8.34 -3.58
CA VAL B 71 3.46 9.62 -4.22
C VAL B 71 4.30 9.82 -5.48
N LYS B 72 3.88 10.77 -6.32
CA LYS B 72 4.65 11.10 -7.52
C LYS B 72 5.97 11.84 -7.29
N HIS B 73 6.01 12.72 -6.28
CA HIS B 73 7.09 13.70 -6.12
C HIS B 73 7.58 13.74 -4.68
N CYS B 74 8.89 13.73 -4.52
CA CYS B 74 9.57 13.97 -3.25
C CYS B 74 10.61 15.06 -3.49
N ILE B 75 10.50 16.11 -2.69
CA ILE B 75 11.49 17.19 -2.68
C ILE B 75 12.22 17.21 -1.34
N GLY B 76 13.49 16.89 -1.36
CA GLY B 76 14.33 16.99 -0.17
C GLY B 76 14.58 18.44 0.22
N VAL B 77 14.43 18.74 1.51
CA VAL B 77 14.57 20.11 2.06
C VAL B 77 15.35 19.96 3.39
N ALA B 78 15.53 21.03 4.13
CA ALA B 78 16.63 21.13 5.11
C ALA B 78 16.18 20.55 6.44
N ASN B 79 14.87 20.51 6.69
CA ASN B 79 14.30 20.00 7.95
C ASN B 79 12.78 20.01 7.90
N GLY B 80 12.14 19.41 8.89
CA GLY B 80 10.71 19.26 8.86
C GLY B 80 9.91 20.52 9.07
N LEU B 81 10.43 21.46 9.85
CA LEU B 81 9.78 22.79 10.00
C LEU B 81 9.80 23.51 8.66
N ASP B 82 10.97 23.53 8.04
CA ASP B 82 11.08 24.10 6.68
C ASP B 82 10.08 23.46 5.71
N ALA B 83 9.94 22.13 5.76
CA ALA B 83 9.00 21.39 4.89
C ALA B 83 7.59 21.98 5.03
N LEU B 84 7.13 22.08 6.27
CA LEU B 84 5.79 22.62 6.52
C LEU B 84 5.72 24.08 6.11
N ARG B 85 6.77 24.86 6.37
CA ARG B 85 6.75 26.29 6.08
C ARG B 85 6.67 26.48 4.56
N LEU B 86 7.42 25.66 3.83
CA LEU B 86 7.42 25.80 2.35
C LEU B 86 6.11 25.44 1.70
N ILE B 87 5.44 24.42 2.25
CA ILE B 87 4.16 23.97 1.75
C ILE B 87 3.18 25.12 1.86
N ILE B 88 3.12 25.72 3.05
CA ILE B 88 2.20 26.83 3.29
C ILE B 88 2.52 28.03 2.40
N LYS B 89 3.80 28.40 2.33
CA LYS B 89 4.27 29.45 1.43
C LYS B 89 3.90 29.21 -0.03
N ALA B 90 4.03 27.95 -0.48
CA ALA B 90 3.70 27.60 -1.86
C ALA B 90 2.22 27.85 -2.22
N TYR B 91 1.35 27.64 -1.27
CA TYR B 91 -0.09 27.90 -1.47
C TYR B 91 -0.42 29.40 -1.56
N ASP B 92 0.49 30.26 -1.12
CA ASP B 92 0.36 31.72 -1.31
C ASP B 92 -0.92 32.25 -0.68
N PHE B 93 -1.14 31.88 0.58
CA PHE B 93 -2.38 32.26 1.26
C PHE B 93 -2.35 33.75 1.62
N LYS B 94 -3.53 34.34 1.84
CA LYS B 94 -3.60 35.72 2.31
C LYS B 94 -3.17 35.88 3.77
N GLU B 95 -2.62 37.04 4.11
CA GLU B 95 -2.36 37.35 5.52
C GLU B 95 -3.62 37.12 6.33
N ASN B 96 -3.49 36.49 7.49
CA ASN B 96 -4.62 36.12 8.35
C ASN B 96 -5.58 35.00 7.93
N ASP B 97 -5.39 34.44 6.76
CA ASP B 97 -6.01 33.15 6.42
C ASP B 97 -5.77 32.13 7.53
N GLU B 98 -6.79 31.32 7.78
CA GLU B 98 -6.82 30.36 8.86
C GLU B 98 -6.42 28.94 8.45
N ILE B 99 -5.62 28.32 9.31
CA ILE B 99 -5.20 26.94 9.16
C ILE B 99 -5.61 26.20 10.44
N ILE B 100 -6.54 25.25 10.29
CA ILE B 100 -6.97 24.38 11.38
C ILE B 100 -5.85 23.41 11.73
N VAL B 101 -5.59 23.24 13.02
CA VAL B 101 -4.46 22.40 13.43
C VAL B 101 -4.71 21.85 14.83
N PRO B 102 -4.22 20.63 15.13
CA PRO B 102 -4.38 20.14 16.51
C PRO B 102 -3.63 20.99 17.52
N ALA B 103 -4.27 21.15 18.68
CA ALA B 103 -3.78 22.01 19.72
C ALA B 103 -2.66 21.34 20.51
N ASN B 104 -2.48 20.04 20.33
CA ASN B 104 -1.56 19.29 21.15
C ASN B 104 -0.31 18.80 20.43
N THR B 105 -0.14 19.23 19.18
CA THR B 105 1.07 18.90 18.40
C THR B 105 2.28 19.62 18.97
N TYR B 106 3.45 19.13 18.57
CA TYR B 106 4.68 19.87 18.71
C TYR B 106 4.63 21.26 18.13
N ILE B 107 5.24 22.21 18.82
CA ILE B 107 5.12 23.61 18.44
C ILE B 107 5.56 23.88 17.01
N ALA B 108 6.53 23.15 16.47
CA ALA B 108 6.96 23.40 15.08
C ALA B 108 5.79 23.41 14.10
N SER B 109 4.79 22.57 14.33
CA SER B 109 3.65 22.54 13.43
C SER B 109 2.97 23.93 13.35
N ILE B 110 2.87 24.59 14.50
CA ILE B 110 2.31 25.93 14.63
C ILE B 110 3.23 27.01 14.07
N LEU B 111 4.53 26.88 14.33
CA LEU B 111 5.50 27.84 13.91
C LEU B 111 5.45 27.98 12.40
N ALA B 112 5.25 26.86 11.69
CA ALA B 112 5.10 26.89 10.24
C ALA B 112 3.92 27.75 9.81
N ILE B 113 2.84 27.73 10.57
CA ILE B 113 1.64 28.53 10.22
C ILE B 113 1.92 30.01 10.46
N THR B 114 2.34 30.35 11.67
CA THR B 114 2.50 31.75 12.09
C THR B 114 3.65 32.48 11.34
N ASP B 115 4.73 31.77 11.02
CA ASP B 115 5.77 32.26 10.15
C ASP B 115 5.26 32.73 8.81
N ASN B 116 4.24 32.04 8.29
CA ASN B 116 3.60 32.46 7.04
C ASN B 116 2.47 33.49 7.20
N LYS B 117 2.34 34.07 8.39
CA LYS B 117 1.37 35.12 8.68
C LYS B 117 -0.08 34.64 8.56
N CYS B 118 -0.26 33.33 8.59
CA CYS B 118 -1.55 32.71 8.84
C CYS B 118 -1.88 32.52 10.33
N LYS B 119 -3.16 32.35 10.58
CA LYS B 119 -3.72 32.24 11.91
C LYS B 119 -4.02 30.78 12.19
N PRO B 120 -3.39 30.21 13.25
CA PRO B 120 -3.76 28.85 13.64
C PRO B 120 -5.03 28.76 14.42
N ILE B 121 -5.84 27.79 14.06
CA ILE B 121 -7.09 27.52 14.75
C ILE B 121 -6.97 26.17 15.43
N LEU B 122 -6.82 26.21 16.75
CA LEU B 122 -6.41 25.07 17.54
C LEU B 122 -7.58 24.22 17.97
N ILE B 123 -7.50 22.91 17.67
CA ILE B 123 -8.60 21.97 17.82
C ILE B 123 -8.18 20.93 18.86
N GLU B 124 -9.08 20.60 19.77
CA GLU B 124 -8.71 19.63 20.79
C GLU B 124 -8.48 18.28 20.15
N PRO B 125 -7.55 17.50 20.69
CA PRO B 125 -7.49 16.11 20.25
C PRO B 125 -8.56 15.23 20.88
N ASP B 126 -8.74 14.07 20.29
CA ASP B 126 -9.36 12.95 20.98
C ASP B 126 -8.47 12.41 22.09
N ILE B 127 -9.03 12.24 23.29
CA ILE B 127 -8.25 11.84 24.47
C ILE B 127 -7.67 10.45 24.30
N ASN B 128 -8.32 9.62 23.48
CA ASN B 128 -7.92 8.23 23.31
C ASN B 128 -7.04 7.95 22.11
N THR B 129 -6.67 8.98 21.36
CA THR B 129 -5.73 8.80 20.26
C THR B 129 -4.61 9.83 20.28
N TYR B 130 -4.83 10.94 20.98
CA TYR B 130 -3.90 12.07 21.00
C TYR B 130 -3.83 12.77 19.64
N ASN B 131 -4.69 12.41 18.70
CA ASN B 131 -4.70 13.08 17.41
C ASN B 131 -5.95 13.96 17.33
N ILE B 132 -5.95 14.93 16.42
CA ILE B 132 -7.06 15.85 16.22
C ILE B 132 -8.38 15.08 16.21
N ASN B 133 -9.34 15.59 16.97
CA ASN B 133 -10.68 15.01 16.93
C ASN B 133 -11.41 15.52 15.71
N PRO B 134 -11.59 14.69 14.66
CA PRO B 134 -12.21 15.21 13.44
C PRO B 134 -13.59 15.80 13.64
N ASP B 135 -14.29 15.42 14.72
CA ASP B 135 -15.66 15.84 14.94
C ASP B 135 -15.73 17.27 15.50
N LEU B 136 -14.58 17.86 15.83
CA LEU B 136 -14.52 19.23 16.36
C LEU B 136 -14.07 20.26 15.33
N ILE B 137 -13.84 19.83 14.09
CA ILE B 137 -13.19 20.66 13.11
C ILE B 137 -14.24 21.56 12.44
N GLU B 138 -15.35 20.99 12.00
CA GLU B 138 -16.26 21.73 11.13
C GLU B 138 -16.81 22.98 11.81
N GLU B 139 -17.12 22.88 13.10
CA GLU B 139 -17.63 24.03 13.84
C GLU B 139 -16.69 25.22 13.83
N LYS B 140 -15.41 25.01 13.56
CA LYS B 140 -14.42 26.08 13.55
C LYS B 140 -14.06 26.56 12.14
N ILE B 141 -14.65 25.94 11.12
CA ILE B 141 -14.46 26.45 9.76
C ILE B 141 -15.12 27.80 9.54
N THR B 142 -14.40 28.73 8.90
CA THR B 142 -14.91 30.06 8.52
C THR B 142 -14.60 30.34 7.08
N LYS B 143 -15.09 31.47 6.58
CA LYS B 143 -14.75 31.92 5.24
C LYS B 143 -13.26 32.14 4.98
N LYS B 144 -12.49 32.35 6.06
CA LYS B 144 -11.04 32.53 6.04
C LYS B 144 -10.26 31.21 6.11
N THR B 145 -10.92 30.10 6.42
CA THR B 145 -10.20 28.83 6.48
C THR B 145 -9.69 28.45 5.09
N LYS B 146 -8.41 28.08 5.00
CA LYS B 146 -7.83 27.65 3.71
C LYS B 146 -7.29 26.22 3.76
N ALA B 147 -7.05 25.68 4.95
CA ALA B 147 -6.40 24.38 5.09
C ALA B 147 -6.62 23.76 6.46
N ILE B 148 -6.46 22.44 6.54
CA ILE B 148 -6.35 21.67 7.77
C ILE B 148 -4.98 21.00 7.72
N MET B 149 -4.18 21.21 8.77
CA MET B 149 -2.93 20.50 8.95
C MET B 149 -3.20 19.36 9.90
N VAL B 150 -3.04 18.12 9.46
CA VAL B 150 -3.30 16.99 10.36
C VAL B 150 -1.90 16.62 10.82
N VAL B 151 -1.79 16.09 12.06
CA VAL B 151 -0.50 15.67 12.54
C VAL B 151 -0.72 14.24 13.00
N HIS B 152 0.14 13.36 12.50
CA HIS B 152 0.10 11.98 12.92
C HIS B 152 0.94 11.75 14.19
N LEU B 153 0.35 12.04 15.34
CA LEU B 153 1.20 12.35 16.48
C LEU B 153 1.65 11.07 17.16
N TYR B 154 2.91 11.05 17.57
CA TYR B 154 3.57 9.91 18.17
C TYR B 154 3.87 8.71 17.27
N GLY B 155 3.43 8.78 16.01
CA GLY B 155 3.47 7.65 15.10
C GLY B 155 2.11 7.09 14.71
N GLN B 156 1.02 7.59 15.27
CA GLN B 156 -0.32 7.10 14.96
C GLN B 156 -0.94 7.92 13.83
N VAL B 157 -1.31 7.26 12.74
CA VAL B 157 -2.07 7.94 11.71
C VAL B 157 -3.44 8.44 12.24
N CYS B 158 -3.83 9.63 11.80
CA CYS B 158 -5.13 10.24 12.10
C CYS B 158 -6.25 9.56 11.35
N ASP B 159 -7.47 9.59 11.86
CA ASP B 159 -8.60 9.05 11.13
C ASP B 159 -9.04 9.98 10.02
N MET B 160 -8.52 9.73 8.82
CA MET B 160 -8.55 10.71 7.76
C MET B 160 -9.88 10.84 7.05
N GLU B 161 -10.74 9.83 7.12
CA GLU B 161 -11.98 9.76 6.31
C GLU B 161 -12.81 11.02 6.38
N LYS B 162 -13.21 11.41 7.58
CA LYS B 162 -14.01 12.63 7.73
C LYS B 162 -13.24 13.86 7.36
N ILE B 163 -11.92 13.83 7.54
CA ILE B 163 -11.12 15.01 7.36
C ILE B 163 -11.05 15.28 5.85
N GLN B 164 -10.87 14.23 5.03
CA GLN B 164 -10.82 14.41 3.58
C GLN B 164 -12.18 14.88 3.05
N LEU B 165 -13.25 14.30 3.55
CA LEU B 165 -14.58 14.78 3.20
C LEU B 165 -14.80 16.24 3.49
N LEU B 166 -14.46 16.68 4.71
CA LEU B 166 -14.54 18.09 5.05
C LEU B 166 -13.74 19.01 4.15
N ALA B 167 -12.49 18.61 3.95
CA ALA B 167 -11.65 19.36 3.04
C ALA B 167 -12.30 19.50 1.67
N ASN B 168 -12.92 18.45 1.18
CA ASN B 168 -13.59 18.56 -0.10
C ASN B 168 -14.83 19.47 0.00
N LYS B 169 -15.64 19.29 1.04
CA LYS B 169 -16.85 20.12 1.26
C LYS B 169 -16.56 21.63 1.23
N TYR B 170 -15.44 22.05 1.82
CA TYR B 170 -15.11 23.46 2.01
C TYR B 170 -13.93 23.93 1.14
N ASN B 171 -13.49 23.11 0.20
CA ASN B 171 -12.38 23.45 -0.70
C ASN B 171 -11.16 23.90 0.09
N LEU B 172 -10.76 23.05 1.04
CA LEU B 172 -9.60 23.31 1.86
C LEU B 172 -8.49 22.35 1.45
N LYS B 173 -7.25 22.75 1.66
CA LYS B 173 -6.08 21.91 1.43
C LYS B 173 -5.88 21.10 2.68
N ILE B 174 -5.36 19.88 2.53
CA ILE B 174 -4.97 19.08 3.65
C ILE B 174 -3.45 19.02 3.61
N ILE B 175 -2.82 19.47 4.69
CA ILE B 175 -1.37 19.43 4.81
C ILE B 175 -1.09 18.39 5.88
N GLU B 176 -0.29 17.39 5.57
CA GLU B 176 0.15 16.43 6.57
C GLU B 176 1.48 16.79 7.21
N ASP B 177 1.53 16.80 8.54
CA ASP B 177 2.77 16.78 9.27
C ASP B 177 3.07 15.35 9.67
N CYS B 178 4.02 14.79 8.91
CA CYS B 178 4.43 13.39 9.01
C CYS B 178 5.72 13.16 9.78
N ALA B 179 6.21 14.19 10.48
CA ALA B 179 7.47 14.08 11.26
C ALA B 179 7.62 12.89 12.21
N GLN B 180 6.54 12.48 12.87
CA GLN B 180 6.53 11.34 13.78
C GLN B 180 5.96 10.00 13.28
N ALA B 181 5.67 9.86 11.98
CA ALA B 181 4.81 8.78 11.54
C ALA B 181 5.26 8.16 10.19
N HIS B 182 6.54 8.29 9.86
CA HIS B 182 7.12 7.55 8.72
C HIS B 182 6.61 6.12 8.51
N GLY B 183 5.96 5.90 7.36
CA GLY B 183 5.50 4.59 6.96
C GLY B 183 4.18 4.08 7.50
N ALA B 184 3.51 4.79 8.41
CA ALA B 184 2.17 4.38 8.88
C ALA B 184 1.17 4.38 7.73
N ILE B 185 0.13 3.58 7.90
CA ILE B 185 -0.79 3.29 6.80
C ILE B 185 -2.22 3.49 7.27
N TYR B 186 -2.94 4.31 6.52
CA TYR B 186 -4.39 4.46 6.73
C TYR B 186 -5.15 3.84 5.60
N LYS B 187 -5.88 2.77 5.91
CA LYS B 187 -6.54 1.97 4.89
C LYS B 187 -5.55 1.55 3.78
N ASP B 188 -5.67 2.12 2.58
CA ASP B 188 -4.87 1.71 1.43
C ASP B 188 -3.72 2.63 1.00
N LYS B 189 -3.38 3.60 1.84
CA LYS B 189 -2.32 4.56 1.54
C LYS B 189 -1.42 4.84 2.76
N ARG B 190 -0.17 5.16 2.47
CA ARG B 190 0.79 5.66 3.46
C ARG B 190 0.57 7.07 3.91
N VAL B 191 0.89 7.38 5.16
CA VAL B 191 1.15 8.77 5.50
C VAL B 191 2.11 9.44 4.51
N GLY B 192 1.78 10.66 4.12
CA GLY B 192 2.46 11.27 2.98
C GLY B 192 1.59 11.36 1.74
N ASN B 193 0.61 10.46 1.65
CA ASN B 193 -0.25 10.36 0.47
C ASN B 193 -1.72 10.44 0.90
N LEU B 194 -2.01 11.21 1.95
CA LEU B 194 -3.35 11.23 2.57
C LEU B 194 -3.99 12.62 2.47
N GLY B 195 -3.29 13.56 1.83
CA GLY B 195 -3.74 14.94 1.75
C GLY B 195 -3.24 15.50 0.44
N ASP B 196 -3.17 16.83 0.36
CA ASP B 196 -2.61 17.52 -0.80
C ASP B 196 -1.09 17.65 -0.80
N ALA B 197 -0.46 17.82 0.37
CA ALA B 197 0.98 17.87 0.47
C ALA B 197 1.36 17.49 1.89
N ALA B 198 2.53 16.88 1.99
CA ALA B 198 3.01 16.33 3.26
C ALA B 198 4.44 16.77 3.56
N GLY B 199 4.67 17.14 4.81
CA GLY B 199 6.01 17.52 5.25
C GLY B 199 6.50 16.40 6.13
N PHE B 200 7.76 16.06 5.94
CA PHE B 200 8.48 15.12 6.80
C PHE B 200 9.72 15.76 7.42
N SER B 201 9.96 15.45 8.69
CA SER B 201 11.28 15.64 9.32
C SER B 201 12.03 14.32 9.22
N PHE B 202 13.33 14.41 8.99
CA PHE B 202 14.26 13.28 9.16
C PHE B 202 15.30 13.69 10.22
N TYR B 203 14.83 14.43 11.22
CA TYR B 203 15.64 14.73 12.40
C TYR B 203 16.17 13.39 12.90
N PRO B 204 17.39 13.38 13.49
CA PRO B 204 18.01 12.09 13.78
C PRO B 204 17.23 11.13 14.66
N GLY B 205 16.41 11.64 15.58
CA GLY B 205 15.52 10.74 16.34
C GLY B 205 14.26 10.22 15.68
N ALA B 206 13.99 10.68 14.46
CA ALA B 206 12.81 10.21 13.70
C ALA B 206 12.92 8.75 13.30
N ASN B 207 11.78 8.14 13.01
CA ASN B 207 11.83 6.70 12.70
C ASN B 207 12.72 6.44 11.50
N LEU B 208 12.81 7.43 10.63
CA LEU B 208 13.86 7.41 9.61
C LEU B 208 14.65 8.68 9.83
N GLY B 209 15.79 8.54 10.50
CA GLY B 209 16.57 9.69 10.93
C GLY B 209 17.88 9.88 10.19
N ALA B 210 18.23 11.14 9.97
CA ALA B 210 19.44 11.48 9.24
C ALA B 210 20.57 11.60 10.25
N LEU B 211 21.75 12.00 9.79
CA LEU B 211 22.85 12.28 10.71
C LEU B 211 23.14 13.76 10.73
N GLY B 212 22.07 14.54 10.91
CA GLY B 212 22.10 15.98 10.84
C GLY B 212 20.66 16.39 10.54
N ASP B 213 20.42 17.67 10.29
CA ASP B 213 19.03 18.08 10.02
C ASP B 213 18.69 17.69 8.56
N ALA B 214 17.46 17.22 8.37
CA ALA B 214 16.96 16.89 7.04
C ALA B 214 15.44 16.83 7.05
N GLY B 215 14.84 17.04 5.86
CA GLY B 215 13.41 16.83 5.68
C GLY B 215 13.04 16.58 4.24
N CYS B 216 11.73 16.50 3.99
CA CYS B 216 11.17 16.45 2.65
C CYS B 216 9.69 16.84 2.58
N ILE B 217 9.29 17.16 1.36
CA ILE B 217 7.89 17.41 0.99
C ILE B 217 7.47 16.35 -0.02
N CYS B 218 6.33 15.71 0.24
CA CYS B 218 5.76 14.74 -0.70
C CYS B 218 4.44 15.28 -1.26
N THR B 219 4.22 15.03 -2.54
CA THR B 219 2.99 15.48 -3.21
C THR B 219 2.80 14.75 -4.53
N ASN B 220 1.56 14.69 -4.96
CA ASN B 220 1.31 14.17 -6.31
C ASN B 220 1.24 15.24 -7.38
N ASP B 221 1.16 16.52 -7.00
CA ASP B 221 0.86 17.60 -7.95
C ASP B 221 2.10 18.17 -8.63
N ASP B 222 2.18 18.09 -9.97
CA ASP B 222 3.39 18.50 -10.69
C ASP B 222 3.78 19.96 -10.50
N ASN B 223 2.80 20.85 -10.63
CA ASN B 223 3.06 22.25 -10.46
C ASN B 223 3.51 22.60 -9.04
N PHE B 224 2.87 22.00 -8.04
CA PHE B 224 3.26 22.22 -6.63
C PHE B 224 4.68 21.71 -6.42
N ALA B 225 5.02 20.54 -6.93
CA ALA B 225 6.39 20.04 -6.76
C ALA B 225 7.43 21.00 -7.38
N SER B 226 7.23 21.46 -8.62
CA SER B 226 8.19 22.35 -9.25
C SER B 226 8.32 23.66 -8.47
N LYS B 227 7.19 24.14 -7.96
CA LYS B 227 7.15 25.44 -7.27
C LYS B 227 7.93 25.29 -5.97
N ILE B 228 7.69 24.20 -5.26
CA ILE B 228 8.46 23.89 -4.07
C ILE B 228 9.97 23.80 -4.37
N ARG B 229 10.36 23.11 -5.44
CA ARG B 229 11.78 23.02 -5.74
C ARG B 229 12.40 24.41 -5.91
N ALA B 230 11.75 25.30 -6.67
CA ALA B 230 12.22 26.67 -6.77
C ALA B 230 12.24 27.41 -5.42
N LEU B 231 11.15 27.32 -4.68
CA LEU B 231 11.03 28.04 -3.42
C LEU B 231 12.10 27.59 -2.42
N ALA B 232 12.60 26.37 -2.53
CA ALA B 232 13.66 25.86 -1.63
C ALA B 232 15.07 26.13 -2.13
N ASN B 233 15.16 26.67 -3.33
CA ASN B 233 16.40 27.04 -4.00
C ASN B 233 16.45 28.52 -4.33
N TYR B 234 16.21 29.36 -3.32
CA TYR B 234 16.27 30.84 -3.38
C TYR B 234 15.11 31.43 -4.17
N GLY B 235 14.22 30.59 -4.70
CA GLY B 235 13.19 31.02 -5.66
C GLY B 235 13.57 30.79 -7.11
N SER B 236 14.69 30.09 -7.29
CA SER B 236 15.32 29.92 -8.60
C SER B 236 15.07 28.53 -9.18
N HIS B 237 14.52 28.55 -10.39
CA HIS B 237 14.13 27.42 -11.21
C HIS B 237 15.21 27.18 -12.26
N LYS B 238 15.87 28.26 -12.65
CA LYS B 238 16.83 28.34 -13.75
C LYS B 238 17.96 29.19 -13.20
N LYS B 239 19.19 28.73 -13.43
CA LYS B 239 20.38 29.48 -13.04
C LYS B 239 20.32 30.93 -13.48
N TYR B 240 20.63 31.80 -12.52
CA TYR B 240 20.68 33.25 -12.62
C TYR B 240 19.32 33.95 -12.43
N GLU B 241 18.26 33.17 -12.42
CA GLU B 241 16.91 33.74 -12.38
C GLU B 241 16.18 33.35 -11.09
N ASN B 242 15.40 34.28 -10.58
CA ASN B 242 14.54 34.06 -9.43
C ASN B 242 13.09 34.44 -9.70
N LEU B 243 12.29 33.41 -9.89
CA LEU B 243 10.84 33.51 -10.16
C LEU B 243 10.07 33.96 -8.93
N TYR B 244 10.44 33.38 -7.79
CA TYR B 244 9.85 33.65 -6.51
C TYR B 244 10.88 34.22 -5.50
N THR B 245 10.39 34.82 -4.41
CA THR B 245 11.26 35.21 -3.29
C THR B 245 11.30 33.93 -2.44
N GLY B 246 12.33 33.12 -2.62
CA GLY B 246 12.42 31.86 -1.91
C GLY B 246 13.36 31.88 -0.72
N LEU B 247 13.78 30.69 -0.33
CA LEU B 247 14.67 30.49 0.81
C LEU B 247 15.61 29.38 0.39
N ASN B 248 16.55 29.06 1.28
CA ASN B 248 17.55 28.05 1.00
C ASN B 248 17.22 26.90 1.92
N SER B 249 16.65 25.83 1.38
CA SER B 249 16.18 24.73 2.19
C SER B 249 16.46 23.47 1.40
N ARG B 250 17.69 22.98 1.52
CA ARG B 250 18.11 21.79 0.76
C ARG B 250 18.60 20.65 1.64
N LEU B 251 18.47 19.46 1.06
CA LEU B 251 18.87 18.17 1.66
C LEU B 251 20.25 17.85 1.13
N ASP B 252 21.25 17.83 2.01
CA ASP B 252 22.63 17.59 1.58
C ASP B 252 22.78 16.20 0.98
N GLU B 253 23.64 16.08 -0.04
CA GLU B 253 23.93 14.81 -0.66
C GLU B 253 24.23 13.77 0.40
N ILE B 254 25.05 14.14 1.38
CA ILE B 254 25.48 13.16 2.37
C ILE B 254 24.33 12.65 3.21
N GLN B 255 23.43 13.53 3.66
CA GLN B 255 22.24 13.10 4.37
C GLN B 255 21.29 12.30 3.49
N ALA B 256 21.08 12.69 2.22
CA ALA B 256 20.28 11.84 1.33
C ALA B 256 20.76 10.39 1.30
N ALA B 257 22.07 10.26 1.19
CA ALA B 257 22.67 8.95 1.00
C ALA B 257 22.45 8.09 2.25
N PHE B 258 22.65 8.70 3.41
CA PHE B 258 22.47 8.04 4.71
C PHE B 258 20.99 7.60 4.83
N LEU B 259 20.09 8.48 4.47
CA LEU B 259 18.68 8.20 4.54
C LEU B 259 18.30 7.06 3.60
N ASP B 260 18.82 7.08 2.37
CA ASP B 260 18.59 5.98 1.43
C ASP B 260 19.02 4.61 1.91
N ILE B 261 20.19 4.52 2.50
CA ILE B 261 20.66 3.30 3.18
C ILE B 261 19.64 2.81 4.23
N LYS B 262 19.17 3.70 5.10
CA LYS B 262 18.26 3.26 6.15
C LYS B 262 16.83 3.04 5.67
N LEU B 263 16.42 3.66 4.56
CA LEU B 263 15.06 3.54 4.09
C LEU B 263 14.78 2.09 3.70
N LYS B 264 15.81 1.36 3.29
CA LYS B 264 15.60 -0.06 2.99
C LYS B 264 15.17 -0.93 4.16
N TYR B 265 15.40 -0.46 5.38
CA TYR B 265 15.09 -1.23 6.58
C TYR B 265 13.95 -0.61 7.40
N LEU B 266 13.32 0.44 6.87
CA LEU B 266 12.36 1.24 7.67
C LEU B 266 11.11 0.43 8.02
N ASP B 267 10.54 -0.28 7.05
CA ASP B 267 9.36 -1.09 7.34
C ASP B 267 9.68 -2.19 8.37
N GLU B 268 10.81 -2.87 8.21
CA GLU B 268 11.30 -3.84 9.17
C GLU B 268 11.46 -3.22 10.58
N ASP B 269 12.07 -2.05 10.62
CA ASP B 269 12.36 -1.37 11.86
C ASP B 269 11.05 -0.92 12.55
N ASN B 270 10.14 -0.33 11.78
CA ASN B 270 8.84 0.02 12.31
C ASN B 270 8.08 -1.18 12.89
N ASN B 271 8.19 -2.34 12.25
CA ASN B 271 7.49 -3.54 12.74
C ASN B 271 8.18 -4.05 14.02
N LYS B 272 9.48 -3.91 14.11
CA LYS B 272 10.16 -4.16 15.39
C LYS B 272 9.67 -3.26 16.53
N ARG B 273 9.47 -1.97 16.24
CA ARG B 273 8.90 -1.04 17.22
C ARG B 273 7.50 -1.51 17.61
N LYS B 274 6.66 -1.87 16.65
CA LYS B 274 5.36 -2.43 16.98
C LYS B 274 5.45 -3.63 17.93
N ASN B 275 6.43 -4.51 17.70
CA ASN B 275 6.65 -5.65 18.61
C ASN B 275 6.92 -5.22 20.05
N ILE B 276 7.76 -4.22 20.23
CA ILE B 276 8.10 -3.72 21.55
C ILE B 276 6.93 -2.96 22.15
N ALA B 277 6.30 -2.09 21.38
CA ALA B 277 5.11 -1.42 21.89
C ALA B 277 4.03 -2.38 22.35
N ASN B 278 3.84 -3.47 21.61
CA ASN B 278 2.82 -4.44 22.00
C ASN B 278 3.29 -5.22 23.21
N PHE B 279 4.61 -5.43 23.37
CA PHE B 279 5.09 -5.96 24.68
C PHE B 279 4.68 -5.04 25.85
N TYR B 280 4.91 -3.74 25.72
CA TYR B 280 4.58 -2.76 26.76
C TYR B 280 3.09 -2.77 27.05
N LEU B 281 2.30 -2.75 25.98
CA LEU B 281 0.85 -2.64 26.08
C LEU B 281 0.32 -3.88 26.80
N GLN B 282 1.02 -5.01 26.68
CA GLN B 282 0.47 -6.26 27.13
C GLN B 282 1.03 -6.60 28.49
N ASN B 283 2.13 -5.96 28.85
CA ASN B 283 2.83 -6.36 30.07
C ASN B 283 2.88 -5.31 31.17
N ILE B 284 2.70 -4.05 30.84
CA ILE B 284 2.54 -3.03 31.89
C ILE B 284 1.12 -2.96 32.43
N LYS B 285 0.97 -3.07 33.75
CA LYS B 285 -0.32 -3.08 34.41
C LYS B 285 -0.14 -2.37 35.75
N ASN B 286 -0.60 -1.13 35.80
CA ASN B 286 -0.43 -0.28 36.96
C ASN B 286 -1.56 0.72 36.97
N GLU B 287 -2.31 0.73 38.06
CA GLU B 287 -3.48 1.60 38.18
C GLU B 287 -3.18 3.09 38.04
N ASN B 288 -1.93 3.50 38.13
CA ASN B 288 -1.55 4.89 38.01
C ASN B 288 -1.13 5.28 36.58
N ILE B 289 -1.21 4.32 35.67
CA ILE B 289 -0.67 4.51 34.31
C ILE B 289 -1.73 4.18 33.26
N ILE B 290 -1.96 5.14 32.36
CA ILE B 290 -2.81 4.92 31.17
C ILE B 290 -1.94 4.73 29.93
N LEU B 291 -2.06 3.54 29.34
CA LEU B 291 -1.18 3.04 28.28
C LEU B 291 -1.77 3.61 26.99
N PRO B 292 -0.89 3.82 25.99
CA PRO B 292 -1.34 4.36 24.69
C PRO B 292 -1.90 3.28 23.74
N SER B 293 -2.94 2.58 24.14
CA SER B 293 -3.73 1.78 23.21
C SER B 293 -4.10 2.51 21.90
N ASN B 294 -3.71 1.91 20.77
CA ASN B 294 -3.83 2.56 19.46
C ASN B 294 -5.14 2.21 18.76
N LYS B 295 -5.76 3.25 18.20
CA LYS B 295 -7.04 3.06 17.49
C LYS B 295 -6.81 2.86 16.00
N PHE B 296 -5.70 3.38 15.50
CA PHE B 296 -5.32 3.20 14.10
C PHE B 296 -3.86 2.74 14.03
N ASP B 297 -3.37 2.51 12.82
CA ASP B 297 -2.00 2.04 12.60
C ASP B 297 -1.02 2.99 13.31
N HIS B 298 -0.01 2.41 13.94
CA HIS B 298 0.93 3.18 14.78
C HIS B 298 2.34 2.61 14.54
N VAL B 299 3.27 3.48 14.17
CA VAL B 299 4.67 3.13 14.06
C VAL B 299 5.54 3.51 15.25
N TRP B 300 4.91 4.09 16.30
CA TRP B 300 5.55 4.16 17.60
C TRP B 300 6.91 4.86 17.56
N HIS B 301 6.88 6.04 16.96
CA HIS B 301 7.96 6.98 17.17
C HIS B 301 8.17 7.29 18.64
N LEU B 302 7.06 7.51 19.34
CA LEU B 302 7.03 7.69 20.79
C LEU B 302 6.03 6.76 21.40
N PHE B 303 6.41 6.18 22.54
CA PHE B 303 5.50 5.42 23.35
C PHE B 303 5.10 6.22 24.58
N VAL B 304 3.91 6.80 24.52
CA VAL B 304 3.53 7.82 25.51
C VAL B 304 2.56 7.27 26.56
N VAL B 305 2.95 7.28 27.84
CA VAL B 305 2.08 6.80 28.91
C VAL B 305 1.54 8.04 29.59
N LYS B 306 0.49 7.90 30.40
CA LYS B 306 -0.22 9.06 30.94
C LYS B 306 -0.58 8.82 32.41
N THR B 307 -0.22 9.76 33.28
CA THR B 307 -0.46 9.54 34.71
C THR B 307 -0.61 10.89 35.41
N LYS B 308 -1.33 10.87 36.53
CA LYS B 308 -1.54 12.04 37.36
C LYS B 308 -0.29 12.43 38.14
N LEU B 309 0.67 11.50 38.23
CA LEU B 309 1.89 11.73 39.00
C LEU B 309 3.15 11.70 38.12
N ARG B 310 3.18 12.55 37.10
CA ARG B 310 4.07 12.38 35.97
C ARG B 310 5.51 12.72 36.36
N ASP B 311 5.67 13.87 37.02
CA ASP B 311 6.96 14.27 37.56
C ASP B 311 7.51 13.25 38.57
N GLU B 312 6.67 12.78 39.49
CA GLU B 312 7.01 11.66 40.39
C GLU B 312 7.50 10.41 39.63
N LEU B 313 6.80 10.01 38.58
CA LEU B 313 7.20 8.82 37.80
C LEU B 313 8.54 9.00 37.06
N GLN B 314 8.78 10.17 36.48
CA GLN B 314 10.07 10.44 35.86
C GLN B 314 11.26 10.37 36.82
N HIS B 315 11.05 10.90 38.02
CA HIS B 315 12.04 10.76 39.08
C HIS B 315 12.20 9.32 39.55
N TYR B 316 11.10 8.58 39.64
CA TYR B 316 11.14 7.15 39.96
C TYR B 316 11.96 6.41 38.92
N LEU B 317 11.70 6.67 37.63
CA LEU B 317 12.40 5.91 36.60
C LEU B 317 13.87 6.32 36.49
N ASN B 318 14.14 7.60 36.68
CA ASN B 318 15.54 8.00 36.77
C ASN B 318 16.30 7.29 37.90
N ASN B 319 15.64 7.16 39.06
CA ASN B 319 16.21 6.52 40.24
C ASN B 319 16.55 5.08 39.90
N HIS B 320 15.78 4.52 38.97
CA HIS B 320 16.00 3.17 38.51
C HIS B 320 16.73 3.13 37.17
N ASP B 321 17.41 4.22 36.85
CA ASP B 321 18.42 4.23 35.80
C ASP B 321 17.81 4.06 34.42
N ILE B 322 16.63 4.67 34.24
CA ILE B 322 15.87 4.65 32.99
C ILE B 322 15.57 6.09 32.63
N GLN B 323 16.09 6.53 31.49
CA GLN B 323 16.00 7.93 31.08
C GLN B 323 14.70 8.09 30.25
N THR B 324 13.93 9.11 30.58
CA THR B 324 12.71 9.43 29.82
C THR B 324 12.71 10.88 29.40
N ILE B 325 11.85 11.22 28.45
CA ILE B 325 11.67 12.57 28.02
C ILE B 325 10.17 12.80 27.89
N ILE B 326 9.73 14.05 28.02
CA ILE B 326 8.31 14.41 27.92
C ILE B 326 7.98 14.98 26.55
N HIS B 327 6.92 14.45 25.94
CA HIS B 327 6.45 14.96 24.66
C HIS B 327 4.94 15.25 24.80
N TYR B 328 4.54 16.42 25.30
CA TYR B 328 5.39 17.53 25.72
C TYR B 328 4.75 18.09 27.01
N PRO B 329 5.49 18.94 27.73
CA PRO B 329 4.90 19.42 29.00
C PRO B 329 4.26 20.79 28.94
N ILE B 330 4.58 21.58 27.92
CA ILE B 330 3.94 22.87 27.76
C ILE B 330 3.35 22.89 26.35
N PRO B 331 2.02 23.09 26.24
CA PRO B 331 1.42 23.10 24.91
C PRO B 331 1.68 24.42 24.23
N PRO B 332 1.61 24.43 22.89
CA PRO B 332 1.97 25.63 22.21
C PRO B 332 1.22 26.86 22.71
N HIS B 333 -0.09 26.74 22.97
CA HIS B 333 -0.84 27.96 23.32
C HIS B 333 -0.35 28.55 24.66
N LYS B 334 0.24 27.74 25.54
CA LYS B 334 0.81 28.29 26.78
C LYS B 334 2.27 28.78 26.74
N GLN B 335 2.94 28.68 25.60
CA GLN B 335 4.32 29.17 25.49
C GLN B 335 4.45 30.69 25.52
N LYS B 336 5.61 31.15 25.97
CA LYS B 336 5.86 32.58 26.04
C LYS B 336 5.85 33.20 24.65
N CYS B 337 6.19 32.43 23.62
CA CYS B 337 6.21 33.05 22.30
C CYS B 337 4.80 33.24 21.75
N TYR B 338 3.78 32.69 22.40
CA TYR B 338 2.44 32.78 21.87
C TYR B 338 1.54 33.36 22.94
N LYS B 339 1.99 34.46 23.52
CA LYS B 339 1.25 35.09 24.60
C LYS B 339 -0.19 35.39 24.20
N ASP B 340 -0.44 35.74 22.94
CA ASP B 340 -1.80 36.01 22.48
C ASP B 340 -2.71 34.77 22.35
N LEU B 341 -2.22 33.59 22.73
CA LEU B 341 -3.01 32.37 22.75
C LEU B 341 -3.12 31.80 24.17
N ASN B 342 -2.35 32.33 25.13
CA ASN B 342 -2.22 31.77 26.49
C ASN B 342 -3.62 31.68 27.15
N HIS B 343 -4.56 32.51 26.70
CA HIS B 343 -5.87 32.59 27.34
C HIS B 343 -6.81 31.46 26.90
N LEU B 344 -6.54 30.83 25.76
CA LEU B 344 -7.44 29.84 25.17
C LEU B 344 -7.68 28.73 26.16
N LYS B 345 -8.93 28.27 26.24
CA LYS B 345 -9.24 27.17 27.15
C LYS B 345 -9.30 25.88 26.35
N LEU B 346 -8.26 25.07 26.55
CA LEU B 346 -8.09 23.80 25.85
C LEU B 346 -7.76 22.76 26.89
N PRO B 347 -8.78 22.36 27.68
CA PRO B 347 -8.50 21.53 28.85
C PRO B 347 -7.99 20.13 28.56
N ILE B 348 -8.35 19.53 27.42
CA ILE B 348 -7.93 18.17 27.09
C ILE B 348 -6.43 18.23 26.78
N THR B 349 -6.10 19.13 25.87
CA THR B 349 -4.71 19.48 25.58
C THR B 349 -3.84 19.75 26.80
N GLU B 350 -4.32 20.63 27.66
CA GLU B 350 -3.60 21.02 28.88
C GLU B 350 -3.42 19.83 29.82
N ASN B 351 -4.47 19.03 29.94
CA ASN B 351 -4.37 17.80 30.75
C ASN B 351 -3.34 16.80 30.22
N ILE B 352 -3.36 16.55 28.91
CA ILE B 352 -2.37 15.67 28.32
C ILE B 352 -0.94 16.12 28.66
N HIS B 353 -0.70 17.41 28.51
CA HIS B 353 0.62 17.99 28.73
C HIS B 353 1.10 17.88 30.19
N GLN B 354 0.14 17.82 31.13
CA GLN B 354 0.48 17.59 32.54
C GLN B 354 0.80 16.16 32.90
N GLU B 355 0.43 15.23 32.02
CA GLU B 355 0.30 13.84 32.40
C GLU B 355 1.13 12.92 31.54
N VAL B 356 1.65 13.40 30.41
CA VAL B 356 2.36 12.49 29.49
C VAL B 356 3.84 12.33 29.80
N LEU B 357 4.38 11.13 29.58
CA LEU B 357 5.80 10.80 29.67
C LEU B 357 6.11 9.68 28.66
N SER B 358 7.21 9.83 27.92
CA SER B 358 7.57 8.84 26.91
C SER B 358 8.55 7.81 27.46
N LEU B 359 8.31 6.54 27.16
CA LEU B 359 9.23 5.43 27.47
C LEU B 359 10.20 5.08 26.35
N PRO B 360 11.42 4.60 26.69
CA PRO B 360 12.35 4.21 25.65
C PRO B 360 11.77 3.15 24.75
N ILE B 361 11.89 3.43 23.45
CA ILE B 361 11.60 2.45 22.42
C ILE B 361 12.49 2.68 21.20
N SER B 362 12.87 1.60 20.55
CA SER B 362 13.61 1.68 19.31
C SER B 362 13.62 0.35 18.59
N PRO B 363 13.95 0.36 17.27
CA PRO B 363 14.01 -0.92 16.60
C PRO B 363 15.17 -1.83 17.00
N THR B 364 16.16 -1.29 17.70
CA THR B 364 17.28 -2.12 18.14
C THR B 364 17.27 -2.42 19.64
N MET B 365 16.23 -1.98 20.34
CA MET B 365 16.20 -2.06 21.80
C MET B 365 16.26 -3.49 22.32
N LYS B 366 17.11 -3.68 23.34
CA LYS B 366 17.41 -5.01 23.86
C LYS B 366 16.27 -5.56 24.69
N GLU B 367 16.00 -6.85 24.50
CA GLU B 367 14.99 -7.52 25.29
C GLU B 367 15.10 -7.15 26.77
N ASN B 368 16.30 -7.25 27.35
CA ASN B 368 16.43 -7.02 28.80
C ASN B 368 16.10 -5.59 29.18
N ASP B 369 16.29 -4.67 28.24
CA ASP B 369 15.94 -3.28 28.43
C ASP B 369 14.43 -3.08 28.46
N PHE B 370 13.70 -3.57 27.46
CA PHE B 370 12.26 -3.39 27.54
C PHE B 370 11.57 -4.17 28.67
N LYS B 371 12.04 -5.38 28.94
CA LYS B 371 11.52 -6.16 30.05
C LYS B 371 11.73 -5.44 31.37
N LYS B 372 12.90 -4.82 31.56
CA LYS B 372 13.13 -4.00 32.75
C LYS B 372 12.20 -2.81 32.88
N VAL B 373 11.99 -2.07 31.80
CA VAL B 373 11.03 -0.98 31.85
C VAL B 373 9.66 -1.40 32.36
N ALA B 374 9.13 -2.48 31.78
CA ALA B 374 7.84 -3.04 32.14
C ALA B 374 7.81 -3.46 33.61
N ASP B 375 8.84 -4.17 34.03
CA ASP B 375 8.89 -4.70 35.39
C ASP B 375 8.98 -3.57 36.43
N ILE B 376 9.73 -2.52 36.11
CA ILE B 376 9.99 -1.45 37.03
C ILE B 376 8.74 -0.61 37.12
N LEU B 377 8.06 -0.40 35.99
CA LEU B 377 6.72 0.20 36.03
C LEU B 377 5.69 -0.59 36.84
N ASN B 378 5.67 -1.91 36.67
CA ASN B 378 4.73 -2.79 37.37
C ASN B 378 4.95 -2.72 38.88
N LYS B 379 6.18 -2.41 39.31
CA LYS B 379 6.50 -2.31 40.72
C LYS B 379 6.16 -0.94 41.33
N TRP B 380 5.89 0.07 40.51
CA TRP B 380 5.74 1.44 41.00
C TRP B 380 4.48 1.58 41.87
N LYS B 381 4.64 1.77 43.18
CA LYS B 381 3.45 2.13 43.93
C LYS B 381 3.63 3.56 44.35
N VAL B 382 2.60 4.36 44.08
CA VAL B 382 2.81 5.79 44.02
C VAL B 382 2.03 6.56 45.08
N HIS C 22 -26.94 -14.30 24.91
CA HIS C 22 -26.07 -15.28 24.18
C HIS C 22 -25.01 -14.63 23.29
N MET C 23 -23.74 -15.01 23.49
CA MET C 23 -22.67 -14.46 22.68
C MET C 23 -22.25 -15.40 21.56
N PHE C 24 -22.52 -15.01 20.33
CA PHE C 24 -22.16 -15.86 19.18
C PHE C 24 -20.66 -15.68 18.96
N PHE C 25 -20.08 -16.74 18.39
CA PHE C 25 -18.68 -16.73 18.03
C PHE C 25 -18.46 -15.78 16.87
N LEU C 26 -19.37 -15.84 15.90
CA LEU C 26 -19.37 -14.88 14.80
C LEU C 26 -20.78 -14.58 14.31
N ASN C 27 -21.25 -13.39 14.67
CA ASN C 27 -22.63 -13.01 14.43
C ASN C 27 -22.71 -12.42 13.02
N LEU C 28 -22.87 -13.28 12.03
CA LEU C 28 -22.86 -12.79 10.65
C LEU C 28 -24.05 -11.89 10.32
N LYS C 29 -25.17 -12.15 10.97
CA LYS C 29 -26.33 -11.26 10.78
C LYS C 29 -26.00 -9.81 11.13
N GLN C 30 -25.41 -9.58 12.31
CA GLN C 30 -25.02 -8.26 12.80
C GLN C 30 -24.00 -7.63 11.85
N ILE C 31 -23.04 -8.44 11.39
CA ILE C 31 -22.07 -7.98 10.41
C ILE C 31 -22.70 -7.56 9.07
N ASN C 32 -23.55 -8.43 8.54
CA ASN C 32 -24.20 -8.20 7.27
C ASN C 32 -25.36 -7.21 7.32
N ASP C 33 -25.96 -7.02 8.48
CA ASP C 33 -27.11 -6.11 8.60
C ASP C 33 -26.79 -4.69 8.14
N ARG C 34 -25.54 -4.30 8.28
CA ARG C 34 -25.08 -2.97 7.85
C ARG C 34 -25.33 -2.68 6.38
N PHE C 35 -25.49 -3.72 5.59
CA PHE C 35 -25.48 -3.61 4.14
C PHE C 35 -26.78 -4.10 3.51
N ASN C 36 -27.81 -4.41 4.31
CA ASN C 36 -29.01 -5.03 3.75
C ASN C 36 -29.65 -4.22 2.62
N THR C 37 -29.72 -2.91 2.80
CA THR C 37 -30.30 -2.06 1.75
C THR C 37 -29.57 -2.18 0.43
N GLU C 38 -28.25 -2.10 0.49
CA GLU C 38 -27.40 -2.19 -0.68
C GLU C 38 -27.45 -3.59 -1.32
N PHE C 39 -27.49 -4.63 -0.51
CA PHE C 39 -27.61 -6.00 -1.02
C PHE C 39 -28.91 -6.17 -1.82
N ILE C 40 -30.01 -5.60 -1.31
CA ILE C 40 -31.33 -5.78 -1.91
C ILE C 40 -31.38 -5.00 -3.23
N THR C 41 -30.84 -3.78 -3.22
CA THR C 41 -30.70 -2.97 -4.44
C THR C 41 -29.94 -3.68 -5.57
N LYS C 42 -28.81 -4.25 -5.19
CA LYS C 42 -27.93 -4.90 -6.13
C LYS C 42 -28.56 -6.20 -6.64
N PHE C 43 -29.22 -6.96 -5.77
CA PHE C 43 -30.00 -8.12 -6.20
C PHE C 43 -31.05 -7.73 -7.23
N LYS C 44 -31.80 -6.66 -6.95
CA LYS C 44 -32.77 -6.16 -7.91
C LYS C 44 -32.13 -5.73 -9.22
N GLU C 45 -30.95 -5.12 -9.18
CA GLU C 45 -30.20 -4.73 -10.36
C GLU C 45 -29.83 -5.94 -11.21
N ILE C 46 -29.39 -6.99 -10.54
CA ILE C 46 -29.05 -8.26 -11.20
C ILE C 46 -30.26 -8.97 -11.82
N LEU C 47 -31.41 -8.97 -11.13
CA LEU C 47 -32.66 -9.46 -11.69
C LEU C 47 -33.00 -8.68 -12.97
N GLU C 48 -32.86 -7.35 -12.95
CA GLU C 48 -33.14 -6.56 -14.17
C GLU C 48 -32.22 -6.88 -15.33
N SER C 49 -30.98 -7.29 -15.06
CA SER C 49 -30.01 -7.58 -16.11
C SER C 49 -30.32 -8.90 -16.81
N GLY C 50 -30.96 -9.83 -16.09
CA GLY C 50 -31.13 -11.19 -16.59
C GLY C 50 -29.85 -12.02 -16.73
N TRP C 51 -28.79 -11.59 -16.06
CA TRP C 51 -27.47 -12.19 -16.20
C TRP C 51 -26.88 -12.51 -14.83
N TYR C 52 -26.65 -13.79 -14.59
CA TYR C 52 -26.36 -14.27 -13.23
C TYR C 52 -24.95 -14.91 -13.17
N ILE C 53 -24.27 -15.10 -14.31
CA ILE C 53 -22.97 -15.82 -14.37
C ILE C 53 -22.08 -15.03 -15.33
N LEU C 54 -20.84 -14.83 -14.94
CA LEU C 54 -19.79 -14.21 -15.76
C LEU C 54 -20.23 -12.91 -16.43
N GLY C 55 -20.68 -11.96 -15.62
CA GLY C 55 -21.23 -10.69 -16.06
C GLY C 55 -20.50 -9.48 -15.48
N LYS C 56 -21.24 -8.38 -15.41
CA LYS C 56 -20.63 -7.09 -15.13
C LYS C 56 -20.24 -7.03 -13.66
N GLN C 57 -21.04 -7.66 -12.79
CA GLN C 57 -20.75 -7.61 -11.36
C GLN C 57 -19.46 -8.35 -11.04
N CYS C 58 -19.26 -9.51 -11.66
N CYS C 58 -19.26 -9.51 -11.68
CA CYS C 58 -18.01 -10.26 -11.52
CA CYS C 58 -18.03 -10.27 -11.46
C CYS C 58 -16.83 -9.41 -11.94
C CYS C 58 -16.81 -9.53 -11.99
N GLU C 59 -16.94 -8.88 -13.16
CA GLU C 59 -15.88 -8.05 -13.67
C GLU C 59 -15.56 -6.87 -12.73
N LYS C 60 -16.58 -6.21 -12.23
CA LYS C 60 -16.44 -5.09 -11.33
C LYS C 60 -15.72 -5.48 -10.02
N PHE C 61 -16.17 -6.56 -9.42
CA PHE C 61 -15.58 -7.01 -8.15
C PHE C 61 -14.15 -7.42 -8.42
N GLU C 62 -13.92 -8.16 -9.51
CA GLU C 62 -12.58 -8.61 -9.79
C GLU C 62 -11.63 -7.43 -9.93
N ASN C 63 -12.06 -6.43 -10.68
CA ASN C 63 -11.16 -5.31 -10.93
C ASN C 63 -10.85 -4.56 -9.64
N ASN C 64 -11.87 -4.45 -8.79
CA ASN C 64 -11.74 -3.76 -7.50
C ASN C 64 -10.91 -4.56 -6.48
N PHE C 65 -11.10 -5.87 -6.40
CA PHE C 65 -10.28 -6.68 -5.52
C PHE C 65 -8.81 -6.72 -5.99
N ALA C 66 -8.56 -6.72 -7.29
CA ALA C 66 -7.23 -6.78 -7.79
C ALA C 66 -6.52 -5.50 -7.38
N LYS C 67 -7.23 -4.38 -7.53
CA LYS C 67 -6.74 -3.06 -7.13
C LYS C 67 -6.44 -3.05 -5.63
N TYR C 68 -7.37 -3.59 -4.83
CA TYR C 68 -7.18 -3.66 -3.37
C TYR C 68 -5.88 -4.43 -2.98
N CYS C 69 -5.61 -5.56 -3.63
CA CYS C 69 -4.45 -6.39 -3.32
C CYS C 69 -3.19 -5.89 -4.03
N GLY C 70 -3.36 -4.94 -4.96
CA GLY C 70 -2.27 -4.39 -5.72
C GLY C 70 -1.77 -5.30 -6.84
N VAL C 71 -2.61 -6.20 -7.30
CA VAL C 71 -2.19 -7.12 -8.39
C VAL C 71 -2.90 -6.76 -9.70
N LYS C 72 -2.35 -7.24 -10.81
CA LYS C 72 -2.95 -7.01 -12.14
C LYS C 72 -4.27 -7.71 -12.39
N HIS C 73 -4.43 -8.92 -11.85
CA HIS C 73 -5.48 -9.86 -12.26
C HIS C 73 -6.13 -10.51 -11.05
N CYS C 74 -7.46 -10.47 -11.05
CA CYS C 74 -8.28 -11.22 -10.12
C CYS C 74 -9.28 -12.05 -10.93
N ILE C 75 -9.26 -13.35 -10.69
CA ILE C 75 -10.22 -14.28 -11.26
C ILE C 75 -11.18 -14.75 -10.19
N GLY C 76 -12.46 -14.38 -10.25
CA GLY C 76 -13.44 -14.97 -9.30
C GLY C 76 -13.70 -16.45 -9.51
N VAL C 77 -13.85 -17.25 -8.45
CA VAL C 77 -14.04 -18.71 -8.66
C VAL C 77 -15.00 -19.11 -7.54
N ALA C 78 -15.28 -20.39 -7.37
CA ALA C 78 -16.41 -20.83 -6.58
C ALA C 78 -16.16 -20.83 -5.06
N ASN C 79 -14.91 -21.01 -4.65
CA ASN C 79 -14.52 -21.09 -3.23
C ASN C 79 -13.02 -21.10 -3.06
N GLY C 80 -12.54 -21.03 -1.82
CA GLY C 80 -11.12 -20.88 -1.59
C GLY C 80 -10.38 -22.18 -1.86
N LEU C 81 -11.01 -23.32 -1.61
CA LEU C 81 -10.37 -24.59 -1.93
C LEU C 81 -10.22 -24.71 -3.45
N ASP C 82 -11.28 -24.38 -4.17
CA ASP C 82 -11.17 -24.34 -5.65
C ASP C 82 -10.05 -23.40 -6.13
N ALA C 83 -9.93 -22.21 -5.55
CA ALA C 83 -8.85 -21.31 -5.84
C ALA C 83 -7.47 -21.97 -5.78
N LEU C 84 -7.13 -22.58 -4.64
CA LEU C 84 -5.84 -23.20 -4.50
C LEU C 84 -5.68 -24.37 -5.46
N ARG C 85 -6.71 -25.20 -5.62
CA ARG C 85 -6.66 -26.37 -6.52
C ARG C 85 -6.34 -25.93 -7.95
N LEU C 86 -7.05 -24.91 -8.42
CA LEU C 86 -6.83 -24.33 -9.75
C LEU C 86 -5.45 -23.77 -10.04
N ILE C 87 -4.88 -23.09 -9.05
CA ILE C 87 -3.57 -22.48 -9.20
C ILE C 87 -2.58 -23.64 -9.46
N ILE C 88 -2.66 -24.65 -8.61
CA ILE C 88 -1.80 -25.82 -8.71
C ILE C 88 -1.97 -26.60 -10.01
N LYS C 89 -3.23 -26.82 -10.39
CA LYS C 89 -3.59 -27.40 -11.70
C LYS C 89 -3.00 -26.63 -12.89
N ALA C 90 -3.06 -25.31 -12.82
CA ALA C 90 -2.57 -24.43 -13.90
C ALA C 90 -1.06 -24.48 -14.08
N TYR C 91 -0.33 -24.76 -12.99
CA TYR C 91 1.11 -24.98 -13.07
C TYR C 91 1.54 -26.30 -13.68
N ASP C 92 0.62 -27.24 -13.82
CA ASP C 92 0.85 -28.48 -14.56
C ASP C 92 2.00 -29.32 -13.97
N PHE C 93 1.99 -29.50 -12.66
CA PHE C 93 3.10 -30.17 -12.00
C PHE C 93 2.98 -31.66 -12.35
N LYS C 94 4.07 -32.42 -12.30
CA LYS C 94 3.99 -33.89 -12.45
C LYS C 94 3.46 -34.56 -11.19
N GLU C 95 2.88 -35.74 -11.33
CA GLU C 95 2.44 -36.56 -10.19
C GLU C 95 3.69 -36.75 -9.33
N ASN C 96 3.48 -36.69 -8.02
CA ASN C 96 4.49 -36.81 -6.97
C ASN C 96 5.45 -35.64 -6.86
N ASP C 97 5.22 -34.58 -7.63
CA ASP C 97 5.89 -33.32 -7.39
C ASP C 97 5.56 -32.86 -5.98
N GLU C 98 6.51 -32.18 -5.35
CA GLU C 98 6.37 -31.81 -3.94
C GLU C 98 6.07 -30.32 -3.76
N ILE C 99 5.16 -30.03 -2.81
CA ILE C 99 4.78 -28.66 -2.44
C ILE C 99 4.97 -28.61 -0.94
N ILE C 100 5.80 -27.67 -0.50
CA ILE C 100 6.10 -27.45 0.91
C ILE C 100 4.88 -26.70 1.46
N VAL C 101 4.40 -27.05 2.65
CA VAL C 101 3.19 -26.46 3.21
C VAL C 101 3.27 -26.54 4.75
N PRO C 102 2.72 -25.52 5.44
CA PRO C 102 2.59 -25.71 6.88
C PRO C 102 1.78 -26.90 7.29
N ALA C 103 2.28 -27.65 8.28
CA ALA C 103 1.60 -28.78 8.86
C ALA C 103 0.36 -28.45 9.68
N ASN C 104 0.25 -27.23 10.16
CA ASN C 104 -0.83 -26.84 11.06
C ASN C 104 -1.89 -25.96 10.40
N THR C 105 -1.82 -25.85 9.09
CA THR C 105 -2.90 -25.18 8.38
C THR C 105 -4.22 -25.93 8.38
N TYR C 106 -5.31 -25.23 8.03
CA TYR C 106 -6.56 -25.88 7.74
C TYR C 106 -6.37 -26.93 6.64
N ILE C 107 -7.05 -28.07 6.81
CA ILE C 107 -6.96 -29.17 5.84
C ILE C 107 -7.16 -28.81 4.37
N ALA C 108 -8.00 -27.82 4.05
CA ALA C 108 -8.21 -27.48 2.65
C ALA C 108 -6.93 -27.07 1.92
N SER C 109 -5.95 -26.50 2.61
CA SER C 109 -4.71 -26.13 1.98
C SER C 109 -4.08 -27.42 1.44
N ILE C 110 -4.21 -28.48 2.23
CA ILE C 110 -3.57 -29.74 1.90
C ILE C 110 -4.35 -30.49 0.84
N LEU C 111 -5.68 -30.40 0.91
CA LEU C 111 -6.55 -31.07 -0.06
C LEU C 111 -6.25 -30.53 -1.45
N ALA C 112 -5.91 -29.24 -1.53
CA ALA C 112 -5.65 -28.64 -2.84
C ALA C 112 -4.42 -29.28 -3.48
N ILE C 113 -3.46 -29.64 -2.64
CA ILE C 113 -2.21 -30.26 -3.10
C ILE C 113 -2.50 -31.68 -3.55
N THR C 114 -3.13 -32.46 -2.67
CA THR C 114 -3.28 -33.88 -2.97
C THR C 114 -4.33 -34.15 -4.05
N ASP C 115 -5.28 -33.23 -4.26
CA ASP C 115 -6.23 -33.37 -5.38
C ASP C 115 -5.52 -33.29 -6.72
N ASN C 116 -4.40 -32.59 -6.73
CA ASN C 116 -3.61 -32.45 -7.92
C ASN C 116 -2.56 -33.55 -8.01
N LYS C 117 -2.67 -34.53 -7.11
CA LYS C 117 -1.77 -35.67 -7.01
C LYS C 117 -0.33 -35.24 -6.76
N CYS C 118 -0.19 -34.16 -6.00
CA CYS C 118 1.11 -33.72 -5.54
C CYS C 118 1.28 -34.18 -4.09
N LYS C 119 2.53 -34.16 -3.67
CA LYS C 119 2.88 -34.59 -2.33
C LYS C 119 3.09 -33.38 -1.43
N PRO C 120 2.34 -33.31 -0.33
CA PRO C 120 2.43 -32.20 0.61
C PRO C 120 3.54 -32.47 1.60
N ILE C 121 4.55 -31.62 1.57
CA ILE C 121 5.68 -31.73 2.48
C ILE C 121 5.44 -30.81 3.68
N LEU C 122 5.06 -31.43 4.80
CA LEU C 122 4.51 -30.77 5.97
C LEU C 122 5.65 -30.24 6.83
N ILE C 123 5.64 -28.94 7.11
CA ILE C 123 6.73 -28.28 7.84
C ILE C 123 6.09 -27.75 9.13
N GLU C 124 6.78 -27.88 10.26
CA GLU C 124 6.26 -27.38 11.52
C GLU C 124 6.13 -25.86 11.52
N PRO C 125 5.14 -25.33 12.24
CA PRO C 125 5.14 -23.91 12.48
C PRO C 125 6.12 -23.42 13.53
N ASP C 126 6.32 -22.11 13.57
CA ASP C 126 6.90 -21.46 14.73
C ASP C 126 5.83 -21.37 15.82
N ILE C 127 6.08 -21.96 16.99
CA ILE C 127 5.15 -21.83 18.10
C ILE C 127 4.69 -20.42 18.44
N ASN C 128 5.49 -19.41 18.11
CA ASN C 128 5.21 -18.03 18.47
C ASN C 128 4.58 -17.24 17.35
N THR C 129 4.33 -17.87 16.21
CA THR C 129 3.51 -17.21 15.18
C THR C 129 2.31 -18.03 14.65
N TYR C 130 2.38 -19.34 14.85
CA TYR C 130 1.48 -20.34 14.25
C TYR C 130 1.55 -20.37 12.71
N ASN C 131 2.54 -19.72 12.11
CA ASN C 131 2.84 -19.81 10.68
C ASN C 131 4.05 -20.69 10.46
N ILE C 132 4.16 -21.25 9.25
CA ILE C 132 5.30 -22.06 8.89
C ILE C 132 6.59 -21.46 9.50
N ASN C 133 7.46 -22.29 10.05
CA ASN C 133 8.76 -21.76 10.41
C ASN C 133 9.69 -21.72 9.21
N PRO C 134 10.07 -20.52 8.73
CA PRO C 134 10.77 -20.60 7.47
C PRO C 134 12.17 -21.20 7.59
N ASP C 135 12.72 -21.22 8.81
CA ASP C 135 13.99 -21.90 9.13
C ASP C 135 13.98 -23.40 8.90
N LEU C 136 12.81 -24.02 8.82
CA LEU C 136 12.68 -25.47 8.67
C LEU C 136 12.41 -25.96 7.24
N ILE C 137 12.28 -25.04 6.29
CA ILE C 137 11.91 -25.41 4.91
C ILE C 137 13.01 -26.03 4.05
N GLU C 138 14.16 -25.37 4.01
CA GLU C 138 15.24 -25.65 3.08
C GLU C 138 15.69 -27.10 3.16
N GLU C 139 15.77 -27.59 4.39
CA GLU C 139 16.20 -28.95 4.66
C GLU C 139 15.29 -29.99 4.02
N LYS C 140 14.06 -29.61 3.67
CA LYS C 140 13.07 -30.51 3.11
C LYS C 140 12.88 -30.33 1.61
N ILE C 141 13.71 -29.50 1.01
CA ILE C 141 13.58 -29.22 -0.42
C ILE C 141 14.36 -30.31 -1.14
N THR C 142 13.81 -30.84 -2.23
CA THR C 142 14.49 -31.84 -3.09
C THR C 142 14.35 -31.46 -4.56
N LYS C 143 14.92 -32.25 -5.48
CA LYS C 143 14.72 -32.00 -6.91
C LYS C 143 13.25 -32.01 -7.28
N LYS C 144 12.42 -32.67 -6.47
CA LYS C 144 10.99 -32.83 -6.74
C LYS C 144 10.15 -31.64 -6.31
N THR C 145 10.71 -30.79 -5.47
CA THR C 145 10.02 -29.62 -4.92
C THR C 145 9.72 -28.64 -6.03
N LYS C 146 8.44 -28.28 -6.16
CA LYS C 146 7.99 -27.34 -7.18
C LYS C 146 7.36 -26.04 -6.67
N ALA C 147 6.89 -26.04 -5.42
CA ALA C 147 6.27 -24.84 -4.87
C ALA C 147 6.32 -24.81 -3.37
N ILE C 148 6.19 -23.61 -2.80
CA ILE C 148 5.97 -23.43 -1.39
C ILE C 148 4.58 -22.81 -1.29
N MET C 149 3.65 -23.49 -0.61
CA MET C 149 2.35 -22.87 -0.26
C MET C 149 2.47 -22.22 1.10
N VAL C 150 2.54 -20.89 1.10
CA VAL C 150 2.54 -20.11 2.31
C VAL C 150 1.10 -19.87 2.75
N VAL C 151 0.86 -20.03 4.06
CA VAL C 151 -0.45 -19.74 4.63
C VAL C 151 -0.32 -18.63 5.67
N HIS C 152 -1.18 -17.62 5.56
CA HIS C 152 -1.12 -16.51 6.46
C HIS C 152 -2.16 -16.87 7.51
N LEU C 153 -1.77 -17.67 8.49
CA LEU C 153 -2.80 -18.35 9.25
C LEU C 153 -3.38 -17.45 10.35
N TYR C 154 -4.70 -17.54 10.54
CA TYR C 154 -5.46 -16.81 11.58
C TYR C 154 -5.64 -15.32 11.30
N GLY C 155 -5.04 -14.84 10.19
CA GLY C 155 -4.93 -13.45 9.95
C GLY C 155 -3.54 -12.85 9.95
N GLN C 156 -2.53 -13.58 10.44
CA GLN C 156 -1.18 -13.07 10.46
C GLN C 156 -0.34 -13.30 9.21
N VAL C 157 0.25 -12.25 8.67
CA VAL C 157 1.13 -12.41 7.51
C VAL C 157 2.35 -13.21 7.98
N CYS C 158 2.75 -14.15 7.12
CA CYS C 158 3.98 -14.87 7.35
CA CYS C 158 3.99 -14.90 7.29
C CYS C 158 5.15 -14.02 6.88
N ASP C 159 6.22 -14.05 7.66
CA ASP C 159 7.45 -13.43 7.21
C ASP C 159 7.81 -14.11 5.89
N MET C 160 8.11 -13.29 4.88
CA MET C 160 8.28 -13.74 3.49
C MET C 160 9.74 -13.68 3.02
N GLU C 161 10.62 -13.03 3.79
CA GLU C 161 12.03 -12.85 3.41
C GLU C 161 12.70 -14.15 2.99
N LYS C 162 12.76 -15.13 3.90
CA LYS C 162 13.44 -16.39 3.67
C LYS C 162 12.69 -17.20 2.63
N ILE C 163 11.35 -17.10 2.61
CA ILE C 163 10.57 -17.84 1.63
C ILE C 163 10.85 -17.36 0.21
N GLN C 164 10.87 -16.05 0.01
CA GLN C 164 11.19 -15.46 -1.29
C GLN C 164 12.60 -15.84 -1.76
N LEU C 165 13.52 -15.88 -0.79
CA LEU C 165 14.89 -16.31 -1.08
C LEU C 165 14.97 -17.76 -1.53
N LEU C 166 14.33 -18.66 -0.79
CA LEU C 166 14.27 -20.04 -1.21
C LEU C 166 13.64 -20.25 -2.58
N ALA C 167 12.56 -19.51 -2.86
CA ALA C 167 11.89 -19.61 -4.15
C ALA C 167 12.81 -19.21 -5.29
N ASN C 168 13.64 -18.18 -5.10
CA ASN C 168 14.63 -17.81 -6.11
CA ASN C 168 14.62 -17.81 -6.11
C ASN C 168 15.69 -18.88 -6.24
N LYS C 169 16.20 -19.33 -5.12
CA LYS C 169 17.33 -20.28 -5.10
C LYS C 169 16.96 -21.61 -5.76
N TYR C 170 15.75 -22.12 -5.50
CA TYR C 170 15.39 -23.47 -5.94
C TYR C 170 14.36 -23.47 -7.07
N ASN C 171 14.08 -22.29 -7.63
CA ASN C 171 13.14 -22.09 -8.73
C ASN C 171 11.75 -22.67 -8.39
N LEU C 172 11.17 -22.16 -7.30
CA LEU C 172 9.90 -22.67 -6.81
C LEU C 172 8.83 -21.60 -6.92
N LYS C 173 7.59 -22.01 -7.09
CA LYS C 173 6.50 -21.09 -7.17
C LYS C 173 6.09 -20.81 -5.75
N ILE C 174 5.68 -19.58 -5.50
CA ILE C 174 5.13 -19.24 -4.19
C ILE C 174 3.62 -19.13 -4.39
N ILE C 175 2.90 -19.95 -3.63
CA ILE C 175 1.44 -20.00 -3.64
C ILE C 175 1.01 -19.51 -2.29
N GLU C 176 0.26 -18.41 -2.27
CA GLU C 176 -0.27 -17.93 -1.01
C GLU C 176 -1.70 -18.40 -0.81
N ASP C 177 -1.95 -19.00 0.35
CA ASP C 177 -3.28 -19.20 0.87
C ASP C 177 -3.71 -18.04 1.80
N CYS C 178 -4.57 -17.19 1.21
CA CYS C 178 -4.98 -15.99 1.83
C CYS C 178 -6.37 -16.03 2.47
N ALA C 179 -6.95 -17.22 2.64
CA ALA C 179 -8.32 -17.37 3.13
C ALA C 179 -8.59 -16.61 4.43
N GLN C 180 -7.58 -16.49 5.29
CA GLN C 180 -7.76 -16.01 6.67
C GLN C 180 -7.16 -14.62 6.90
N ALA C 181 -6.72 -13.96 5.84
CA ALA C 181 -5.81 -12.81 6.01
C ALA C 181 -5.99 -11.68 4.96
N HIS C 182 -7.21 -11.56 4.44
CA HIS C 182 -7.58 -10.46 3.53
C HIS C 182 -7.09 -9.12 4.02
N GLY C 183 -6.30 -8.42 3.23
CA GLY C 183 -5.92 -7.06 3.53
C GLY C 183 -4.66 -6.90 4.36
N ALA C 184 -4.12 -8.01 4.87
CA ALA C 184 -2.89 -7.86 5.67
C ALA C 184 -1.72 -7.41 4.81
N ILE C 185 -0.75 -6.78 5.44
CA ILE C 185 0.34 -6.08 4.75
C ILE C 185 1.67 -6.58 5.29
N TYR C 186 2.49 -7.10 4.39
CA TYR C 186 3.92 -7.35 4.62
C TYR C 186 4.75 -6.28 3.93
N LYS C 187 5.40 -5.46 4.75
CA LYS C 187 6.21 -4.37 4.24
C LYS C 187 5.40 -3.50 3.29
N ASP C 188 5.76 -3.48 2.02
CA ASP C 188 5.11 -2.58 1.06
C ASP C 188 3.98 -3.20 0.23
N LYS C 189 3.60 -4.43 0.54
CA LYS C 189 2.66 -5.20 -0.30
C LYS C 189 1.61 -5.89 0.53
N ARG C 190 0.40 -5.96 -0.01
CA ARG C 190 -0.68 -6.76 0.55
C ARG C 190 -0.48 -8.25 0.38
N VAL C 191 -0.92 -9.03 1.36
CA VAL C 191 -1.09 -10.46 1.05
C VAL C 191 -1.90 -10.59 -0.24
N GLY C 192 -1.48 -11.56 -1.07
CA GLY C 192 -2.07 -11.73 -2.40
C GLY C 192 -1.15 -11.23 -3.48
N ASN C 193 -0.19 -10.37 -3.10
CA ASN C 193 0.86 -9.90 -3.99
C ASN C 193 2.25 -10.21 -3.44
N LEU C 194 2.41 -11.33 -2.74
CA LEU C 194 3.68 -11.67 -2.08
C LEU C 194 4.36 -12.85 -2.75
N GLY C 195 3.65 -13.50 -3.66
CA GLY C 195 4.13 -14.70 -4.35
C GLY C 195 3.84 -14.61 -5.82
N ASP C 196 3.70 -15.79 -6.42
CA ASP C 196 3.40 -15.86 -7.86
C ASP C 196 1.91 -15.86 -8.13
N ALA C 197 1.18 -16.50 -7.23
CA ALA C 197 -0.26 -16.53 -7.25
C ALA C 197 -0.80 -16.80 -5.86
N ALA C 198 -1.99 -16.28 -5.64
CA ALA C 198 -2.67 -16.33 -4.33
C ALA C 198 -4.12 -16.81 -4.47
N GLY C 199 -4.55 -17.66 -3.53
CA GLY C 199 -5.92 -18.12 -3.41
C GLY C 199 -6.60 -17.38 -2.27
N PHE C 200 -7.79 -16.85 -2.54
CA PHE C 200 -8.67 -16.35 -1.49
C PHE C 200 -9.99 -17.12 -1.36
N SER C 201 -10.41 -17.35 -0.13
CA SER C 201 -11.76 -17.77 0.21
C SER C 201 -12.54 -16.52 0.59
N PHE C 202 -13.78 -16.45 0.11
CA PHE C 202 -14.75 -15.51 0.65
C PHE C 202 -15.94 -16.26 1.25
N TYR C 203 -15.67 -17.43 1.85
CA TYR C 203 -16.65 -18.04 2.73
C TYR C 203 -17.27 -16.98 3.64
N PRO C 204 -18.52 -17.21 4.08
CA PRO C 204 -19.17 -16.09 4.73
C PRO C 204 -18.52 -15.62 6.03
N GLY C 205 -17.86 -16.53 6.73
CA GLY C 205 -17.07 -16.18 7.94
C GLY C 205 -15.71 -15.56 7.71
N ALA C 206 -15.28 -15.44 6.47
CA ALA C 206 -13.99 -14.81 6.17
C ALA C 206 -14.03 -13.32 6.46
N ASN C 207 -12.87 -12.66 6.53
CA ASN C 207 -12.89 -11.25 6.90
C ASN C 207 -13.61 -10.39 5.87
N LEU C 208 -13.57 -10.84 4.63
CA LEU C 208 -14.47 -10.38 3.55
C LEU C 208 -15.28 -11.59 3.12
N GLY C 209 -16.50 -11.69 3.64
CA GLY C 209 -17.35 -12.84 3.44
C GLY C 209 -18.51 -12.64 2.48
N ALA C 210 -18.76 -13.66 1.65
CA ALA C 210 -19.91 -13.60 0.77
C ALA C 210 -21.17 -14.06 1.49
N LEU C 211 -22.30 -14.12 0.77
CA LEU C 211 -23.53 -14.71 1.29
C LEU C 211 -23.83 -16.05 0.63
N GLY C 212 -22.80 -16.91 0.62
CA GLY C 212 -22.75 -18.14 -0.16
C GLY C 212 -21.28 -18.50 -0.29
N ASP C 213 -20.96 -19.59 -0.98
CA ASP C 213 -19.57 -19.93 -1.25
C ASP C 213 -19.00 -19.04 -2.35
N ALA C 214 -17.74 -18.62 -2.19
CA ALA C 214 -17.10 -17.70 -3.16
C ALA C 214 -15.58 -17.72 -2.93
N GLY C 215 -14.80 -17.43 -3.96
CA GLY C 215 -13.37 -17.31 -3.77
C GLY C 215 -12.77 -16.57 -4.94
N CYS C 216 -11.45 -16.43 -4.92
CA CYS C 216 -10.77 -15.87 -6.09
C CYS C 216 -9.31 -16.23 -6.16
N ILE C 217 -8.71 -15.96 -7.31
CA ILE C 217 -7.28 -16.14 -7.54
C ILE C 217 -6.74 -14.76 -7.93
N CYS C 218 -5.60 -14.36 -7.36
CA CYS C 218 -4.94 -13.11 -7.67
C CYS C 218 -3.56 -13.41 -8.27
N THR C 219 -3.16 -12.67 -9.29
CA THR C 219 -1.83 -12.89 -9.86
C THR C 219 -1.45 -11.71 -10.72
N ASN C 220 -0.16 -11.55 -10.95
CA ASN C 220 0.28 -10.53 -11.91
C ASN C 220 0.53 -11.03 -13.31
N ASP C 221 0.51 -12.34 -13.49
CA ASP C 221 0.97 -12.87 -14.79
C ASP C 221 -0.18 -12.98 -15.78
N ASP C 222 -0.02 -12.33 -16.93
CA ASP C 222 -1.08 -12.30 -17.92
C ASP C 222 -1.49 -13.73 -18.32
N ASN C 223 -0.50 -14.53 -18.71
CA ASN C 223 -0.81 -15.79 -19.37
C ASN C 223 -1.41 -16.76 -18.35
N PHE C 224 -0.91 -16.68 -17.12
CA PHE C 224 -1.44 -17.52 -16.04
C PHE C 224 -2.89 -17.21 -15.78
N ALA C 225 -3.19 -15.91 -15.69
CA ALA C 225 -4.53 -15.41 -15.48
C ALA C 225 -5.48 -15.94 -16.55
N SER C 226 -5.11 -15.82 -17.82
CA SER C 226 -5.95 -16.31 -18.90
C SER C 226 -6.17 -17.82 -18.82
N LYS C 227 -5.15 -18.57 -18.39
CA LYS C 227 -5.24 -20.02 -18.30
C LYS C 227 -6.21 -20.37 -17.18
N ILE C 228 -6.11 -19.65 -16.08
CA ILE C 228 -6.97 -19.91 -14.94
C ILE C 228 -8.44 -19.65 -15.34
N ARG C 229 -8.72 -18.57 -16.07
CA ARG C 229 -10.09 -18.31 -16.44
C ARG C 229 -10.62 -19.46 -17.27
N ALA C 230 -9.86 -19.89 -18.26
CA ALA C 230 -10.29 -21.07 -19.01
C ALA C 230 -10.49 -22.28 -18.11
N LEU C 231 -9.54 -22.55 -17.23
CA LEU C 231 -9.61 -23.74 -16.39
C LEU C 231 -10.80 -23.80 -15.45
N ALA C 232 -11.34 -22.65 -15.08
CA ALA C 232 -12.46 -22.53 -14.10
C ALA C 232 -13.79 -22.46 -14.86
N ASN C 233 -13.70 -22.41 -16.20
CA ASN C 233 -14.88 -22.45 -17.08
C ASN C 233 -14.89 -23.69 -17.98
N TYR C 234 -14.86 -24.88 -17.38
CA TYR C 234 -14.78 -26.17 -18.07
C TYR C 234 -13.49 -26.45 -18.88
N GLY C 235 -12.56 -25.50 -18.87
CA GLY C 235 -11.42 -25.50 -19.77
C GLY C 235 -11.67 -24.74 -21.07
N SER C 236 -12.78 -24.01 -21.12
CA SER C 236 -13.16 -23.32 -22.33
C SER C 236 -12.67 -21.88 -22.33
N HIS C 237 -11.80 -21.58 -23.27
CA HIS C 237 -11.33 -20.23 -23.55
C HIS C 237 -12.26 -19.47 -24.50
N LYS C 238 -13.02 -20.24 -25.28
CA LYS C 238 -13.92 -19.68 -26.26
C LYS C 238 -15.14 -20.58 -26.36
N LYS C 239 -16.32 -20.03 -26.61
CA LYS C 239 -17.55 -20.80 -26.68
C LYS C 239 -17.43 -21.98 -27.64
N TYR C 240 -17.93 -23.15 -27.22
CA TYR C 240 -17.84 -24.40 -27.97
C TYR C 240 -16.53 -25.17 -27.88
N GLU C 241 -15.45 -24.49 -27.46
CA GLU C 241 -14.12 -25.06 -27.53
C GLU C 241 -13.47 -25.28 -26.18
N ASN C 242 -12.75 -26.38 -26.00
CA ASN C 242 -12.14 -26.67 -24.71
C ASN C 242 -10.68 -26.95 -24.87
N LEU C 243 -9.86 -26.01 -24.40
CA LEU C 243 -8.41 -26.13 -24.51
C LEU C 243 -7.82 -27.10 -23.51
N TYR C 244 -8.43 -27.11 -22.33
CA TYR C 244 -8.03 -27.92 -21.18
C TYR C 244 -9.18 -28.74 -20.68
N THR C 245 -8.83 -29.80 -19.95
CA THR C 245 -9.82 -30.47 -19.14
C THR C 245 -10.00 -29.67 -17.84
N GLY C 246 -10.92 -28.73 -17.83
CA GLY C 246 -11.15 -27.89 -16.66
C GLY C 246 -12.30 -28.30 -15.76
N LEU C 247 -12.67 -27.37 -14.89
CA LEU C 247 -13.68 -27.59 -13.86
C LEU C 247 -14.66 -26.44 -14.00
N ASN C 248 -15.75 -26.54 -13.27
CA ASN C 248 -16.72 -25.46 -13.25
C ASN C 248 -16.58 -24.76 -11.90
N SER C 249 -15.91 -23.62 -11.90
CA SER C 249 -15.60 -22.89 -10.67
C SER C 249 -15.74 -21.38 -10.85
N ARG C 250 -16.96 -20.89 -10.73
CA ARG C 250 -17.23 -19.50 -11.03
C ARG C 250 -17.81 -18.76 -9.81
N LEU C 251 -17.61 -17.46 -9.81
CA LEU C 251 -18.20 -16.51 -8.83
C LEU C 251 -19.53 -15.93 -9.36
N ASP C 252 -20.61 -16.29 -8.71
CA ASP C 252 -21.95 -15.84 -9.12
C ASP C 252 -21.99 -14.32 -9.07
N GLU C 253 -22.71 -13.72 -10.02
CA GLU C 253 -22.92 -12.29 -10.04
C GLU C 253 -23.46 -11.78 -8.71
N ILE C 254 -24.40 -12.47 -8.12
CA ILE C 254 -25.01 -11.93 -6.90
C ILE C 254 -23.90 -11.84 -5.84
N GLN C 255 -23.06 -12.88 -5.76
CA GLN C 255 -22.03 -12.89 -4.73
C GLN C 255 -20.94 -11.86 -5.02
N ALA C 256 -20.51 -11.71 -6.27
CA ALA C 256 -19.63 -10.61 -6.65
C ALA C 256 -20.15 -9.25 -6.22
N ALA C 257 -21.45 -9.03 -6.35
CA ALA C 257 -22.04 -7.74 -6.04
C ALA C 257 -22.02 -7.52 -4.53
N PHE C 258 -22.31 -8.56 -3.76
CA PHE C 258 -22.30 -8.45 -2.30
C PHE C 258 -20.90 -8.17 -1.76
N LEU C 259 -19.93 -8.88 -2.33
CA LEU C 259 -18.51 -8.71 -1.99
C LEU C 259 -18.02 -7.32 -2.34
N ASP C 260 -18.49 -6.78 -3.46
CA ASP C 260 -18.10 -5.44 -3.85
C ASP C 260 -18.57 -4.36 -2.89
N ILE C 261 -19.80 -4.48 -2.41
CA ILE C 261 -20.37 -3.58 -1.38
C ILE C 261 -19.48 -3.61 -0.13
N LYS C 262 -19.22 -4.82 0.36
CA LYS C 262 -18.48 -5.00 1.62
C LYS C 262 -16.98 -4.67 1.53
N LEU C 263 -16.41 -4.84 0.35
CA LEU C 263 -15.01 -4.48 0.15
C LEU C 263 -14.67 -3.03 0.49
N LYS C 264 -15.60 -2.10 0.27
CA LYS C 264 -15.39 -0.69 0.56
C LYS C 264 -15.19 -0.48 2.06
N TYR C 265 -15.58 -1.47 2.85
CA TYR C 265 -15.46 -1.41 4.32
C TYR C 265 -14.41 -2.35 4.93
N LEU C 266 -13.71 -3.06 4.07
CA LEU C 266 -12.81 -4.13 4.54
C LEU C 266 -11.67 -3.57 5.42
N ASP C 267 -10.96 -2.53 4.99
CA ASP C 267 -9.89 -1.94 5.80
C ASP C 267 -10.42 -1.45 7.13
N GLU C 268 -11.57 -0.80 7.12
CA GLU C 268 -12.12 -0.26 8.37
C GLU C 268 -12.48 -1.44 9.29
N ASP C 269 -13.07 -2.48 8.73
CA ASP C 269 -13.47 -3.67 9.50
C ASP C 269 -12.28 -4.41 10.10
N ASN C 270 -11.23 -4.63 9.31
CA ASN C 270 -9.99 -5.22 9.84
C ASN C 270 -9.40 -4.38 10.97
N ASN C 271 -9.46 -3.05 10.84
CA ASN C 271 -8.89 -2.17 11.84
C ASN C 271 -9.66 -2.26 13.14
N LYS C 272 -10.98 -2.39 13.04
CA LYS C 272 -11.84 -2.71 14.18
C LYS C 272 -11.50 -3.99 14.86
N ARG C 273 -11.22 -5.04 14.09
CA ARG C 273 -10.83 -6.31 14.66
C ARG C 273 -9.51 -6.11 15.37
N LYS C 274 -8.57 -5.40 14.75
CA LYS C 274 -7.33 -5.08 15.47
C LYS C 274 -7.60 -4.43 16.85
N ASN C 275 -8.54 -3.49 16.92
CA ASN C 275 -8.87 -2.80 18.17
C ASN C 275 -9.27 -3.81 19.23
N ILE C 276 -10.08 -4.79 18.83
CA ILE C 276 -10.59 -5.74 19.78
C ILE C 276 -9.51 -6.73 20.14
N ALA C 277 -8.76 -7.23 19.16
CA ALA C 277 -7.66 -8.12 19.47
C ALA C 277 -6.66 -7.46 20.42
N ASN C 278 -6.35 -6.19 20.19
CA ASN C 278 -5.49 -5.45 21.11
C ASN C 278 -6.05 -5.31 22.53
N PHE C 279 -7.37 -5.10 22.63
CA PHE C 279 -8.07 -5.16 23.93
C PHE C 279 -7.88 -6.49 24.64
N TYR C 280 -8.11 -7.59 23.93
CA TYR C 280 -7.86 -8.89 24.52
C TYR C 280 -6.38 -9.07 24.95
N LEU C 281 -5.44 -8.71 24.07
CA LEU C 281 -4.01 -8.87 24.36
C LEU C 281 -3.63 -8.08 25.61
N GLN C 282 -4.30 -6.95 25.81
CA GLN C 282 -3.96 -6.02 26.90
C GLN C 282 -4.66 -6.32 28.22
N ASN C 283 -5.82 -6.96 28.13
CA ASN C 283 -6.73 -7.09 29.28
C ASN C 283 -6.84 -8.48 29.91
N ILE C 284 -6.59 -9.53 29.12
CA ILE C 284 -6.60 -10.91 29.59
C ILE C 284 -5.30 -11.21 30.30
N LYS C 285 -5.41 -11.56 31.58
CA LYS C 285 -4.24 -11.84 32.39
C LYS C 285 -4.59 -13.13 33.07
N ASN C 286 -4.16 -14.25 32.49
CA ASN C 286 -4.43 -15.54 33.09
C ASN C 286 -3.22 -16.45 32.87
N GLU C 287 -2.62 -16.92 33.96
CA GLU C 287 -1.46 -17.80 33.90
C GLU C 287 -1.67 -19.12 33.14
N ASN C 288 -2.91 -19.54 32.94
CA ASN C 288 -3.23 -20.75 32.21
C ASN C 288 -3.43 -20.47 30.71
N ILE C 289 -3.24 -19.24 30.27
CA ILE C 289 -3.59 -18.87 28.87
C ILE C 289 -2.44 -18.11 28.22
N ILE C 290 -1.99 -18.64 27.09
CA ILE C 290 -1.04 -17.96 26.24
C ILE C 290 -1.77 -17.26 25.11
N LEU C 291 -1.53 -15.96 25.01
CA LEU C 291 -2.25 -15.09 24.08
C LEU C 291 -1.48 -15.08 22.75
N PRO C 292 -2.19 -14.78 21.66
CA PRO C 292 -1.58 -14.71 20.33
C PRO C 292 -0.90 -13.37 20.05
N SER C 293 0.15 -13.06 20.78
CA SER C 293 0.93 -11.85 20.54
C SER C 293 1.55 -11.88 19.16
N ASN C 294 1.18 -10.92 18.32
CA ASN C 294 1.55 -10.99 16.89
C ASN C 294 2.94 -10.45 16.66
N LYS C 295 3.67 -11.05 15.71
CA LYS C 295 5.04 -10.62 15.40
C LYS C 295 5.04 -9.79 14.13
N PHE C 296 4.00 -9.98 13.32
CA PHE C 296 3.83 -9.22 12.07
C PHE C 296 2.38 -8.79 11.93
N ASP C 297 2.06 -8.08 10.83
CA ASP C 297 0.72 -7.53 10.63
C ASP C 297 -0.30 -8.66 10.70
N HIS C 298 -1.38 -8.38 11.45
CA HIS C 298 -2.44 -9.34 11.75
C HIS C 298 -3.80 -8.67 11.56
N VAL C 299 -4.69 -9.28 10.77
CA VAL C 299 -6.06 -8.78 10.58
C VAL C 299 -7.09 -9.59 11.38
N TRP C 300 -6.63 -10.55 12.19
CA TRP C 300 -7.47 -11.14 13.21
C TRP C 300 -8.78 -11.71 12.70
N HIS C 301 -8.65 -12.55 11.68
CA HIS C 301 -9.77 -13.42 11.34
C HIS C 301 -10.17 -14.26 12.53
N LEU C 302 -9.16 -14.77 13.23
CA LEU C 302 -9.32 -15.63 14.40
C LEU C 302 -8.40 -15.15 15.53
N PHE C 303 -8.93 -15.20 16.75
CA PHE C 303 -8.18 -14.78 17.91
C PHE C 303 -7.98 -16.03 18.75
N VAL C 304 -6.78 -16.59 18.65
CA VAL C 304 -6.49 -17.94 19.06
C VAL C 304 -5.67 -17.92 20.34
N VAL C 305 -6.26 -18.46 21.41
CA VAL C 305 -5.58 -18.64 22.70
C VAL C 305 -5.14 -20.08 22.86
N LYS C 306 -4.14 -20.29 23.70
CA LYS C 306 -3.58 -21.61 23.89
C LYS C 306 -3.53 -21.91 25.41
N THR C 307 -4.10 -23.06 25.78
CA THR C 307 -4.11 -23.53 27.17
C THR C 307 -3.95 -25.05 27.28
N LYS C 308 -3.41 -25.52 28.40
CA LYS C 308 -3.33 -26.98 28.62
C LYS C 308 -4.70 -27.53 28.92
N LEU C 309 -5.62 -26.66 29.33
CA LEU C 309 -6.91 -27.08 29.82
C LEU C 309 -7.99 -26.60 28.84
N ARG C 310 -7.80 -26.97 27.58
CA ARG C 310 -8.56 -26.40 26.45
C ARG C 310 -10.04 -26.80 26.50
N ASP C 311 -10.33 -28.07 26.77
CA ASP C 311 -11.71 -28.54 26.74
C ASP C 311 -12.45 -27.96 27.92
N GLU C 312 -11.74 -27.87 29.05
CA GLU C 312 -12.27 -27.25 30.26
C GLU C 312 -12.62 -25.77 30.05
N LEU C 313 -11.72 -25.05 29.37
CA LEU C 313 -11.91 -23.63 29.11
C LEU C 313 -13.17 -23.45 28.26
N GLN C 314 -13.33 -24.30 27.26
CA GLN C 314 -14.51 -24.25 26.39
C GLN C 314 -15.82 -24.40 27.17
N HIS C 315 -15.85 -25.37 28.07
CA HIS C 315 -16.98 -25.59 28.98
C HIS C 315 -17.29 -24.38 29.85
N TYR C 316 -16.24 -23.81 30.46
CA TYR C 316 -16.37 -22.59 31.26
C TYR C 316 -17.04 -21.50 30.47
N LEU C 317 -16.56 -21.28 29.24
CA LEU C 317 -17.11 -20.21 28.42
C LEU C 317 -18.57 -20.51 28.05
N ASN C 318 -18.84 -21.75 27.63
CA ASN C 318 -20.21 -22.18 27.36
C ASN C 318 -21.18 -21.84 28.49
N ASN C 319 -20.69 -22.00 29.70
CA ASN C 319 -21.50 -21.80 30.90
C ASN C 319 -21.65 -20.34 31.29
N HIS C 320 -21.01 -19.46 30.52
CA HIS C 320 -21.30 -18.03 30.51
C HIS C 320 -21.99 -17.57 29.20
N ASP C 321 -22.44 -18.55 28.43
CA ASP C 321 -23.29 -18.29 27.27
C ASP C 321 -22.42 -17.63 26.20
N ILE C 322 -21.17 -18.10 26.16
CA ILE C 322 -20.19 -17.70 25.14
C ILE C 322 -19.86 -18.88 24.21
N GLN C 323 -20.17 -18.72 22.93
CA GLN C 323 -19.85 -19.71 21.91
C GLN C 323 -18.40 -19.58 21.46
N THR C 324 -17.65 -20.68 21.54
CA THR C 324 -16.35 -20.78 20.90
C THR C 324 -16.23 -21.94 19.90
N ILE C 325 -15.23 -21.84 19.04
CA ILE C 325 -14.88 -22.84 18.04
C ILE C 325 -13.40 -23.07 18.16
N ILE C 326 -12.96 -24.28 17.83
CA ILE C 326 -11.57 -24.65 17.80
C ILE C 326 -11.01 -24.61 16.38
N HIS C 327 -9.94 -23.86 16.22
CA HIS C 327 -9.19 -23.89 14.95
C HIS C 327 -7.74 -24.26 15.16
N TYR C 328 -7.40 -25.57 15.17
CA TYR C 328 -8.29 -26.70 14.91
C TYR C 328 -7.85 -27.82 15.89
N PRO C 329 -8.70 -28.83 16.17
CA PRO C 329 -8.39 -29.83 17.19
C PRO C 329 -7.64 -31.04 16.63
N ILE C 330 -7.75 -31.25 15.33
CA ILE C 330 -7.16 -32.41 14.69
C ILE C 330 -6.39 -31.96 13.46
N PRO C 331 -5.07 -32.23 13.46
CA PRO C 331 -4.28 -31.73 12.35
C PRO C 331 -4.41 -32.63 11.14
N PRO C 332 -4.14 -32.09 9.95
CA PRO C 332 -4.40 -32.83 8.74
C PRO C 332 -3.75 -34.21 8.69
N HIS C 333 -2.51 -34.30 9.14
CA HIS C 333 -1.79 -35.57 9.11
C HIS C 333 -2.38 -36.66 10.01
N LYS C 334 -3.14 -36.25 11.02
CA LYS C 334 -3.83 -37.20 11.89
C LYS C 334 -5.25 -37.57 11.42
N GLN C 335 -5.72 -37.01 10.30
CA GLN C 335 -7.08 -37.26 9.80
C GLN C 335 -7.22 -38.64 9.18
N LYS C 336 -8.43 -39.21 9.26
CA LYS C 336 -8.67 -40.54 8.74
C LYS C 336 -8.42 -40.51 7.23
N CYS C 337 -8.75 -39.39 6.57
CA CYS C 337 -8.51 -39.29 5.14
C CYS C 337 -7.05 -39.29 4.69
N TYR C 338 -6.14 -39.02 5.62
CA TYR C 338 -4.71 -39.06 5.33
C TYR C 338 -3.97 -40.16 6.07
N LYS C 339 -4.45 -41.39 5.96
CA LYS C 339 -3.85 -42.52 6.67
C LYS C 339 -2.35 -42.59 6.43
N ASP C 340 -1.96 -42.45 5.16
CA ASP C 340 -0.55 -42.39 4.80
C ASP C 340 0.32 -41.52 5.74
N LEU C 341 -0.26 -40.45 6.28
CA LEU C 341 0.46 -39.42 7.03
C LEU C 341 0.36 -39.53 8.55
N ASN C 342 -0.40 -40.49 9.06
CA ASN C 342 -0.76 -40.52 10.48
C ASN C 342 0.48 -40.77 11.35
N HIS C 343 1.47 -41.43 10.76
CA HIS C 343 2.68 -41.82 11.47
C HIS C 343 3.66 -40.67 11.68
N LEU C 344 3.44 -39.54 11.00
CA LEU C 344 4.44 -38.48 10.99
C LEU C 344 4.48 -37.85 12.37
N LYS C 345 5.70 -37.49 12.78
CA LYS C 345 5.94 -36.88 14.09
C LYS C 345 6.04 -35.36 13.95
N LEU C 346 4.94 -34.66 14.20
CA LEU C 346 4.98 -33.21 14.14
C LEU C 346 4.49 -32.68 15.47
N PRO C 347 5.31 -32.79 16.52
CA PRO C 347 4.83 -32.51 17.86
C PRO C 347 4.49 -31.06 18.15
N ILE C 348 5.08 -30.11 17.45
CA ILE C 348 4.66 -28.72 17.62
C ILE C 348 3.23 -28.58 17.09
N THR C 349 3.01 -29.13 15.91
CA THR C 349 1.70 -29.13 15.28
C THR C 349 0.65 -29.79 16.16
N GLU C 350 1.01 -30.94 16.71
CA GLU C 350 0.07 -31.72 17.48
C GLU C 350 -0.28 -30.99 18.77
N ASN C 351 0.73 -30.35 19.35
CA ASN C 351 0.53 -29.67 20.63
C ASN C 351 -0.38 -28.46 20.48
N ILE C 352 -0.15 -27.76 19.38
CA ILE C 352 -1.02 -26.64 19.04
C ILE C 352 -2.48 -27.09 18.99
N HIS C 353 -2.71 -28.13 18.21
CA HIS C 353 -4.05 -28.64 17.97
C HIS C 353 -4.65 -29.17 19.26
N GLN C 354 -3.82 -29.66 20.18
CA GLN C 354 -4.36 -29.99 21.52
C GLN C 354 -4.79 -28.85 22.43
N GLU C 355 -4.26 -27.67 22.18
CA GLU C 355 -4.35 -26.57 23.15
C GLU C 355 -5.05 -25.28 22.70
N VAL C 356 -5.40 -25.14 21.42
CA VAL C 356 -5.89 -23.87 20.91
C VAL C 356 -7.41 -23.82 21.02
N LEU C 357 -7.91 -22.61 21.24
CA LEU C 357 -9.33 -22.30 21.20
C LEU C 357 -9.45 -20.87 20.67
N SER C 358 -10.47 -20.60 19.86
CA SER C 358 -10.73 -19.27 19.36
C SER C 358 -11.84 -18.50 20.11
N LEU C 359 -11.55 -17.25 20.43
CA LEU C 359 -12.47 -16.36 21.11
C LEU C 359 -13.31 -15.52 20.12
N PRO C 360 -14.55 -15.17 20.47
CA PRO C 360 -15.32 -14.33 19.57
C PRO C 360 -14.65 -12.99 19.22
N ILE C 361 -14.68 -12.64 17.93
CA ILE C 361 -14.13 -11.37 17.51
C ILE C 361 -14.82 -11.04 16.17
N SER C 362 -15.25 -9.81 16.00
CA SER C 362 -15.82 -9.41 14.70
C SER C 362 -15.72 -7.93 14.59
N PRO C 363 -15.86 -7.37 13.39
CA PRO C 363 -15.78 -5.91 13.36
C PRO C 363 -16.92 -5.14 13.99
N THR C 364 -18.04 -5.82 14.21
CA THR C 364 -19.21 -5.19 14.77
C THR C 364 -19.41 -5.50 16.27
N MET C 365 -18.53 -6.32 16.84
CA MET C 365 -18.71 -6.84 18.19
C MET C 365 -18.80 -5.72 19.20
N LYS C 366 -19.73 -5.87 20.16
CA LYS C 366 -20.00 -4.80 21.10
C LYS C 366 -19.00 -4.80 22.25
N GLU C 367 -18.63 -3.60 22.66
CA GLU C 367 -17.79 -3.40 23.83
C GLU C 367 -18.22 -4.23 25.04
N ASN C 368 -19.53 -4.24 25.33
CA ASN C 368 -20.05 -5.06 26.42
C ASN C 368 -19.63 -6.52 26.30
N ASP C 369 -19.55 -6.99 25.06
CA ASP C 369 -19.33 -8.41 24.82
C ASP C 369 -17.84 -8.80 24.93
N PHE C 370 -16.95 -7.99 24.40
CA PHE C 370 -15.54 -8.27 24.58
C PHE C 370 -14.99 -8.02 26.00
N LYS C 371 -15.56 -7.04 26.68
CA LYS C 371 -15.29 -6.81 28.10
C LYS C 371 -15.65 -8.05 28.90
N LYS C 372 -16.86 -8.57 28.66
CA LYS C 372 -17.32 -9.79 29.31
C LYS C 372 -16.33 -10.93 29.14
N VAL C 373 -15.79 -11.08 27.92
CA VAL C 373 -15.01 -12.26 27.60
C VAL C 373 -13.70 -12.13 28.40
N ALA C 374 -13.07 -10.96 28.39
CA ALA C 374 -11.84 -10.74 29.17
C ALA C 374 -12.13 -10.91 30.68
N ASP C 375 -13.20 -10.26 31.15
CA ASP C 375 -13.61 -10.33 32.58
C ASP C 375 -13.81 -11.76 33.07
N ILE C 376 -14.49 -12.56 32.27
CA ILE C 376 -14.74 -13.95 32.62
C ILE C 376 -13.44 -14.75 32.59
N LEU C 377 -12.61 -14.52 31.57
CA LEU C 377 -11.31 -15.19 31.52
C LEU C 377 -10.40 -14.83 32.69
N ASN C 378 -10.57 -13.62 33.22
CA ASN C 378 -9.71 -13.10 34.28
C ASN C 378 -10.11 -13.69 35.62
N LYS C 379 -11.25 -14.37 35.69
CA LYS C 379 -11.63 -15.10 36.90
C LYS C 379 -11.32 -16.59 36.77
N TRP C 380 -10.87 -17.03 35.60
CA TRP C 380 -10.84 -18.46 35.38
C TRP C 380 -9.69 -19.16 36.11
N LYS C 381 -9.97 -19.84 37.22
CA LYS C 381 -8.91 -20.48 38.00
C LYS C 381 -7.82 -19.55 38.54
N VAL C 382 -8.07 -18.23 38.52
CA VAL C 382 -7.09 -17.26 39.02
C VAL C 382 -7.69 -16.34 40.08
N HIS D 22 -35.33 -8.27 -30.76
CA HIS D 22 -34.58 -9.50 -31.10
C HIS D 22 -35.27 -10.62 -30.35
N MET D 23 -35.40 -11.77 -31.00
CA MET D 23 -35.83 -12.96 -30.30
C MET D 23 -34.60 -13.63 -29.71
N PHE D 24 -34.58 -13.64 -28.38
CA PHE D 24 -33.54 -14.32 -27.61
C PHE D 24 -33.75 -15.81 -27.69
N PHE D 25 -32.63 -16.53 -27.58
CA PHE D 25 -32.64 -17.96 -27.62
C PHE D 25 -33.35 -18.48 -26.38
N LEU D 26 -32.98 -17.88 -25.26
CA LEU D 26 -33.59 -18.17 -23.97
C LEU D 26 -33.59 -16.85 -23.17
N ASN D 27 -34.77 -16.27 -23.05
CA ASN D 27 -34.95 -15.02 -22.35
C ASN D 27 -35.20 -15.32 -20.87
N LEU D 28 -34.11 -15.48 -20.10
CA LEU D 28 -34.25 -15.89 -18.71
C LEU D 28 -34.87 -14.80 -17.86
N LYS D 29 -34.67 -13.55 -18.23
CA LYS D 29 -35.32 -12.46 -17.51
C LYS D 29 -36.83 -12.67 -17.61
N GLN D 30 -37.32 -13.04 -18.79
CA GLN D 30 -38.76 -13.29 -18.95
C GLN D 30 -39.25 -14.49 -18.15
N ILE D 31 -38.42 -15.54 -18.09
CA ILE D 31 -38.75 -16.73 -17.33
C ILE D 31 -38.79 -16.43 -15.85
N ASN D 32 -37.83 -15.61 -15.41
CA ASN D 32 -37.62 -15.42 -13.99
C ASN D 32 -38.50 -14.29 -13.47
N ASP D 33 -38.89 -13.34 -14.32
CA ASP D 33 -39.67 -12.19 -13.84
C ASP D 33 -40.96 -12.61 -13.12
N ARG D 34 -41.48 -13.78 -13.47
CA ARG D 34 -42.71 -14.34 -12.90
C ARG D 34 -42.59 -14.49 -11.40
N PHE D 35 -41.34 -14.57 -10.96
CA PHE D 35 -41.01 -14.97 -9.61
C PHE D 35 -40.33 -13.88 -8.80
N ASN D 36 -40.14 -12.69 -9.35
CA ASN D 36 -39.28 -11.73 -8.69
C ASN D 36 -39.71 -11.41 -7.25
N THR D 37 -41.02 -11.25 -7.02
CA THR D 37 -41.49 -10.84 -5.71
CA THR D 37 -41.50 -10.83 -5.70
C THR D 37 -41.14 -11.93 -4.70
N GLU D 38 -41.32 -13.18 -5.10
CA GLU D 38 -41.06 -14.29 -4.20
C GLU D 38 -39.56 -14.42 -3.96
N PHE D 39 -38.77 -14.21 -5.01
CA PHE D 39 -37.31 -14.23 -4.91
C PHE D 39 -36.83 -13.20 -3.86
N ILE D 40 -37.28 -11.96 -3.98
CA ILE D 40 -36.93 -10.86 -3.09
C ILE D 40 -37.39 -11.15 -1.67
N THR D 41 -38.63 -11.60 -1.47
CA THR D 41 -39.09 -12.11 -0.16
C THR D 41 -38.19 -13.19 0.49
N LYS D 42 -37.86 -14.23 -0.25
CA LYS D 42 -36.99 -15.28 0.28
C LYS D 42 -35.56 -14.85 0.58
N PHE D 43 -34.98 -13.98 -0.25
CA PHE D 43 -33.69 -13.36 0.03
C PHE D 43 -33.76 -12.62 1.38
N LYS D 44 -34.85 -11.89 1.60
CA LYS D 44 -34.97 -11.14 2.84
C LYS D 44 -35.07 -12.07 4.04
N GLU D 45 -35.77 -13.19 3.85
CA GLU D 45 -35.95 -14.19 4.92
C GLU D 45 -34.57 -14.77 5.26
N ILE D 46 -33.74 -14.99 4.23
CA ILE D 46 -32.44 -15.58 4.44
C ILE D 46 -31.50 -14.58 5.13
N LEU D 47 -31.61 -13.30 4.74
CA LEU D 47 -30.84 -12.26 5.43
C LEU D 47 -31.26 -12.30 6.91
N GLU D 48 -32.57 -12.39 7.15
CA GLU D 48 -33.04 -12.42 8.54
C GLU D 48 -32.59 -13.66 9.32
N SER D 49 -32.26 -14.75 8.64
CA SER D 49 -31.85 -15.98 9.32
C SER D 49 -30.38 -15.89 9.75
N GLY D 50 -29.61 -15.08 9.02
CA GLY D 50 -28.17 -15.08 9.15
C GLY D 50 -27.39 -16.33 8.76
N TRP D 51 -28.05 -17.21 7.99
CA TRP D 51 -27.51 -18.49 7.60
C TRP D 51 -27.55 -18.64 6.07
N TYR D 52 -26.38 -18.83 5.47
CA TYR D 52 -26.24 -18.74 4.02
C TYR D 52 -25.80 -20.05 3.41
N ILE D 53 -25.30 -20.98 4.22
CA ILE D 53 -24.71 -22.23 3.71
C ILE D 53 -25.29 -23.38 4.53
N LEU D 54 -25.73 -24.44 3.87
CA LEU D 54 -26.15 -25.65 4.57
C LEU D 54 -27.17 -25.40 5.67
N GLY D 55 -28.27 -24.76 5.32
CA GLY D 55 -29.33 -24.37 6.25
C GLY D 55 -30.68 -24.94 5.89
N LYS D 56 -31.71 -24.24 6.38
CA LYS D 56 -33.07 -24.73 6.22
C LYS D 56 -33.51 -24.68 4.77
N GLN D 57 -33.06 -23.71 3.97
CA GLN D 57 -33.49 -23.63 2.57
C GLN D 57 -32.96 -24.79 1.73
N CYS D 58 -31.70 -25.12 1.95
CA CYS D 58 -31.11 -26.28 1.32
CA CYS D 58 -31.09 -26.31 1.36
C CYS D 58 -31.86 -27.55 1.75
N GLU D 59 -32.14 -27.70 3.06
CA GLU D 59 -32.84 -28.88 3.52
C GLU D 59 -34.24 -29.01 2.87
N LYS D 60 -34.92 -27.87 2.75
CA LYS D 60 -36.28 -27.81 2.18
C LYS D 60 -36.24 -28.16 0.69
N PHE D 61 -35.36 -27.50 -0.04
CA PHE D 61 -35.30 -27.78 -1.47
C PHE D 61 -34.88 -29.24 -1.68
N GLU D 62 -33.85 -29.73 -0.98
CA GLU D 62 -33.50 -31.13 -1.15
C GLU D 62 -34.69 -32.04 -0.95
N ASN D 63 -35.43 -31.81 0.14
CA ASN D 63 -36.54 -32.67 0.46
C ASN D 63 -37.59 -32.63 -0.63
N ASN D 64 -37.87 -31.44 -1.15
CA ASN D 64 -38.86 -31.28 -2.21
C ASN D 64 -38.41 -31.84 -3.58
N PHE D 65 -37.16 -31.65 -3.96
CA PHE D 65 -36.66 -32.22 -5.17
C PHE D 65 -36.55 -33.75 -5.10
N ALA D 66 -36.15 -34.33 -3.97
CA ALA D 66 -36.23 -35.79 -3.78
C ALA D 66 -37.65 -36.31 -4.02
N LYS D 67 -38.66 -35.62 -3.48
CA LYS D 67 -40.03 -36.05 -3.67
C LYS D 67 -40.41 -35.92 -5.15
N TYR D 68 -39.97 -34.85 -5.79
CA TYR D 68 -40.31 -34.65 -7.19
C TYR D 68 -39.76 -35.77 -8.06
N CYS D 69 -38.49 -36.16 -7.79
CA CYS D 69 -37.85 -37.30 -8.46
C CYS D 69 -38.25 -38.70 -8.03
N GLY D 70 -38.98 -38.78 -6.92
CA GLY D 70 -39.33 -40.03 -6.29
C GLY D 70 -38.16 -40.78 -5.71
N VAL D 71 -37.12 -40.06 -5.28
CA VAL D 71 -35.95 -40.70 -4.68
C VAL D 71 -35.93 -40.46 -3.18
N LYS D 72 -35.16 -41.26 -2.45
CA LYS D 72 -35.06 -41.06 -0.99
C LYS D 72 -34.19 -39.84 -0.59
N HIS D 73 -33.14 -39.56 -1.34
CA HIS D 73 -32.10 -38.62 -0.93
C HIS D 73 -31.76 -37.69 -2.10
N CYS D 74 -31.68 -36.39 -1.79
CA CYS D 74 -31.13 -35.37 -2.66
C CYS D 74 -30.10 -34.57 -1.89
N ILE D 75 -28.91 -34.47 -2.47
CA ILE D 75 -27.83 -33.69 -1.93
C ILE D 75 -27.54 -32.48 -2.81
N GLY D 76 -27.78 -31.27 -2.31
CA GLY D 76 -27.47 -30.06 -3.07
C GLY D 76 -25.95 -29.94 -3.24
N VAL D 77 -25.47 -29.64 -4.46
CA VAL D 77 -24.05 -29.41 -4.68
C VAL D 77 -23.85 -28.16 -5.54
N ALA D 78 -22.62 -27.87 -5.97
CA ALA D 78 -22.31 -26.57 -6.52
C ALA D 78 -22.69 -26.38 -7.98
N ASN D 79 -22.69 -27.47 -8.75
CA ASN D 79 -23.05 -27.42 -10.17
C ASN D 79 -23.20 -28.84 -10.74
N GLY D 80 -23.66 -29.00 -11.97
CA GLY D 80 -23.79 -30.35 -12.52
C GLY D 80 -22.51 -31.13 -12.78
N LEU D 81 -21.43 -30.44 -13.11
CA LEU D 81 -20.17 -31.11 -13.35
C LEU D 81 -19.67 -31.70 -12.04
N ASP D 82 -19.71 -30.89 -10.99
CA ASP D 82 -19.36 -31.36 -9.64
C ASP D 82 -20.21 -32.58 -9.29
N ALA D 83 -21.52 -32.52 -9.53
CA ALA D 83 -22.45 -33.60 -9.23
C ALA D 83 -21.95 -34.93 -9.79
N LEU D 84 -21.57 -34.94 -11.06
CA LEU D 84 -21.07 -36.15 -11.65
C LEU D 84 -19.70 -36.55 -11.17
N ARG D 85 -18.83 -35.57 -10.96
CA ARG D 85 -17.46 -35.84 -10.57
C ARG D 85 -17.51 -36.47 -9.18
N LEU D 86 -18.41 -35.99 -8.32
CA LEU D 86 -18.54 -36.55 -6.95
C LEU D 86 -19.10 -37.98 -6.92
N ILE D 87 -20.10 -38.23 -7.75
CA ILE D 87 -20.67 -39.58 -7.87
C ILE D 87 -19.57 -40.58 -8.21
N ILE D 88 -18.78 -40.25 -9.23
CA ILE D 88 -17.69 -41.10 -9.64
C ILE D 88 -16.61 -41.23 -8.55
N LYS D 89 -16.32 -40.10 -7.91
CA LYS D 89 -15.31 -40.01 -6.86
C LYS D 89 -15.70 -40.98 -5.76
N ALA D 90 -16.98 -40.97 -5.43
CA ALA D 90 -17.53 -41.76 -4.32
C ALA D 90 -17.43 -43.25 -4.56
N TYR D 91 -17.42 -43.67 -5.83
CA TYR D 91 -17.31 -45.07 -6.17
C TYR D 91 -15.88 -45.60 -6.02
N ASP D 92 -14.93 -44.68 -5.99
CA ASP D 92 -13.52 -45.00 -5.71
C ASP D 92 -13.07 -46.09 -6.68
N PHE D 93 -13.15 -45.79 -7.96
CA PHE D 93 -12.74 -46.73 -9.00
C PHE D 93 -11.20 -46.69 -9.14
N LYS D 94 -10.57 -47.72 -9.69
CA LYS D 94 -9.13 -47.71 -9.94
C LYS D 94 -8.82 -46.91 -11.20
N GLU D 95 -7.57 -46.45 -11.32
CA GLU D 95 -7.17 -45.69 -12.50
C GLU D 95 -7.35 -46.55 -13.72
N ASN D 96 -7.84 -45.93 -14.79
CA ASN D 96 -8.19 -46.61 -16.04
C ASN D 96 -9.40 -47.52 -16.03
N ASP D 97 -10.14 -47.60 -14.92
CA ASP D 97 -11.42 -48.26 -14.90
C ASP D 97 -12.26 -47.53 -15.93
N GLU D 98 -13.17 -48.26 -16.57
CA GLU D 98 -13.83 -47.74 -17.76
C GLU D 98 -15.29 -47.37 -17.47
N ILE D 99 -15.72 -46.27 -18.06
CA ILE D 99 -17.07 -45.80 -17.89
C ILE D 99 -17.64 -45.60 -19.30
N ILE D 100 -18.68 -46.36 -19.58
CA ILE D 100 -19.36 -46.30 -20.86
C ILE D 100 -20.21 -45.01 -20.87
N VAL D 101 -20.22 -44.26 -21.97
CA VAL D 101 -20.85 -42.93 -21.99
C VAL D 101 -21.14 -42.57 -23.46
N PRO D 102 -22.25 -41.85 -23.74
CA PRO D 102 -22.43 -41.37 -25.10
C PRO D 102 -21.35 -40.45 -25.57
N ALA D 103 -20.98 -40.69 -26.82
CA ALA D 103 -20.08 -39.81 -27.54
C ALA D 103 -20.60 -38.39 -27.80
N ASN D 104 -21.91 -38.19 -27.89
CA ASN D 104 -22.43 -36.94 -28.40
C ASN D 104 -22.97 -36.01 -27.33
N THR D 105 -22.75 -36.41 -26.07
CA THR D 105 -23.15 -35.58 -24.94
C THR D 105 -22.24 -34.35 -24.84
N TYR D 106 -22.68 -33.41 -24.01
CA TYR D 106 -21.87 -32.29 -23.66
C TYR D 106 -20.59 -32.67 -22.96
N ILE D 107 -19.51 -31.92 -23.23
CA ILE D 107 -18.20 -32.27 -22.72
C ILE D 107 -18.12 -32.48 -21.22
N ALA D 108 -18.94 -31.78 -20.44
CA ALA D 108 -18.87 -31.97 -18.99
C ALA D 108 -19.14 -33.38 -18.57
N SER D 109 -20.00 -34.12 -19.29
CA SER D 109 -20.22 -35.53 -18.95
C SER D 109 -18.88 -36.29 -18.92
N ILE D 110 -18.04 -35.97 -19.90
CA ILE D 110 -16.78 -36.65 -20.11
C ILE D 110 -15.72 -36.12 -19.12
N LEU D 111 -15.68 -34.80 -18.91
CA LEU D 111 -14.80 -34.22 -17.88
C LEU D 111 -14.92 -34.89 -16.50
N ALA D 112 -16.13 -35.23 -16.07
CA ALA D 112 -16.30 -35.92 -14.78
C ALA D 112 -15.61 -37.27 -14.72
N ILE D 113 -15.55 -37.95 -15.87
CA ILE D 113 -14.99 -39.30 -15.97
C ILE D 113 -13.48 -39.18 -15.89
N THR D 114 -12.92 -38.34 -16.72
CA THR D 114 -11.47 -38.28 -16.78
C THR D 114 -10.85 -37.56 -15.59
N ASP D 115 -11.55 -36.63 -14.93
CA ASP D 115 -11.07 -35.94 -13.71
C ASP D 115 -10.80 -36.96 -12.62
N ASN D 116 -11.59 -38.02 -12.59
CA ASN D 116 -11.38 -39.16 -11.69
C ASN D 116 -10.44 -40.25 -12.27
N LYS D 117 -9.71 -39.92 -13.33
CA LYS D 117 -8.82 -40.86 -14.05
C LYS D 117 -9.45 -42.18 -14.44
N CYS D 118 -10.74 -42.14 -14.78
CA CYS D 118 -11.38 -43.21 -15.46
C CYS D 118 -11.28 -42.97 -16.96
N LYS D 119 -11.47 -44.06 -17.70
CA LYS D 119 -11.40 -44.00 -19.15
C LYS D 119 -12.84 -43.88 -19.69
N PRO D 120 -13.16 -42.82 -20.48
CA PRO D 120 -14.46 -42.81 -21.12
C PRO D 120 -14.50 -43.73 -22.35
N ILE D 121 -15.51 -44.58 -22.44
CA ILE D 121 -15.68 -45.46 -23.57
C ILE D 121 -16.89 -44.90 -24.31
N LEU D 122 -16.59 -44.31 -25.46
CA LEU D 122 -17.56 -43.47 -26.17
C LEU D 122 -18.41 -44.27 -27.15
N ILE D 123 -19.72 -44.18 -26.98
CA ILE D 123 -20.71 -44.99 -27.69
C ILE D 123 -21.54 -44.06 -28.59
N GLU D 124 -21.83 -44.51 -29.80
CA GLU D 124 -22.61 -43.68 -30.67
C GLU D 124 -24.07 -43.59 -30.19
N PRO D 125 -24.71 -42.46 -30.45
CA PRO D 125 -26.14 -42.31 -30.26
C PRO D 125 -26.96 -42.97 -31.36
N ASP D 126 -28.21 -43.24 -31.03
CA ASP D 126 -29.27 -43.49 -32.00
C ASP D 126 -29.64 -42.17 -32.69
N ILE D 127 -29.47 -42.10 -34.01
CA ILE D 127 -29.96 -40.94 -34.75
C ILE D 127 -31.42 -40.57 -34.53
N ASN D 128 -32.26 -41.53 -34.13
CA ASN D 128 -33.67 -41.24 -33.84
C ASN D 128 -34.01 -40.82 -32.40
N THR D 129 -32.99 -40.69 -31.56
CA THR D 129 -33.21 -40.22 -30.20
C THR D 129 -32.15 -39.23 -29.71
N TYR D 130 -31.02 -39.14 -30.42
CA TYR D 130 -29.83 -38.41 -29.98
C TYR D 130 -29.26 -38.90 -28.64
N ASN D 131 -29.72 -40.04 -28.18
CA ASN D 131 -29.31 -40.62 -26.90
C ASN D 131 -28.50 -41.86 -27.26
N ILE D 132 -27.62 -42.28 -26.33
CA ILE D 132 -26.84 -43.46 -26.47
C ILE D 132 -27.65 -44.64 -27.01
N ASN D 133 -27.09 -45.30 -28.02
CA ASN D 133 -27.74 -46.47 -28.57
C ASN D 133 -27.50 -47.70 -27.68
N PRO D 134 -28.54 -48.16 -26.98
CA PRO D 134 -28.32 -49.30 -26.08
C PRO D 134 -27.77 -50.58 -26.77
N ASP D 135 -28.06 -50.77 -28.05
CA ASP D 135 -27.59 -51.93 -28.78
C ASP D 135 -26.10 -51.88 -29.10
N LEU D 136 -25.42 -50.76 -28.81
CA LEU D 136 -24.00 -50.61 -29.10
C LEU D 136 -23.15 -50.68 -27.83
N ILE D 137 -23.79 -50.89 -26.69
CA ILE D 137 -23.08 -50.94 -25.41
C ILE D 137 -22.33 -52.24 -25.10
N GLU D 138 -22.96 -53.39 -25.31
CA GLU D 138 -22.42 -54.64 -24.79
C GLU D 138 -21.07 -54.97 -25.42
N GLU D 139 -20.93 -54.70 -26.70
CA GLU D 139 -19.71 -55.01 -27.45
C GLU D 139 -18.46 -54.32 -26.88
N LYS D 140 -18.67 -53.20 -26.18
CA LYS D 140 -17.62 -52.38 -25.61
C LYS D 140 -17.40 -52.63 -24.11
N ILE D 141 -18.19 -53.51 -23.50
CA ILE D 141 -17.89 -53.94 -22.14
C ILE D 141 -16.66 -54.84 -22.04
N THR D 142 -15.80 -54.53 -21.08
CA THR D 142 -14.61 -55.30 -20.75
C THR D 142 -14.53 -55.59 -19.24
N LYS D 143 -13.46 -56.27 -18.82
CA LYS D 143 -13.23 -56.54 -17.40
C LYS D 143 -13.10 -55.29 -16.54
N LYS D 144 -12.68 -54.21 -17.18
CA LYS D 144 -12.44 -52.95 -16.52
C LYS D 144 -13.70 -52.08 -16.47
N THR D 145 -14.82 -52.52 -17.03
CA THR D 145 -15.95 -51.58 -17.15
C THR D 145 -16.53 -51.56 -15.74
N LYS D 146 -16.79 -50.37 -15.21
CA LYS D 146 -17.39 -50.29 -13.89
C LYS D 146 -18.73 -49.56 -13.89
N ALA D 147 -19.01 -48.77 -14.92
CA ALA D 147 -20.23 -47.99 -14.89
C ALA D 147 -20.68 -47.67 -16.30
N ILE D 148 -21.97 -47.40 -16.42
CA ILE D 148 -22.51 -46.77 -17.61
C ILE D 148 -23.05 -45.42 -17.19
N MET D 149 -22.59 -44.35 -17.82
CA MET D 149 -23.17 -43.01 -17.65
C MET D 149 -24.16 -42.74 -18.81
N VAL D 150 -25.43 -42.75 -18.45
CA VAL D 150 -26.51 -42.34 -19.33
C VAL D 150 -26.69 -40.84 -19.27
N VAL D 151 -26.95 -40.25 -20.44
CA VAL D 151 -27.26 -38.85 -20.54
C VAL D 151 -28.61 -38.64 -21.24
N HIS D 152 -29.52 -37.94 -20.57
CA HIS D 152 -30.86 -37.75 -21.12
C HIS D 152 -30.81 -36.48 -21.98
N LEU D 153 -30.31 -36.62 -23.20
CA LEU D 153 -29.88 -35.43 -23.93
C LEU D 153 -31.05 -34.66 -24.57
N TYR D 154 -30.95 -33.34 -24.46
CA TYR D 154 -31.90 -32.36 -24.98
C TYR D 154 -33.25 -32.27 -24.25
N GLY D 155 -33.45 -33.16 -23.28
CA GLY D 155 -34.73 -33.36 -22.60
C GLY D 155 -35.38 -34.72 -22.71
N GLN D 156 -34.85 -35.58 -23.57
CA GLN D 156 -35.46 -36.86 -23.76
C GLN D 156 -34.79 -37.89 -22.89
N VAL D 157 -35.61 -38.62 -22.16
CA VAL D 157 -35.12 -39.73 -21.34
C VAL D 157 -34.56 -40.84 -22.22
N CYS D 158 -33.46 -41.44 -21.75
N CYS D 158 -33.47 -41.45 -21.78
CA CYS D 158 -32.82 -42.59 -22.37
CA CYS D 158 -32.86 -42.54 -22.51
C CYS D 158 -33.68 -43.86 -22.30
C CYS D 158 -33.64 -43.83 -22.31
N ASP D 159 -33.53 -44.72 -23.29
CA ASP D 159 -34.21 -46.00 -23.31
C ASP D 159 -33.49 -46.96 -22.37
N MET D 160 -33.90 -46.97 -21.10
CA MET D 160 -33.16 -47.62 -20.02
C MET D 160 -33.31 -49.14 -19.96
N GLU D 161 -34.34 -49.72 -20.56
CA GLU D 161 -34.60 -51.17 -20.43
C GLU D 161 -33.36 -52.06 -20.58
N LYS D 162 -32.71 -51.98 -21.73
CA LYS D 162 -31.52 -52.76 -22.03
C LYS D 162 -30.31 -52.36 -21.17
N ILE D 163 -30.25 -51.07 -20.88
CA ILE D 163 -29.18 -50.55 -20.05
C ILE D 163 -29.22 -51.14 -18.65
N GLN D 164 -30.40 -51.19 -18.03
CA GLN D 164 -30.55 -51.87 -16.74
C GLN D 164 -30.12 -53.34 -16.79
N LEU D 165 -30.58 -54.06 -17.82
CA LEU D 165 -30.18 -55.46 -17.97
C LEU D 165 -28.68 -55.69 -18.03
N LEU D 166 -28.01 -54.89 -18.86
CA LEU D 166 -26.56 -54.87 -18.98
C LEU D 166 -25.87 -54.57 -17.65
N ALA D 167 -26.37 -53.60 -16.88
CA ALA D 167 -25.78 -53.28 -15.59
C ALA D 167 -25.94 -54.42 -14.59
N ASN D 168 -27.09 -55.06 -14.61
CA ASN D 168 -27.30 -56.20 -13.72
C ASN D 168 -26.38 -57.32 -14.16
N LYS D 169 -26.33 -57.59 -15.46
CA LYS D 169 -25.46 -58.64 -16.04
C LYS D 169 -23.96 -58.58 -15.73
N TYR D 170 -23.38 -57.38 -15.84
CA TYR D 170 -21.96 -57.16 -15.64
C TYR D 170 -21.59 -56.40 -14.36
N ASN D 171 -22.55 -56.29 -13.43
CA ASN D 171 -22.29 -55.66 -12.14
C ASN D 171 -21.78 -54.23 -12.27
N LEU D 172 -22.45 -53.42 -13.08
CA LEU D 172 -22.03 -52.06 -13.34
C LEU D 172 -22.89 -51.10 -12.54
N LYS D 173 -22.36 -49.92 -12.23
CA LYS D 173 -23.14 -48.80 -11.76
C LYS D 173 -23.77 -48.04 -12.94
N ILE D 174 -25.00 -47.60 -12.73
CA ILE D 174 -25.68 -46.70 -13.65
C ILE D 174 -25.64 -45.31 -13.04
N ILE D 175 -25.03 -44.39 -13.77
CA ILE D 175 -24.89 -43.01 -13.35
C ILE D 175 -25.73 -42.22 -14.37
N GLU D 176 -26.73 -41.49 -13.89
CA GLU D 176 -27.50 -40.60 -14.74
C GLU D 176 -27.00 -39.16 -14.74
N ASP D 177 -26.83 -38.62 -15.96
CA ASP D 177 -26.61 -37.21 -16.13
C ASP D 177 -27.91 -36.57 -16.60
N CYS D 178 -28.51 -35.83 -15.69
CA CYS D 178 -29.89 -35.35 -15.86
C CYS D 178 -29.98 -33.87 -16.10
N ALA D 179 -28.83 -33.25 -16.36
CA ALA D 179 -28.71 -31.81 -16.55
C ALA D 179 -29.74 -31.22 -17.53
N GLN D 180 -30.12 -32.02 -18.50
CA GLN D 180 -30.92 -31.55 -19.63
C GLN D 180 -32.40 -32.03 -19.59
N ALA D 181 -32.77 -32.76 -18.56
CA ALA D 181 -34.04 -33.49 -18.60
C ALA D 181 -34.85 -33.52 -17.31
N HIS D 182 -34.72 -32.48 -16.50
CA HIS D 182 -35.50 -32.39 -15.26
C HIS D 182 -36.98 -32.79 -15.42
N GLY D 183 -37.41 -33.79 -14.68
CA GLY D 183 -38.80 -34.21 -14.68
C GLY D 183 -39.23 -35.22 -15.74
N ALA D 184 -38.34 -35.55 -16.69
CA ALA D 184 -38.67 -36.61 -17.65
C ALA D 184 -38.95 -37.95 -16.99
N ILE D 185 -39.88 -38.71 -17.58
CA ILE D 185 -40.31 -40.00 -17.01
C ILE D 185 -40.10 -41.17 -17.96
N TYR D 186 -39.65 -42.32 -17.44
CA TYR D 186 -39.50 -43.58 -18.19
C TYR D 186 -40.20 -44.68 -17.41
N LYS D 187 -41.22 -45.31 -18.00
CA LYS D 187 -42.08 -46.25 -17.29
C LYS D 187 -42.69 -45.63 -16.02
N ASP D 188 -42.38 -46.15 -14.84
CA ASP D 188 -42.96 -45.65 -13.59
C ASP D 188 -42.06 -44.67 -12.81
N LYS D 189 -40.94 -44.25 -13.37
CA LYS D 189 -39.91 -43.51 -12.66
C LYS D 189 -39.41 -42.27 -13.40
N ARG D 190 -39.16 -41.22 -12.62
CA ARG D 190 -38.51 -40.03 -13.09
C ARG D 190 -37.03 -40.19 -13.31
N VAL D 191 -36.51 -39.45 -14.27
CA VAL D 191 -35.09 -39.19 -14.35
C VAL D 191 -34.57 -38.77 -12.95
N GLY D 192 -33.43 -39.33 -12.56
CA GLY D 192 -32.91 -39.21 -11.19
C GLY D 192 -33.16 -40.42 -10.35
N ASN D 193 -34.11 -41.26 -10.79
CA ASN D 193 -34.49 -42.51 -10.16
C ASN D 193 -34.36 -43.72 -11.08
N LEU D 194 -33.50 -43.59 -12.09
CA LEU D 194 -33.34 -44.66 -13.08
C LEU D 194 -32.03 -45.42 -12.98
N GLY D 195 -31.25 -45.19 -11.92
CA GLY D 195 -29.99 -45.87 -11.82
C GLY D 195 -29.58 -45.91 -10.38
N ASP D 196 -28.26 -45.97 -10.15
CA ASP D 196 -27.71 -45.98 -8.80
C ASP D 196 -27.61 -44.60 -8.15
N ALA D 197 -27.16 -43.63 -8.93
CA ALA D 197 -27.03 -42.23 -8.55
C ALA D 197 -27.20 -41.40 -9.81
N ALA D 198 -27.74 -40.20 -9.61
CA ALA D 198 -28.02 -39.23 -10.68
C ALA D 198 -27.43 -37.86 -10.33
N GLY D 199 -26.91 -37.15 -11.32
CA GLY D 199 -26.39 -35.80 -11.14
C GLY D 199 -27.27 -34.89 -11.96
N PHE D 200 -27.60 -33.75 -11.37
CA PHE D 200 -28.38 -32.67 -11.98
C PHE D 200 -27.58 -31.36 -11.99
N SER D 201 -27.70 -30.60 -13.09
CA SER D 201 -27.30 -29.22 -13.16
C SER D 201 -28.56 -28.38 -12.96
N PHE D 202 -28.44 -27.29 -12.20
CA PHE D 202 -29.44 -26.22 -12.18
C PHE D 202 -28.79 -24.93 -12.72
N TYR D 203 -27.91 -25.08 -13.69
CA TYR D 203 -27.38 -23.91 -14.37
C TYR D 203 -28.61 -23.06 -14.77
N PRO D 204 -28.49 -21.72 -14.80
CA PRO D 204 -29.67 -20.88 -15.10
C PRO D 204 -30.53 -21.20 -16.32
N GLY D 205 -29.92 -21.71 -17.38
CA GLY D 205 -30.71 -22.11 -18.55
C GLY D 205 -31.32 -23.50 -18.51
N ALA D 206 -31.07 -24.27 -17.47
CA ALA D 206 -31.75 -25.56 -17.26
C ALA D 206 -33.27 -25.40 -17.14
N ASN D 207 -33.99 -26.52 -17.27
CA ASN D 207 -35.45 -26.50 -17.27
C ASN D 207 -35.91 -26.10 -15.87
N LEU D 208 -35.10 -26.47 -14.88
CA LEU D 208 -35.14 -25.82 -13.56
C LEU D 208 -33.83 -25.11 -13.26
N GLY D 209 -33.84 -23.80 -13.48
CA GLY D 209 -32.63 -22.99 -13.43
C GLY D 209 -32.47 -22.16 -12.17
N ALA D 210 -31.26 -22.13 -11.64
CA ALA D 210 -30.96 -21.21 -10.54
C ALA D 210 -30.63 -19.80 -11.03
N LEU D 211 -30.31 -18.92 -10.08
CA LEU D 211 -29.79 -17.59 -10.40
C LEU D 211 -28.28 -17.49 -10.09
N GLY D 212 -27.53 -18.49 -10.55
CA GLY D 212 -26.10 -18.72 -10.26
C GLY D 212 -25.84 -20.19 -10.47
N ASP D 213 -24.66 -20.71 -10.13
CA ASP D 213 -24.36 -22.11 -10.42
C ASP D 213 -24.98 -22.94 -9.28
N ALA D 214 -25.47 -24.11 -9.63
CA ALA D 214 -26.16 -25.00 -8.66
C ALA D 214 -26.33 -26.40 -9.26
N GLY D 215 -26.47 -27.42 -8.43
CA GLY D 215 -26.62 -28.80 -8.91
C GLY D 215 -27.08 -29.65 -7.75
N CYS D 216 -27.33 -30.92 -8.02
CA CYS D 216 -27.57 -31.89 -6.96
C CYS D 216 -27.28 -33.29 -7.42
N ILE D 217 -27.21 -34.18 -6.44
CA ILE D 217 -27.08 -35.60 -6.61
C ILE D 217 -28.30 -36.23 -5.95
N CYS D 218 -28.93 -37.17 -6.65
CA CYS D 218 -30.04 -37.94 -6.09
C CYS D 218 -29.69 -39.43 -6.04
N THR D 219 -30.18 -40.15 -5.04
CA THR D 219 -29.92 -41.59 -4.89
C THR D 219 -30.93 -42.16 -3.87
N ASN D 220 -31.21 -43.45 -3.93
CA ASN D 220 -31.94 -44.11 -2.84
C ASN D 220 -31.08 -44.70 -1.72
N ASP D 221 -29.77 -44.75 -1.94
CA ASP D 221 -28.81 -45.49 -1.09
C ASP D 221 -28.42 -44.59 0.08
N ASP D 222 -28.88 -44.97 1.26
CA ASP D 222 -28.59 -44.26 2.49
C ASP D 222 -27.09 -44.10 2.65
N ASN D 223 -26.35 -45.18 2.42
CA ASN D 223 -24.90 -45.16 2.73
C ASN D 223 -24.17 -44.29 1.69
N PHE D 224 -24.55 -44.43 0.42
CA PHE D 224 -23.97 -43.59 -0.61
C PHE D 224 -24.27 -42.11 -0.36
N ALA D 225 -25.52 -41.80 -0.02
CA ALA D 225 -25.91 -40.44 0.26
C ALA D 225 -25.08 -39.79 1.38
N SER D 226 -24.87 -40.51 2.49
CA SER D 226 -24.08 -40.03 3.59
C SER D 226 -22.66 -39.76 3.12
N LYS D 227 -22.10 -40.68 2.35
CA LYS D 227 -20.78 -40.50 1.79
C LYS D 227 -20.67 -39.22 0.96
N ILE D 228 -21.64 -39.02 0.06
CA ILE D 228 -21.62 -37.89 -0.86
C ILE D 228 -21.74 -36.59 -0.07
N ARG D 229 -22.53 -36.54 1.01
CA ARG D 229 -22.65 -35.33 1.82
C ARG D 229 -21.29 -34.95 2.39
N ALA D 230 -20.59 -35.96 2.95
CA ALA D 230 -19.25 -35.74 3.44
C ALA D 230 -18.32 -35.28 2.31
N LEU D 231 -18.39 -35.98 1.17
CA LEU D 231 -17.48 -35.73 0.06
C LEU D 231 -17.58 -34.35 -0.52
N ALA D 232 -18.78 -33.80 -0.51
CA ALA D 232 -19.06 -32.46 -1.02
C ALA D 232 -18.79 -31.35 0.03
N ASN D 233 -18.44 -31.74 1.25
CA ASN D 233 -18.14 -30.83 2.36
C ASN D 233 -16.70 -31.06 2.87
N TYR D 234 -15.74 -30.98 1.96
CA TYR D 234 -14.30 -31.23 2.21
C TYR D 234 -13.94 -32.66 2.59
N GLY D 235 -14.91 -33.57 2.59
CA GLY D 235 -14.70 -34.92 3.07
C GLY D 235 -15.07 -35.02 4.53
N SER D 236 -15.72 -33.97 5.05
CA SER D 236 -16.07 -33.95 6.48
C SER D 236 -17.51 -34.39 6.74
N HIS D 237 -17.68 -35.52 7.43
CA HIS D 237 -18.98 -35.92 7.97
C HIS D 237 -19.33 -35.25 9.30
N LYS D 238 -18.31 -34.96 10.09
CA LYS D 238 -18.52 -34.35 11.40
C LYS D 238 -17.51 -33.22 11.56
N LYS D 239 -17.98 -32.11 12.14
CA LYS D 239 -17.12 -30.93 12.35
C LYS D 239 -15.77 -31.34 12.93
N TYR D 240 -14.70 -30.83 12.32
CA TYR D 240 -13.30 -31.04 12.69
C TYR D 240 -12.63 -32.31 12.14
N GLU D 241 -13.42 -33.19 11.56
CA GLU D 241 -12.97 -34.49 11.09
C GLU D 241 -13.19 -34.68 9.62
N ASN D 242 -12.23 -35.30 8.97
CA ASN D 242 -12.32 -35.57 7.52
C ASN D 242 -12.10 -37.03 7.19
N LEU D 243 -13.18 -37.74 6.88
CA LEU D 243 -13.10 -39.15 6.53
C LEU D 243 -12.49 -39.32 5.14
N TYR D 244 -12.79 -38.38 4.26
CA TYR D 244 -12.40 -38.47 2.85
C TYR D 244 -11.56 -37.26 2.47
N THR D 245 -10.72 -37.40 1.46
CA THR D 245 -10.14 -36.20 0.84
C THR D 245 -11.17 -35.59 -0.12
N GLY D 246 -11.99 -34.65 0.35
CA GLY D 246 -13.14 -34.25 -0.40
C GLY D 246 -12.98 -32.95 -1.16
N LEU D 247 -14.12 -32.38 -1.53
CA LEU D 247 -14.28 -31.22 -2.39
C LEU D 247 -15.14 -30.22 -1.64
N ASN D 248 -15.11 -28.96 -2.07
CA ASN D 248 -16.08 -28.00 -1.55
C ASN D 248 -17.15 -27.76 -2.57
N SER D 249 -18.30 -28.43 -2.42
CA SER D 249 -19.34 -28.35 -3.47
C SER D 249 -20.71 -28.29 -2.86
N ARG D 250 -21.16 -27.08 -2.56
CA ARG D 250 -22.38 -26.88 -1.80
C ARG D 250 -23.34 -26.01 -2.60
N LEU D 251 -24.61 -26.22 -2.32
CA LEU D 251 -25.71 -25.43 -2.88
C LEU D 251 -26.00 -24.25 -1.94
N ASP D 252 -25.85 -23.02 -2.40
CA ASP D 252 -26.11 -21.87 -1.52
C ASP D 252 -27.57 -21.81 -1.04
N GLU D 253 -27.82 -21.36 0.19
CA GLU D 253 -29.16 -21.12 0.69
C GLU D 253 -30.00 -20.29 -0.29
N ILE D 254 -29.39 -19.26 -0.87
CA ILE D 254 -30.16 -18.39 -1.75
C ILE D 254 -30.61 -19.19 -2.96
N GLN D 255 -29.69 -19.92 -3.55
CA GLN D 255 -29.99 -20.71 -4.73
C GLN D 255 -31.04 -21.80 -4.46
N ALA D 256 -30.96 -22.47 -3.30
CA ALA D 256 -31.91 -23.50 -2.95
C ALA D 256 -33.31 -22.88 -2.79
N ALA D 257 -33.39 -21.73 -2.12
CA ALA D 257 -34.64 -20.99 -2.05
C ALA D 257 -35.26 -20.65 -3.40
N PHE D 258 -34.45 -20.21 -4.35
CA PHE D 258 -34.99 -19.77 -5.62
C PHE D 258 -35.47 -21.00 -6.40
N LEU D 259 -34.74 -22.11 -6.26
CA LEU D 259 -35.10 -23.33 -6.97
C LEU D 259 -36.39 -23.90 -6.40
N ASP D 260 -36.52 -23.85 -5.07
CA ASP D 260 -37.71 -24.36 -4.42
C ASP D 260 -38.96 -23.62 -4.89
N ILE D 261 -38.86 -22.31 -5.03
CA ILE D 261 -39.94 -21.49 -5.57
C ILE D 261 -40.35 -21.98 -6.97
N LYS D 262 -39.35 -22.13 -7.83
CA LYS D 262 -39.58 -22.52 -9.23
C LYS D 262 -40.01 -23.97 -9.46
N LEU D 263 -39.59 -24.86 -8.58
CA LEU D 263 -39.90 -26.28 -8.69
C LEU D 263 -41.40 -26.58 -8.63
N LYS D 264 -42.14 -25.78 -7.88
CA LYS D 264 -43.60 -25.86 -7.82
C LYS D 264 -44.31 -25.75 -9.18
N TYR D 265 -43.61 -25.15 -10.14
CA TYR D 265 -44.09 -24.94 -11.51
C TYR D 265 -43.34 -25.70 -12.62
N LEU D 266 -42.46 -26.62 -12.26
CA LEU D 266 -41.61 -27.30 -13.25
C LEU D 266 -42.43 -28.19 -14.21
N ASP D 267 -43.33 -29.02 -13.69
CA ASP D 267 -44.17 -29.87 -14.57
C ASP D 267 -44.99 -28.98 -15.51
N GLU D 268 -45.56 -27.90 -15.00
CA GLU D 268 -46.24 -26.93 -15.86
C GLU D 268 -45.39 -26.30 -16.94
N ASP D 269 -44.18 -25.90 -16.55
CA ASP D 269 -43.23 -25.25 -17.43
C ASP D 269 -42.79 -26.29 -18.49
N ASN D 270 -42.60 -27.55 -18.11
CA ASN D 270 -42.19 -28.56 -19.10
C ASN D 270 -43.34 -28.82 -20.10
N ASN D 271 -44.57 -28.88 -19.60
CA ASN D 271 -45.77 -28.95 -20.44
C ASN D 271 -45.89 -27.75 -21.39
N LYS D 272 -45.54 -26.55 -20.95
CA LYS D 272 -45.46 -25.40 -21.88
C LYS D 272 -44.45 -25.62 -23.01
N ARG D 273 -43.30 -26.20 -22.71
CA ARG D 273 -42.30 -26.50 -23.73
C ARG D 273 -42.85 -27.60 -24.65
N LYS D 274 -43.58 -28.56 -24.09
CA LYS D 274 -44.19 -29.62 -24.93
C LYS D 274 -45.14 -29.03 -26.00
N ASN D 275 -45.90 -28.04 -25.58
CA ASN D 275 -46.80 -27.31 -26.48
C ASN D 275 -46.06 -26.63 -27.62
N ILE D 276 -45.01 -25.87 -27.26
CA ILE D 276 -44.19 -25.23 -28.27
C ILE D 276 -43.54 -26.26 -29.20
N ALA D 277 -43.05 -27.37 -28.63
CA ALA D 277 -42.43 -28.38 -29.49
C ALA D 277 -43.43 -28.98 -30.47
N ASN D 278 -44.65 -29.27 -30.01
CA ASN D 278 -45.72 -29.79 -30.88
C ASN D 278 -46.06 -28.79 -32.00
N PHE D 279 -46.11 -27.51 -31.63
CA PHE D 279 -46.34 -26.47 -32.63
C PHE D 279 -45.28 -26.51 -33.71
N TYR D 280 -44.00 -26.59 -33.33
CA TYR D 280 -42.89 -26.69 -34.28
C TYR D 280 -43.04 -27.96 -35.15
N LEU D 281 -43.41 -29.05 -34.51
CA LEU D 281 -43.47 -30.37 -35.16
C LEU D 281 -44.67 -30.45 -36.11
N GLN D 282 -45.75 -29.79 -35.77
CA GLN D 282 -46.95 -29.75 -36.63
C GLN D 282 -46.91 -28.68 -37.73
N ASN D 283 -46.02 -27.69 -37.63
CA ASN D 283 -46.00 -26.53 -38.55
C ASN D 283 -44.75 -26.32 -39.41
N ILE D 284 -43.60 -26.77 -38.96
CA ILE D 284 -42.38 -26.62 -39.76
C ILE D 284 -42.39 -27.74 -40.78
N LYS D 285 -42.31 -27.35 -42.04
CA LYS D 285 -42.06 -28.31 -43.10
C LYS D 285 -41.12 -27.65 -44.10
N ASN D 286 -39.86 -28.07 -44.08
CA ASN D 286 -38.83 -27.54 -44.97
C ASN D 286 -37.94 -28.71 -45.35
N GLU D 287 -37.69 -28.86 -46.66
CA GLU D 287 -36.96 -30.04 -47.14
C GLU D 287 -35.49 -30.03 -46.68
N ASN D 288 -35.01 -28.87 -46.24
CA ASN D 288 -33.63 -28.75 -45.80
C ASN D 288 -33.47 -29.07 -44.30
N ILE D 289 -34.58 -29.34 -43.63
CA ILE D 289 -34.58 -29.44 -42.16
C ILE D 289 -35.16 -30.79 -41.70
N ILE D 290 -34.40 -31.53 -40.89
CA ILE D 290 -34.90 -32.71 -40.20
C ILE D 290 -35.25 -32.36 -38.75
N LEU D 291 -36.51 -32.62 -38.38
CA LEU D 291 -37.05 -32.17 -37.08
C LEU D 291 -36.73 -33.23 -36.03
N PRO D 292 -36.71 -32.86 -34.73
CA PRO D 292 -36.62 -33.87 -33.69
C PRO D 292 -37.91 -34.67 -33.44
N SER D 293 -37.79 -35.91 -32.99
CA SER D 293 -38.91 -36.70 -32.50
C SER D 293 -38.81 -36.91 -31.00
N ASN D 294 -39.89 -37.42 -30.44
CA ASN D 294 -39.94 -37.82 -29.03
C ASN D 294 -40.44 -39.24 -28.85
N LYS D 295 -39.52 -40.22 -28.91
CA LYS D 295 -39.83 -41.64 -28.81
C LYS D 295 -40.30 -41.90 -27.37
N PHE D 296 -39.50 -41.42 -26.43
CA PHE D 296 -39.83 -41.47 -25.00
C PHE D 296 -40.09 -40.05 -24.48
N ASP D 297 -40.50 -39.93 -23.23
CA ASP D 297 -40.87 -38.65 -22.70
C ASP D 297 -39.75 -37.61 -22.88
N HIS D 298 -40.13 -36.44 -23.33
CA HIS D 298 -39.25 -35.36 -23.71
C HIS D 298 -39.74 -34.07 -23.02
N VAL D 299 -38.88 -33.46 -22.20
CA VAL D 299 -39.13 -32.14 -21.62
C VAL D 299 -38.53 -30.96 -22.36
N TRP D 300 -37.92 -31.23 -23.51
CA TRP D 300 -37.58 -30.22 -24.50
C TRP D 300 -36.82 -29.03 -23.88
N HIS D 301 -35.76 -29.39 -23.14
CA HIS D 301 -34.75 -28.44 -22.75
C HIS D 301 -34.24 -27.73 -24.01
N LEU D 302 -33.99 -28.51 -25.06
CA LEU D 302 -33.42 -28.01 -26.32
C LEU D 302 -34.28 -28.56 -27.47
N PHE D 303 -34.61 -27.72 -28.46
CA PHE D 303 -35.34 -28.19 -29.66
C PHE D 303 -34.35 -28.22 -30.80
N VAL D 304 -33.89 -29.40 -31.17
CA VAL D 304 -32.71 -29.49 -32.01
C VAL D 304 -33.15 -29.92 -33.39
N VAL D 305 -32.83 -29.10 -34.38
CA VAL D 305 -33.09 -29.45 -35.76
C VAL D 305 -31.78 -29.83 -36.42
N LYS D 306 -31.86 -30.41 -37.61
CA LYS D 306 -30.67 -30.95 -38.25
C LYS D 306 -30.70 -30.65 -39.77
N THR D 307 -29.61 -30.04 -40.23
CA THR D 307 -29.49 -29.61 -41.64
C THR D 307 -28.06 -29.67 -42.14
N LYS D 308 -27.90 -29.93 -43.44
CA LYS D 308 -26.58 -29.93 -44.06
C LYS D 308 -26.07 -28.52 -44.29
N LEU D 309 -26.95 -27.54 -44.08
CA LEU D 309 -26.62 -26.12 -44.25
C LEU D 309 -26.79 -25.39 -42.93
N ARG D 310 -26.06 -25.84 -41.92
CA ARG D 310 -26.38 -25.44 -40.54
C ARG D 310 -25.86 -24.03 -40.33
N ASP D 311 -24.65 -23.78 -40.81
CA ASP D 311 -24.05 -22.47 -40.60
C ASP D 311 -24.82 -21.39 -41.34
N GLU D 312 -25.33 -21.71 -42.52
CA GLU D 312 -26.20 -20.78 -43.27
C GLU D 312 -27.58 -20.55 -42.63
N LEU D 313 -28.19 -21.60 -42.11
CA LEU D 313 -29.44 -21.42 -41.40
C LEU D 313 -29.24 -20.49 -40.21
N GLN D 314 -28.13 -20.70 -39.50
CA GLN D 314 -27.91 -19.92 -38.29
C GLN D 314 -27.78 -18.45 -38.68
N HIS D 315 -27.05 -18.20 -39.76
CA HIS D 315 -26.95 -16.86 -40.33
C HIS D 315 -28.26 -16.29 -40.80
N TYR D 316 -29.03 -17.09 -41.55
CA TYR D 316 -30.36 -16.72 -42.01
C TYR D 316 -31.29 -16.31 -40.87
N LEU D 317 -31.31 -17.09 -39.79
CA LEU D 317 -32.18 -16.78 -38.65
C LEU D 317 -31.79 -15.47 -37.94
N ASN D 318 -30.49 -15.27 -37.70
CA ASN D 318 -29.93 -14.01 -37.18
C ASN D 318 -30.47 -12.82 -37.94
N ASN D 319 -30.43 -12.97 -39.27
CA ASN D 319 -30.86 -11.92 -40.20
C ASN D 319 -32.32 -11.51 -39.99
N HIS D 320 -33.14 -12.44 -39.47
CA HIS D 320 -34.52 -12.16 -39.06
C HIS D 320 -34.70 -11.98 -37.54
N ASP D 321 -33.65 -11.54 -36.85
CA ASP D 321 -33.67 -11.29 -35.41
C ASP D 321 -34.12 -12.54 -34.62
N ILE D 322 -33.80 -13.73 -35.12
CA ILE D 322 -34.00 -14.94 -34.34
C ILE D 322 -32.64 -15.51 -33.95
N GLN D 323 -32.35 -15.47 -32.65
CA GLN D 323 -31.11 -15.94 -32.08
C GLN D 323 -31.12 -17.46 -31.87
N THR D 324 -30.03 -18.13 -32.24
CA THR D 324 -29.89 -19.57 -32.00
C THR D 324 -28.50 -19.92 -31.43
N ILE D 325 -28.39 -21.07 -30.81
CA ILE D 325 -27.12 -21.62 -30.32
C ILE D 325 -27.01 -23.04 -30.80
N ILE D 326 -25.78 -23.48 -30.97
CA ILE D 326 -25.46 -24.84 -31.36
C ILE D 326 -25.21 -25.71 -30.14
N HIS D 327 -25.91 -26.84 -30.07
CA HIS D 327 -25.61 -27.85 -29.07
C HIS D 327 -25.38 -29.19 -29.77
N TYR D 328 -24.16 -29.49 -30.24
CA TYR D 328 -22.91 -28.72 -30.06
C TYR D 328 -22.09 -28.90 -31.36
N PRO D 329 -21.14 -28.01 -31.65
CA PRO D 329 -20.47 -28.10 -32.95
C PRO D 329 -19.20 -28.92 -33.02
N ILE D 330 -18.55 -29.10 -31.87
CA ILE D 330 -17.38 -29.93 -31.72
C ILE D 330 -17.62 -31.02 -30.68
N PRO D 331 -17.53 -32.29 -31.07
CA PRO D 331 -17.76 -33.34 -30.09
C PRO D 331 -16.57 -33.49 -29.14
N PRO D 332 -16.82 -34.14 -28.00
CA PRO D 332 -15.77 -34.25 -26.99
C PRO D 332 -14.46 -34.83 -27.48
N HIS D 333 -14.53 -35.93 -28.24
CA HIS D 333 -13.32 -36.59 -28.76
C HIS D 333 -12.49 -35.74 -29.74
N LYS D 334 -13.10 -34.69 -30.29
CA LYS D 334 -12.43 -33.77 -31.21
C LYS D 334 -11.88 -32.48 -30.60
N GLN D 335 -12.03 -32.31 -29.28
CA GLN D 335 -11.52 -31.12 -28.60
C GLN D 335 -10.03 -31.18 -28.29
N LYS D 336 -9.38 -30.02 -28.24
CA LYS D 336 -7.93 -29.97 -27.98
C LYS D 336 -7.56 -30.60 -26.64
N CYS D 337 -8.48 -30.53 -25.68
CA CYS D 337 -8.18 -31.02 -24.33
C CYS D 337 -8.13 -32.55 -24.30
N TYR D 338 -8.66 -33.15 -25.37
CA TYR D 338 -8.67 -34.60 -25.55
C TYR D 338 -8.01 -35.00 -26.87
N LYS D 339 -6.85 -34.40 -27.14
CA LYS D 339 -6.02 -34.77 -28.29
C LYS D 339 -5.87 -36.27 -28.50
N ASP D 340 -5.74 -37.03 -27.41
CA ASP D 340 -5.62 -38.49 -27.43
C ASP D 340 -6.84 -39.25 -27.99
N LEU D 341 -7.99 -38.58 -28.10
CA LEU D 341 -9.22 -39.22 -28.56
C LEU D 341 -9.53 -38.74 -29.96
N ASN D 342 -8.67 -37.87 -30.49
CA ASN D 342 -9.03 -37.11 -31.67
C ASN D 342 -9.15 -38.08 -32.87
N HIS D 343 -8.44 -39.20 -32.78
CA HIS D 343 -8.35 -40.22 -33.84
C HIS D 343 -9.59 -41.14 -33.90
N LEU D 344 -10.38 -41.15 -32.84
CA LEU D 344 -11.50 -42.08 -32.76
C LEU D 344 -12.51 -41.79 -33.87
N LYS D 345 -13.01 -42.86 -34.49
CA LYS D 345 -14.05 -42.78 -35.51
C LYS D 345 -15.48 -42.99 -35.02
N LEU D 346 -16.20 -41.87 -34.95
CA LEU D 346 -17.56 -41.80 -34.42
C LEU D 346 -18.37 -40.95 -35.43
N PRO D 347 -18.66 -41.52 -36.60
CA PRO D 347 -19.19 -40.70 -37.69
C PRO D 347 -20.61 -40.19 -37.47
N ILE D 348 -21.39 -40.92 -36.68
CA ILE D 348 -22.74 -40.52 -36.38
C ILE D 348 -22.67 -39.28 -35.49
N THR D 349 -21.92 -39.40 -34.39
CA THR D 349 -21.59 -38.23 -33.55
C THR D 349 -21.04 -37.02 -34.30
N GLU D 350 -20.05 -37.26 -35.17
CA GLU D 350 -19.41 -36.18 -35.89
C GLU D 350 -20.43 -35.52 -36.81
N ASN D 351 -21.23 -36.33 -37.50
CA ASN D 351 -22.23 -35.78 -38.42
C ASN D 351 -23.28 -34.92 -37.71
N ILE D 352 -23.74 -35.41 -36.57
CA ILE D 352 -24.71 -34.63 -35.79
C ILE D 352 -24.14 -33.26 -35.44
N HIS D 353 -22.88 -33.25 -35.04
CA HIS D 353 -22.25 -32.02 -34.57
C HIS D 353 -22.00 -31.06 -35.71
N GLN D 354 -21.82 -31.59 -36.91
CA GLN D 354 -21.82 -30.76 -38.12
C GLN D 354 -23.16 -30.14 -38.52
N GLU D 355 -24.28 -30.70 -38.08
CA GLU D 355 -25.60 -30.41 -38.66
C GLU D 355 -26.67 -29.90 -37.71
N VAL D 356 -26.46 -29.93 -36.39
CA VAL D 356 -27.55 -29.47 -35.54
C VAL D 356 -27.50 -28.00 -35.16
N LEU D 357 -28.68 -27.49 -34.85
CA LEU D 357 -28.91 -26.15 -34.34
C LEU D 357 -30.15 -26.19 -33.44
N SER D 358 -30.15 -25.42 -32.37
CA SER D 358 -31.27 -25.32 -31.48
C SER D 358 -32.13 -24.09 -31.76
N LEU D 359 -33.44 -24.28 -31.82
CA LEU D 359 -34.42 -23.21 -31.94
C LEU D 359 -34.93 -22.72 -30.59
N PRO D 360 -35.34 -21.44 -30.52
CA PRO D 360 -35.79 -20.92 -29.23
C PRO D 360 -36.98 -21.71 -28.71
N ILE D 361 -36.88 -22.06 -27.44
CA ILE D 361 -37.96 -22.73 -26.77
C ILE D 361 -37.86 -22.36 -25.30
N SER D 362 -38.99 -21.99 -24.73
CA SER D 362 -39.03 -21.70 -23.29
C SER D 362 -40.46 -21.76 -22.82
N PRO D 363 -40.68 -21.97 -21.50
CA PRO D 363 -42.02 -22.04 -20.93
C PRO D 363 -42.80 -20.74 -21.13
N THR D 364 -42.08 -19.62 -21.19
CA THR D 364 -42.72 -18.30 -21.26
C THR D 364 -42.74 -17.69 -22.66
N MET D 365 -42.28 -18.43 -23.67
CA MET D 365 -42.11 -17.90 -25.00
C MET D 365 -43.49 -17.64 -25.60
N LYS D 366 -43.65 -16.49 -26.26
CA LYS D 366 -44.94 -16.07 -26.79
C LYS D 366 -45.28 -16.72 -28.14
N GLU D 367 -46.59 -16.84 -28.37
CA GLU D 367 -47.14 -17.49 -29.54
C GLU D 367 -46.71 -16.71 -30.78
N ASN D 368 -46.72 -15.37 -30.69
CA ASN D 368 -46.08 -14.54 -31.71
C ASN D 368 -44.68 -14.94 -32.13
N ASP D 369 -43.82 -15.23 -31.16
CA ASP D 369 -42.46 -15.64 -31.45
C ASP D 369 -42.33 -17.05 -32.03
N PHE D 370 -42.97 -18.04 -31.42
CA PHE D 370 -42.84 -19.37 -32.02
C PHE D 370 -43.51 -19.50 -33.39
N LYS D 371 -44.64 -18.83 -33.54
CA LYS D 371 -45.24 -18.67 -34.86
C LYS D 371 -44.24 -18.06 -35.81
N LYS D 372 -43.57 -16.97 -35.43
CA LYS D 372 -42.63 -16.38 -36.37
C LYS D 372 -41.49 -17.34 -36.69
N VAL D 373 -40.97 -18.05 -35.70
CA VAL D 373 -39.98 -19.06 -36.00
C VAL D 373 -40.42 -20.04 -37.09
N ALA D 374 -41.63 -20.57 -37.01
CA ALA D 374 -42.04 -21.63 -37.92
C ALA D 374 -42.26 -21.00 -39.29
N ASP D 375 -42.73 -19.75 -39.31
CA ASP D 375 -43.03 -19.08 -40.59
C ASP D 375 -41.73 -18.76 -41.33
N ILE D 376 -40.76 -18.26 -40.58
CA ILE D 376 -39.47 -17.96 -41.14
C ILE D 376 -38.75 -19.23 -41.62
N LEU D 377 -38.77 -20.30 -40.84
CA LEU D 377 -38.18 -21.56 -41.28
C LEU D 377 -38.88 -22.05 -42.55
N ASN D 378 -40.21 -21.95 -42.59
CA ASN D 378 -40.96 -22.44 -43.74
C ASN D 378 -40.55 -21.70 -45.00
N LYS D 379 -40.32 -20.39 -44.87
CA LYS D 379 -39.85 -19.56 -45.98
C LYS D 379 -38.41 -19.78 -46.42
N TRP D 380 -37.59 -20.43 -45.60
CA TRP D 380 -36.17 -20.55 -45.89
C TRP D 380 -35.83 -21.30 -47.19
N LYS D 381 -35.17 -20.61 -48.12
CA LYS D 381 -34.66 -21.17 -49.37
C LYS D 381 -35.76 -21.52 -50.37
N VAL D 382 -37.00 -21.14 -50.08
CA VAL D 382 -38.11 -21.41 -50.97
C VAL D 382 -38.15 -20.29 -52.02
#